data_3TT4
# 
_entry.id   3TT4 
# 
_audit_conform.dict_name       mmcif_pdbx.dic 
_audit_conform.dict_version    5.379 
_audit_conform.dict_location   http://mmcif.pdb.org/dictionaries/ascii/mmcif_pdbx.dic 
# 
loop_
_database_2.database_id 
_database_2.database_code 
_database_2.pdbx_database_accession 
_database_2.pdbx_DOI 
PDB   3TT4         pdb_00003tt4 10.2210/pdb3tt4/pdb 
RCSB  RCSB067885   ?            ?                   
WWPDB D_1000067885 ?            ?                   
# 
loop_
_pdbx_database_related.db_name 
_pdbx_database_related.db_id 
_pdbx_database_related.details 
_pdbx_database_related.content_type 
PDB 3DPE 'Crystal structure of the complex between MMP-8 and a non-zinc chelating inhibitor' unspecified 
PDB 2OY2 'Human MMP-8 in complex with peptide IAG'                                           unspecified 
PDB 3TSK .                                                                                   unspecified 
PDB 3TVC .                                                                                   unspecified 
PDB 3TS4 .                                                                                   unspecified 
# 
_pdbx_database_status.status_code                     REL 
_pdbx_database_status.entry_id                        3TT4 
_pdbx_database_status.recvd_initial_deposition_date   2011-09-14 
_pdbx_database_status.deposit_site                    RCSB 
_pdbx_database_status.process_site                    RCSB 
_pdbx_database_status.status_code_sf                  REL 
_pdbx_database_status.status_code_mr                  ? 
_pdbx_database_status.SG_entry                        ? 
_pdbx_database_status.status_code_cs                  ? 
_pdbx_database_status.methods_development_category    ? 
_pdbx_database_status.pdb_format_compatible           Y 
_pdbx_database_status.status_code_nmr_data            ? 
# 
loop_
_audit_author.name 
_audit_author.pdbx_ordinal 
'Stura, E.A.' 1 
'Dive, V.'    2 
'Devel, L.'   3 
'Czarny, B.'  4 
'Beau, F.'    5 
'Vera, L.'    6 
# 
_citation.id                        primary 
_citation.title                     
;Simple pseudo-dipeptides with a P2' glutamate: a novel inhibitor family of matrix metalloproteases and other metzincins.
;
_citation.journal_abbrev            J.Biol.Chem. 
_citation.journal_volume            287 
_citation.page_first                26647 
_citation.page_last                 26656 
_citation.year                      2012 
_citation.journal_id_ASTM           JBCHA3 
_citation.country                   US 
_citation.journal_id_ISSN           0021-9258 
_citation.journal_id_CSD            0071 
_citation.book_publisher            ? 
_citation.pdbx_database_id_PubMed   22689580 
_citation.pdbx_database_id_DOI      10.1074/jbc.M112.380782 
# 
loop_
_citation_author.citation_id 
_citation_author.name 
_citation_author.ordinal 
_citation_author.identifier_ORCID 
primary 'Devel, L.'             1 ? 
primary 'Beau, F.'              2 ? 
primary 'Amoura, M.'            3 ? 
primary 'Vera, L.'              4 ? 
primary 'Cassar-Lajeunesse, E.' 5 ? 
primary 'Garcia, S.'            6 ? 
primary 'Czarny, B.'            7 ? 
primary 'Stura, E.A.'           8 ? 
primary 'Dive, V.'              9 ? 
# 
_cell.entry_id           3TT4 
_cell.length_a           32.719 
_cell.length_b           69.369 
_cell.length_c           70.312 
_cell.angle_alpha        90.00 
_cell.angle_beta         90.00 
_cell.angle_gamma        90.00 
_cell.Z_PDB              4 
_cell.pdbx_unique_axis   ? 
_cell.length_a_esd       ? 
_cell.length_b_esd       ? 
_cell.length_c_esd       ? 
_cell.angle_alpha_esd    ? 
_cell.angle_beta_esd     ? 
_cell.angle_gamma_esd    ? 
# 
_symmetry.entry_id                         3TT4 
_symmetry.space_group_name_H-M             'P 21 21 21' 
_symmetry.pdbx_full_space_group_name_H-M   ? 
_symmetry.cell_setting                     ? 
_symmetry.Int_Tables_number                19 
_symmetry.space_group_name_Hall            ? 
# 
loop_
_entity.id 
_entity.type 
_entity.src_method 
_entity.pdbx_description 
_entity.formula_weight 
_entity.pdbx_number_of_molecules 
_entity.pdbx_ec 
_entity.pdbx_mutation 
_entity.pdbx_fragment 
_entity.details 
1 polymer     man 'Neutrophil collagenase'                                                17669.166 1   3.4.24.34 ? 
'MMP8 catalytic domain (UNP residues 104-262)' ? 
2 non-polymer syn 'ZINC ION'                                                              65.409    2   ?         ? ? ? 
3 non-polymer syn 'CALCIUM ION'                                                           40.078    2   ?         ? ? ? 
4 non-polymer syn 'N~2~-{3-[4-(5-methylthiophen-2-yl)phenyl]propanoyl}-L-alpha-glutamine' 374.454   1   ?         ? ? ? 
5 non-polymer syn '2-(N-MORPHOLINO)-ETHANESULFONIC ACID'                                  195.237   1   ?         ? ? ? 
6 water       nat water                                                                   18.015    171 ?         ? ? ? 
# 
_entity_name_com.entity_id   1 
_entity_name_com.name        'Matrix metalloproteinase-8, MMP-8, PMNL collagenase, PMNL-CL' 
# 
_entity_poly.entity_id                      1 
_entity_poly.type                           'polypeptide(L)' 
_entity_poly.nstd_linkage                   no 
_entity_poly.nstd_monomer                   no 
_entity_poly.pdbx_seq_one_letter_code       
;GNPKWERTNLTYRIRNYTPQLSEAEVERAIKDAFELWSVASPLIFTRISQGEADINIAFYQRDHGDNSPFDGPNGILAHA
FQPGQGIGGDAHFDAEETWTNTSANYNLFLVAAHEFGHSLGLAHSSDPGALMYPNYAFRETSNYSLPQDDIDGIQAIYG
;
_entity_poly.pdbx_seq_one_letter_code_can   
;GNPKWERTNLTYRIRNYTPQLSEAEVERAIKDAFELWSVASPLIFTRISQGEADINIAFYQRDHGDNSPFDGPNGILAHA
FQPGQGIGGDAHFDAEETWTNTSANYNLFLVAAHEFGHSLGLAHSSDPGALMYPNYAFRETSNYSLPQDDIDGIQAIYG
;
_entity_poly.pdbx_strand_id                 A 
_entity_poly.pdbx_target_identifier         ? 
# 
loop_
_entity_poly_seq.entity_id 
_entity_poly_seq.num 
_entity_poly_seq.mon_id 
_entity_poly_seq.hetero 
1 1   GLY n 
1 2   ASN n 
1 3   PRO n 
1 4   LYS n 
1 5   TRP n 
1 6   GLU n 
1 7   ARG n 
1 8   THR n 
1 9   ASN n 
1 10  LEU n 
1 11  THR n 
1 12  TYR n 
1 13  ARG n 
1 14  ILE n 
1 15  ARG n 
1 16  ASN n 
1 17  TYR n 
1 18  THR n 
1 19  PRO n 
1 20  GLN n 
1 21  LEU n 
1 22  SER n 
1 23  GLU n 
1 24  ALA n 
1 25  GLU n 
1 26  VAL n 
1 27  GLU n 
1 28  ARG n 
1 29  ALA n 
1 30  ILE n 
1 31  LYS n 
1 32  ASP n 
1 33  ALA n 
1 34  PHE n 
1 35  GLU n 
1 36  LEU n 
1 37  TRP n 
1 38  SER n 
1 39  VAL n 
1 40  ALA n 
1 41  SER n 
1 42  PRO n 
1 43  LEU n 
1 44  ILE n 
1 45  PHE n 
1 46  THR n 
1 47  ARG n 
1 48  ILE n 
1 49  SER n 
1 50  GLN n 
1 51  GLY n 
1 52  GLU n 
1 53  ALA n 
1 54  ASP n 
1 55  ILE n 
1 56  ASN n 
1 57  ILE n 
1 58  ALA n 
1 59  PHE n 
1 60  TYR n 
1 61  GLN n 
1 62  ARG n 
1 63  ASP n 
1 64  HIS n 
1 65  GLY n 
1 66  ASP n 
1 67  ASN n 
1 68  SER n 
1 69  PRO n 
1 70  PHE n 
1 71  ASP n 
1 72  GLY n 
1 73  PRO n 
1 74  ASN n 
1 75  GLY n 
1 76  ILE n 
1 77  LEU n 
1 78  ALA n 
1 79  HIS n 
1 80  ALA n 
1 81  PHE n 
1 82  GLN n 
1 83  PRO n 
1 84  GLY n 
1 85  GLN n 
1 86  GLY n 
1 87  ILE n 
1 88  GLY n 
1 89  GLY n 
1 90  ASP n 
1 91  ALA n 
1 92  HIS n 
1 93  PHE n 
1 94  ASP n 
1 95  ALA n 
1 96  GLU n 
1 97  GLU n 
1 98  THR n 
1 99  TRP n 
1 100 THR n 
1 101 ASN n 
1 102 THR n 
1 103 SER n 
1 104 ALA n 
1 105 ASN n 
1 106 TYR n 
1 107 ASN n 
1 108 LEU n 
1 109 PHE n 
1 110 LEU n 
1 111 VAL n 
1 112 ALA n 
1 113 ALA n 
1 114 HIS n 
1 115 GLU n 
1 116 PHE n 
1 117 GLY n 
1 118 HIS n 
1 119 SER n 
1 120 LEU n 
1 121 GLY n 
1 122 LEU n 
1 123 ALA n 
1 124 HIS n 
1 125 SER n 
1 126 SER n 
1 127 ASP n 
1 128 PRO n 
1 129 GLY n 
1 130 ALA n 
1 131 LEU n 
1 132 MET n 
1 133 TYR n 
1 134 PRO n 
1 135 ASN n 
1 136 TYR n 
1 137 ALA n 
1 138 PHE n 
1 139 ARG n 
1 140 GLU n 
1 141 THR n 
1 142 SER n 
1 143 ASN n 
1 144 TYR n 
1 145 SER n 
1 146 LEU n 
1 147 PRO n 
1 148 GLN n 
1 149 ASP n 
1 150 ASP n 
1 151 ILE n 
1 152 ASP n 
1 153 GLY n 
1 154 ILE n 
1 155 GLN n 
1 156 ALA n 
1 157 ILE n 
1 158 TYR n 
1 159 GLY n 
# 
_entity_src_gen.entity_id                          1 
_entity_src_gen.pdbx_src_id                        1 
_entity_src_gen.pdbx_alt_source_flag               sample 
_entity_src_gen.pdbx_seq_type                      ? 
_entity_src_gen.pdbx_beg_seq_num                   ? 
_entity_src_gen.pdbx_end_seq_num                   ? 
_entity_src_gen.gene_src_common_name               human 
_entity_src_gen.gene_src_genus                     ? 
_entity_src_gen.pdbx_gene_src_gene                 'CLG1, MMP8' 
_entity_src_gen.gene_src_species                   ? 
_entity_src_gen.gene_src_strain                    ? 
_entity_src_gen.gene_src_tissue                    ? 
_entity_src_gen.gene_src_tissue_fraction           ? 
_entity_src_gen.gene_src_details                   ? 
_entity_src_gen.pdbx_gene_src_fragment             ? 
_entity_src_gen.pdbx_gene_src_scientific_name      'Homo sapiens' 
_entity_src_gen.pdbx_gene_src_ncbi_taxonomy_id     9606 
_entity_src_gen.pdbx_gene_src_variant              ? 
_entity_src_gen.pdbx_gene_src_cell_line            ? 
_entity_src_gen.pdbx_gene_src_atcc                 ? 
_entity_src_gen.pdbx_gene_src_organ                ? 
_entity_src_gen.pdbx_gene_src_organelle            ? 
_entity_src_gen.pdbx_gene_src_cell                 ? 
_entity_src_gen.pdbx_gene_src_cellular_location    ? 
_entity_src_gen.host_org_common_name               ? 
_entity_src_gen.pdbx_host_org_scientific_name      'Escherichia coli' 
_entity_src_gen.pdbx_host_org_ncbi_taxonomy_id     562 
_entity_src_gen.host_org_genus                     ? 
_entity_src_gen.pdbx_host_org_gene                 ? 
_entity_src_gen.pdbx_host_org_organ                ? 
_entity_src_gen.host_org_species                   ? 
_entity_src_gen.pdbx_host_org_tissue               ? 
_entity_src_gen.pdbx_host_org_tissue_fraction      ? 
_entity_src_gen.pdbx_host_org_strain               BL21 
_entity_src_gen.pdbx_host_org_variant              ? 
_entity_src_gen.pdbx_host_org_cell_line            ? 
_entity_src_gen.pdbx_host_org_atcc                 ? 
_entity_src_gen.pdbx_host_org_culture_collection   ? 
_entity_src_gen.pdbx_host_org_cell                 ? 
_entity_src_gen.pdbx_host_org_organelle            ? 
_entity_src_gen.pdbx_host_org_cellular_location    ? 
_entity_src_gen.pdbx_host_org_vector_type          PET24A 
_entity_src_gen.pdbx_host_org_vector               ? 
_entity_src_gen.host_org_details                   ? 
_entity_src_gen.expression_system_id               ? 
_entity_src_gen.plasmid_name                       ? 
_entity_src_gen.plasmid_details                    ? 
_entity_src_gen.pdbx_description                   ? 
# 
_struct_ref.id                         1 
_struct_ref.db_name                    UNP 
_struct_ref.db_code                    MMP8_HUMAN 
_struct_ref.pdbx_db_accession          P22894 
_struct_ref.entity_id                  1 
_struct_ref.pdbx_seq_one_letter_code   
;GNPKWERTNLTYRIRNYTPQLSEAEVERAIKDAFELWSVASPLIFTRISQGEADINIAFYQRDHGDNSPFDGPNGILAHA
FQPGQGIGGDAHFDAEETWTNTSANYNLFLVAAHEFGHSLGLAHSSDPGALMYPNYAFRETSNYSLPQDDIDGIQAIYG
;
_struct_ref.pdbx_align_begin           104 
_struct_ref.pdbx_db_isoform            ? 
# 
_struct_ref_seq.align_id                      1 
_struct_ref_seq.ref_id                        1 
_struct_ref_seq.pdbx_PDB_id_code              3TT4 
_struct_ref_seq.pdbx_strand_id                A 
_struct_ref_seq.seq_align_beg                 1 
_struct_ref_seq.pdbx_seq_align_beg_ins_code   ? 
_struct_ref_seq.seq_align_end                 159 
_struct_ref_seq.pdbx_seq_align_end_ins_code   ? 
_struct_ref_seq.pdbx_db_accession             P22894 
_struct_ref_seq.db_align_beg                  104 
_struct_ref_seq.pdbx_db_align_beg_ins_code    ? 
_struct_ref_seq.db_align_end                  262 
_struct_ref_seq.pdbx_db_align_end_ins_code    ? 
_struct_ref_seq.pdbx_auth_seq_align_beg       84 
_struct_ref_seq.pdbx_auth_seq_align_end       242 
# 
loop_
_chem_comp.id 
_chem_comp.type 
_chem_comp.mon_nstd_flag 
_chem_comp.name 
_chem_comp.pdbx_synonyms 
_chem_comp.formula 
_chem_comp.formula_weight 
ALA 'L-peptide linking' y ALANINE                                                                 ? 'C3 H7 N O2'      89.093  
ARG 'L-peptide linking' y ARGININE                                                                ? 'C6 H15 N4 O2 1'  175.209 
ASN 'L-peptide linking' y ASPARAGINE                                                              ? 'C4 H8 N2 O3'     132.118 
ASP 'L-peptide linking' y 'ASPARTIC ACID'                                                         ? 'C4 H7 N O4'      133.103 
CA  non-polymer         . 'CALCIUM ION'                                                           ? 'Ca 2'            40.078  
E1S non-polymer         . 'N~2~-{3-[4-(5-methylthiophen-2-yl)phenyl]propanoyl}-L-alpha-glutamine' ? 'C19 H22 N2 O4 S' 374.454 
GLN 'L-peptide linking' y GLUTAMINE                                                               ? 'C5 H10 N2 O3'    146.144 
GLU 'L-peptide linking' y 'GLUTAMIC ACID'                                                         ? 'C5 H9 N O4'      147.129 
GLY 'peptide linking'   y GLYCINE                                                                 ? 'C2 H5 N O2'      75.067  
HIS 'L-peptide linking' y HISTIDINE                                                               ? 'C6 H10 N3 O2 1'  156.162 
HOH non-polymer         . WATER                                                                   ? 'H2 O'            18.015  
ILE 'L-peptide linking' y ISOLEUCINE                                                              ? 'C6 H13 N O2'     131.173 
LEU 'L-peptide linking' y LEUCINE                                                                 ? 'C6 H13 N O2'     131.173 
LYS 'L-peptide linking' y LYSINE                                                                  ? 'C6 H15 N2 O2 1'  147.195 
MES non-polymer         . '2-(N-MORPHOLINO)-ETHANESULFONIC ACID'                                  ? 'C6 H13 N O4 S'   195.237 
MET 'L-peptide linking' y METHIONINE                                                              ? 'C5 H11 N O2 S'   149.211 
PHE 'L-peptide linking' y PHENYLALANINE                                                           ? 'C9 H11 N O2'     165.189 
PRO 'L-peptide linking' y PROLINE                                                                 ? 'C5 H9 N O2'      115.130 
SER 'L-peptide linking' y SERINE                                                                  ? 'C3 H7 N O3'      105.093 
THR 'L-peptide linking' y THREONINE                                                               ? 'C4 H9 N O3'      119.119 
TRP 'L-peptide linking' y TRYPTOPHAN                                                              ? 'C11 H12 N2 O2'   204.225 
TYR 'L-peptide linking' y TYROSINE                                                                ? 'C9 H11 N O3'     181.189 
VAL 'L-peptide linking' y VALINE                                                                  ? 'C5 H11 N O2'     117.146 
ZN  non-polymer         . 'ZINC ION'                                                              ? 'Zn 2'            65.409  
# 
_exptl.entry_id          3TT4 
_exptl.method            'X-RAY DIFFRACTION' 
_exptl.crystals_number   1 
# 
_exptl_crystal.id                    1 
_exptl_crystal.density_meas          ? 
_exptl_crystal.density_Matthews      2.25 
_exptl_crystal.density_percent_sol   45.30 
_exptl_crystal.description           ? 
_exptl_crystal.F_000                 ? 
_exptl_crystal.preparation           ? 
# 
_exptl_crystal_grow.crystal_id      1 
_exptl_crystal_grow.method          'VAPOR DIFFUSION, SITTING DROP' 
_exptl_crystal_grow.temp            293 
_exptl_crystal_grow.temp_details    ? 
_exptl_crystal_grow.pH              5.5 
_exptl_crystal_grow.pdbx_details    
;MMP-8 at 400 micro-M co-crystallization with peptidic inhibitor with reservoir solution 17.5% PEG 20K, 0.1 M MES, 0.125 M NACL. VAPOR DIFFUSION, SITTING DROP, TEMPERATURE 293K. Inhibitor exchange: 24hr soak in 25% PEG 4K instead of 17.5% PEG20K with 100 micro-M E1S inhibitor in 6 micro-L volume cryoprotectant is 12% PEG10K, 13.75% MPEG2K, 5% di-ethylene glycol, 10% 1,2-propanediol, 10% glycerol, 0.025 M MES PH 5.5, 30 sec cryoprotectant soak
;
_exptl_crystal_grow.pdbx_pH_range   ? 
# 
_diffrn.id                     1 
_diffrn.ambient_temp           100 
_diffrn.ambient_temp_details   ? 
_diffrn.crystal_id             1 
# 
_diffrn_detector.diffrn_id              1 
_diffrn_detector.detector               CCD 
_diffrn_detector.type                   'ADSC QUANTUM 315r' 
_diffrn_detector.pdbx_collection_date   2011-06-13 
_diffrn_detector.details                'bent cylindrical mirror' 
# 
_diffrn_radiation.diffrn_id                        1 
_diffrn_radiation.wavelength_id                    1 
_diffrn_radiation.pdbx_monochromatic_or_laue_m_l   M 
_diffrn_radiation.monochromator                    
'horizontally diffracting Si (111) monochromator and Pt coated mirrors in Kirkpatrick-Baez geometry for focussing' 
_diffrn_radiation.pdbx_diffrn_protocol             'SINGLE WAVELENGTH' 
_diffrn_radiation.pdbx_scattering_type             x-ray 
# 
_diffrn_radiation_wavelength.id           1 
_diffrn_radiation_wavelength.wavelength   0.97242 
_diffrn_radiation_wavelength.wt           1.0 
# 
_diffrn_source.diffrn_id                   1 
_diffrn_source.source                      SYNCHROTRON 
_diffrn_source.type                        'ESRF BEAMLINE ID23-1' 
_diffrn_source.pdbx_synchrotron_site       ESRF 
_diffrn_source.pdbx_synchrotron_beamline   ID23-1 
_diffrn_source.pdbx_wavelength             ? 
_diffrn_source.pdbx_wavelength_list        0.97242 
# 
_reflns.entry_id                     3TT4 
_reflns.observed_criterion_sigma_I   -3.0 
_reflns.observed_criterion_sigma_F   0.0 
_reflns.d_resolution_low             60 
_reflns.d_resolution_high            1.88 
_reflns.number_obs                   13397 
_reflns.number_all                   13650 
_reflns.percent_possible_obs         98.1 
_reflns.pdbx_Rmerge_I_obs            0.247 
_reflns.pdbx_Rsym_value              0.222 
_reflns.pdbx_netI_over_sigmaI        8.9 
_reflns.B_iso_Wilson_estimate        24.39 
_reflns.pdbx_redundancy              5.26 
_reflns.R_free_details               ? 
_reflns.limit_h_max                  ? 
_reflns.limit_h_min                  ? 
_reflns.limit_k_max                  ? 
_reflns.limit_k_min                  ? 
_reflns.limit_l_max                  ? 
_reflns.limit_l_min                  ? 
_reflns.observed_criterion_F_max     ? 
_reflns.observed_criterion_F_min     ? 
_reflns.pdbx_chi_squared             ? 
_reflns.pdbx_scaling_rejects         ? 
_reflns.pdbx_ordinal                 1 
_reflns.pdbx_diffrn_id               1 
# 
loop_
_reflns_shell.d_res_high 
_reflns_shell.d_res_low 
_reflns_shell.percent_possible_all 
_reflns_shell.Rmerge_I_obs 
_reflns_shell.pdbx_Rsym_value 
_reflns_shell.meanI_over_sigI_obs 
_reflns_shell.pdbx_redundancy 
_reflns_shell.percent_possible_obs 
_reflns_shell.number_unique_all 
_reflns_shell.number_measured_all 
_reflns_shell.number_measured_obs 
_reflns_shell.number_unique_obs 
_reflns_shell.pdbx_chi_squared 
_reflns_shell.pdbx_ordinal 
_reflns_shell.pdbx_diffrn_id 
1.88 2.01  99.6 1.026 0.919 2.08  5.2 ? 12439 ? ? ? ? 1 1 
2.01 2.17  99.6 0.619 0.556 3.57  5.3 ? 11876 ? ? ? ? 2 1 
2.17 2.38  99.2 0.511 0.459 4.81  5.3 ? 10962 ? ? ? ? 3 1 
2.38 2.66  98.7 0.360 0.324 6.98  5.4 ? 10126 ? ? ? ? 4 1 
2.66 3.07  98.0 0.263 0.237 9.99  5.4 ? 8890  ? ? ? ? 5 1 
3.07 3.75  97.0 0.147 0.132 16.45 5.2 ? 7346  ? ? ? ? 6 1 
3.75 5.29  94.9 0.103 0.092 25.70 5.1 ? 5628  ? ? ? ? 7 1 
5.29 70.31 92.1 0.091 0.081 26.01 4.9 ? 3192  ? ? ? ? 8 1 
# 
_refine.entry_id                                 3TT4 
_refine.ls_number_reflns_obs                     12729 
_refine.ls_number_reflns_all                     12970 
_refine.pdbx_ls_sigma_I                          ? 
_refine.pdbx_ls_sigma_F                          0 
_refine.pdbx_data_cutoff_high_absF               ? 
_refine.pdbx_data_cutoff_low_absF                ? 
_refine.pdbx_data_cutoff_high_rms_absF           ? 
_refine.ls_d_res_low                             34.69 
_refine.ls_d_res_high                            1.88 
_refine.ls_percent_reflns_obs                    98.14 
_refine.ls_R_factor_obs                          0.19409 
_refine.ls_R_factor_all                          ? 
_refine.ls_R_factor_R_work                       0.19087 
_refine.ls_R_factor_R_free                       0.25780 
_refine.ls_R_factor_R_free_error                 ? 
_refine.ls_R_factor_R_free_error_details         ? 
_refine.ls_percent_reflns_R_free                 5.0 
_refine.ls_number_reflns_R_free                  667 
_refine.ls_number_parameters                     ? 
_refine.ls_number_restraints                     ? 
_refine.occupancy_min                            ? 
_refine.occupancy_max                            ? 
_refine.correlation_coeff_Fo_to_Fc               0.954 
_refine.correlation_coeff_Fo_to_Fc_free          0.918 
_refine.B_iso_mean                               21.835 
_refine.aniso_B[1][1]                            -1.73 
_refine.aniso_B[2][2]                            -1.79 
_refine.aniso_B[3][3]                            3.53 
_refine.aniso_B[1][2]                            0.00 
_refine.aniso_B[1][3]                            0.00 
_refine.aniso_B[2][3]                            0.00 
_refine.solvent_model_details                    MASK 
_refine.solvent_model_param_ksol                 ? 
_refine.solvent_model_param_bsol                 ? 
_refine.pdbx_solvent_vdw_probe_radii             1.40 
_refine.pdbx_solvent_ion_probe_radii             0.80 
_refine.pdbx_solvent_shrinkage_radii             0.80 
_refine.pdbx_ls_cross_valid_method               THROUGHOUT 
_refine.details                                  'HYDROGENS HAVE BEEN ADDED IN THE RIDING POSITIONS' 
_refine.pdbx_starting_model                      'PDB ENTRY 2OY2' 
_refine.pdbx_method_to_determine_struct          'MOLECULAR REPLACEMENT' 
_refine.pdbx_isotropic_thermal_model             Isotropic 
_refine.pdbx_stereochemistry_target_values       'MAXIMUM LIKELIHOOD' 
_refine.pdbx_stereochem_target_val_spec_case     ? 
_refine.pdbx_R_Free_selection_details            RANDOM 
_refine.pdbx_overall_ESU_R_Free                  0.173 
_refine.overall_SU_ML                            0.136 
_refine.pdbx_overall_phase_error                 ? 
_refine.overall_SU_B                             4.884 
_refine.overall_SU_R_Cruickshank_DPI             ? 
_refine.ls_redundancy_reflns_obs                 ? 
_refine.B_iso_min                                ? 
_refine.B_iso_max                                ? 
_refine.overall_SU_R_free                        ? 
_refine.ls_wR_factor_R_free                      ? 
_refine.ls_wR_factor_R_work                      ? 
_refine.overall_FOM_free_R_set                   ? 
_refine.overall_FOM_work_R_set                   ? 
_refine.pdbx_diffrn_id                           1 
_refine.pdbx_refine_id                           'X-RAY DIFFRACTION' 
_refine.pdbx_overall_ESU_R                       ? 
_refine.pdbx_TLS_residual_ADP_flag               ? 
_refine.pdbx_overall_SU_R_free_Cruickshank_DPI   ? 
_refine.pdbx_overall_SU_R_Blow_DPI               ? 
_refine.pdbx_overall_SU_R_free_Blow_DPI          ? 
# 
_refine_hist.pdbx_refine_id                   'X-RAY DIFFRACTION' 
_refine_hist.cycle_id                         LAST 
_refine_hist.pdbx_number_atoms_protein        1253 
_refine_hist.pdbx_number_atoms_nucleic_acid   0 
_refine_hist.pdbx_number_atoms_ligand         42 
_refine_hist.number_atoms_solvent             171 
_refine_hist.number_atoms_total               1466 
_refine_hist.d_res_high                       1.88 
_refine_hist.d_res_low                        34.69 
# 
loop_
_refine_ls_restr.type 
_refine_ls_restr.dev_ideal 
_refine_ls_restr.dev_ideal_target 
_refine_ls_restr.weight 
_refine_ls_restr.number 
_refine_ls_restr.pdbx_restraint_function 
_refine_ls_restr.pdbx_refine_id 
r_bond_refined_d             0.022  0.021  ? 1419 ? 'X-RAY DIFFRACTION' 
r_bond_other_d               ?      ?      ? ?    ? 'X-RAY DIFFRACTION' 
r_angle_refined_deg          2.012  1.951  ? 1945 ? 'X-RAY DIFFRACTION' 
r_angle_other_deg            ?      ?      ? ?    ? 'X-RAY DIFFRACTION' 
r_dihedral_angle_1_deg       7.547  5.000  ? 176  ? 'X-RAY DIFFRACTION' 
r_dihedral_angle_2_deg       33.691 24.359 ? 78   ? 'X-RAY DIFFRACTION' 
r_dihedral_angle_3_deg       16.025 15.000 ? 200  ? 'X-RAY DIFFRACTION' 
r_dihedral_angle_4_deg       21.050 15.000 ? 9    ? 'X-RAY DIFFRACTION' 
r_chiral_restr               0.240  0.200  ? 191  ? 'X-RAY DIFFRACTION' 
r_gen_planes_refined         0.011  0.021  ? 1186 ? 'X-RAY DIFFRACTION' 
r_gen_planes_other           ?      ?      ? ?    ? 'X-RAY DIFFRACTION' 
r_nbd_refined                ?      ?      ? ?    ? 'X-RAY DIFFRACTION' 
r_nbd_other                  ?      ?      ? ?    ? 'X-RAY DIFFRACTION' 
r_nbtor_refined              ?      ?      ? ?    ? 'X-RAY DIFFRACTION' 
r_nbtor_other                ?      ?      ? ?    ? 'X-RAY DIFFRACTION' 
r_xyhbond_nbd_refined        ?      ?      ? ?    ? 'X-RAY DIFFRACTION' 
r_xyhbond_nbd_other          ?      ?      ? ?    ? 'X-RAY DIFFRACTION' 
r_metal_ion_refined          ?      ?      ? ?    ? 'X-RAY DIFFRACTION' 
r_metal_ion_other            ?      ?      ? ?    ? 'X-RAY DIFFRACTION' 
r_symmetry_vdw_refined       ?      ?      ? ?    ? 'X-RAY DIFFRACTION' 
r_symmetry_vdw_other         ?      ?      ? ?    ? 'X-RAY DIFFRACTION' 
r_symmetry_hbond_refined     ?      ?      ? ?    ? 'X-RAY DIFFRACTION' 
r_symmetry_hbond_other       ?      ?      ? ?    ? 'X-RAY DIFFRACTION' 
r_symmetry_metal_ion_refined ?      ?      ? ?    ? 'X-RAY DIFFRACTION' 
r_symmetry_metal_ion_other   ?      ?      ? ?    ? 'X-RAY DIFFRACTION' 
r_mcbond_it                  1.278  1.500  ? 845  ? 'X-RAY DIFFRACTION' 
r_mcbond_other               ?      ?      ? ?    ? 'X-RAY DIFFRACTION' 
r_mcangle_it                 2.071  2.000  ? 1363 ? 'X-RAY DIFFRACTION' 
r_scbond_it                  3.103  3.000  ? 574  ? 'X-RAY DIFFRACTION' 
r_scangle_it                 4.249  4.500  ? 582  ? 'X-RAY DIFFRACTION' 
r_rigid_bond_restr           ?      ?      ? ?    ? 'X-RAY DIFFRACTION' 
r_sphericity_free            ?      ?      ? ?    ? 'X-RAY DIFFRACTION' 
r_sphericity_bonded          ?      ?      ? ?    ? 'X-RAY DIFFRACTION' 
# 
_refine_ls_shell.pdbx_total_number_of_bins_used   20 
_refine_ls_shell.d_res_high                       1.880 
_refine_ls_shell.d_res_low                        1.929 
_refine_ls_shell.number_reflns_R_work             945 
_refine_ls_shell.R_factor_R_work                  0.325 
_refine_ls_shell.percent_reflns_obs               99.60 
_refine_ls_shell.R_factor_R_free                  0.424 
_refine_ls_shell.R_factor_R_free_error            ? 
_refine_ls_shell.percent_reflns_R_free            ? 
_refine_ls_shell.number_reflns_R_free             58 
_refine_ls_shell.number_reflns_all                ? 
_refine_ls_shell.R_factor_all                     ? 
_refine_ls_shell.number_reflns_obs                ? 
_refine_ls_shell.redundancy_reflns_obs            ? 
_refine_ls_shell.pdbx_refine_id                   'X-RAY DIFFRACTION' 
# 
_struct.entry_id                  3TT4 
_struct.title                     'Human MMP8 in complex with L-glutamate motif inhibitor' 
_struct.pdbx_model_details        ? 
_struct.pdbx_CASP_flag            ? 
_struct.pdbx_model_type_details   ? 
# 
_struct_keywords.entry_id        3TT4 
_struct_keywords.pdbx_keywords   'HYDROLASE/HYDROLASE INHIBITOR' 
_struct_keywords.text            
'pseudo dipeptides, potent inhibitors, metzincin, Zinc metalloprotease, HYDROLASE-HYDROLASE INHIBITOR complex' 
# 
loop_
_struct_asym.id 
_struct_asym.pdbx_blank_PDB_chainid_flag 
_struct_asym.pdbx_modified 
_struct_asym.entity_id 
_struct_asym.details 
A N N 1 ? 
B N N 2 ? 
C N N 2 ? 
D N N 3 ? 
E N N 3 ? 
F N N 4 ? 
G N N 5 ? 
H N N 6 ? 
# 
_struct_biol.id        1 
_struct_biol.details   ? 
# 
loop_
_struct_conf.conf_type_id 
_struct_conf.id 
_struct_conf.pdbx_PDB_helix_id 
_struct_conf.beg_label_comp_id 
_struct_conf.beg_label_asym_id 
_struct_conf.beg_label_seq_id 
_struct_conf.pdbx_beg_PDB_ins_code 
_struct_conf.end_label_comp_id 
_struct_conf.end_label_asym_id 
_struct_conf.end_label_seq_id 
_struct_conf.pdbx_end_PDB_ins_code 
_struct_conf.beg_auth_comp_id 
_struct_conf.beg_auth_asym_id 
_struct_conf.beg_auth_seq_id 
_struct_conf.end_auth_comp_id 
_struct_conf.end_auth_asym_id 
_struct_conf.end_auth_seq_id 
_struct_conf.pdbx_PDB_helix_class 
_struct_conf.details 
_struct_conf.pdbx_PDB_helix_length 
HELX_P HELX_P1 1 SER A 22  ? VAL A 39  ? SER A 105 VAL A 122 1 ? 18 
HELX_P HELX_P2 2 ASN A 107 ? LEU A 120 ? ASN A 190 LEU A 203 1 ? 14 
HELX_P HELX_P3 3 PRO A 147 ? GLY A 159 ? PRO A 230 GLY A 242 1 ? 13 
# 
_struct_conf_type.id          HELX_P 
_struct_conf_type.criteria    ? 
_struct_conf_type.reference   ? 
# 
loop_
_struct_conn.id 
_struct_conn.conn_type_id 
_struct_conn.pdbx_leaving_atom_flag 
_struct_conn.pdbx_PDB_id 
_struct_conn.ptnr1_label_asym_id 
_struct_conn.ptnr1_label_comp_id 
_struct_conn.ptnr1_label_seq_id 
_struct_conn.ptnr1_label_atom_id 
_struct_conn.pdbx_ptnr1_label_alt_id 
_struct_conn.pdbx_ptnr1_PDB_ins_code 
_struct_conn.pdbx_ptnr1_standard_comp_id 
_struct_conn.ptnr1_symmetry 
_struct_conn.ptnr2_label_asym_id 
_struct_conn.ptnr2_label_comp_id 
_struct_conn.ptnr2_label_seq_id 
_struct_conn.ptnr2_label_atom_id 
_struct_conn.pdbx_ptnr2_label_alt_id 
_struct_conn.pdbx_ptnr2_PDB_ins_code 
_struct_conn.ptnr1_auth_asym_id 
_struct_conn.ptnr1_auth_comp_id 
_struct_conn.ptnr1_auth_seq_id 
_struct_conn.ptnr2_auth_asym_id 
_struct_conn.ptnr2_auth_comp_id 
_struct_conn.ptnr2_auth_seq_id 
_struct_conn.ptnr2_symmetry 
_struct_conn.pdbx_ptnr3_label_atom_id 
_struct_conn.pdbx_ptnr3_label_seq_id 
_struct_conn.pdbx_ptnr3_label_comp_id 
_struct_conn.pdbx_ptnr3_label_asym_id 
_struct_conn.pdbx_ptnr3_label_alt_id 
_struct_conn.pdbx_ptnr3_PDB_ins_code 
_struct_conn.details 
_struct_conn.pdbx_dist_value 
_struct_conn.pdbx_value_order 
_struct_conn.pdbx_role 
metalc1  metalc ? ? F E1S .   O7  ? ? ? 1_555 C ZN . ZN ? ? A E1S 1   A ZN 302 1_555 ? ? ? ? ? ? ? 2.152 ? ? 
metalc2  metalc ? ? F E1S .   O6  ? ? ? 1_555 C ZN . ZN ? ? A E1S 1   A ZN 302 1_555 ? ? ? ? ? ? ? 2.679 ? ? 
metalc3  metalc ? ? H HOH .   O   ? ? ? 1_555 E CA . CA ? ? A HOH 33  A CA 304 1_555 ? ? ? ? ? ? ? 2.439 ? ? 
metalc4  metalc ? ? H HOH .   O   ? ? ? 1_555 E CA . CA ? ? A HOH 34  A CA 304 1_555 ? ? ? ? ? ? ? 2.453 ? ? 
metalc5  metalc ? ? A ASP 54  O   ? ? ? 1_555 E CA . CA ? ? A ASP 137 A CA 304 1_555 ? ? ? ? ? ? ? 2.461 ? ? 
metalc6  metalc ? ? A HIS 64  NE2 ? ? ? 1_555 B ZN . ZN ? ? A HIS 147 A ZN 301 1_555 ? ? ? ? ? ? ? 2.245 ? ? 
metalc7  metalc ? ? A ASP 66  OD2 ? ? ? 1_555 B ZN . ZN ? ? A ASP 149 A ZN 301 1_555 ? ? ? ? ? ? ? 2.010 ? ? 
metalc8  metalc ? ? A ASP 71  OD1 ? ? ? 1_555 D CA . CA ? ? A ASP 154 A CA 303 1_555 ? ? ? ? ? ? ? 2.275 ? ? 
metalc9  metalc ? ? A GLY 72  O   ? ? ? 1_555 D CA . CA ? ? A GLY 155 A CA 303 1_555 ? ? ? ? ? ? ? 2.355 ? ? 
metalc10 metalc ? ? A ASN 74  O   ? ? ? 1_555 D CA . CA ? ? A ASN 157 A CA 303 1_555 ? ? ? ? ? ? ? 2.415 ? ? 
metalc11 metalc ? ? A ILE 76  O   ? ? ? 1_555 D CA . CA ? ? A ILE 159 A CA 303 1_555 ? ? ? ? ? ? ? 2.436 ? ? 
metalc12 metalc ? ? A HIS 79  NE2 ? ? ? 1_555 B ZN . ZN ? ? A HIS 162 A ZN 301 1_555 ? ? ? ? ? ? ? 1.994 ? ? 
metalc13 metalc ? ? A GLY 86  O   ? ? ? 1_555 E CA . CA ? ? A GLY 169 A CA 304 1_555 ? ? ? ? ? ? ? 2.563 ? ? 
metalc14 metalc ? ? A GLY 88  O   ? ? ? 1_555 E CA . CA ? ? A GLY 171 A CA 304 1_555 ? ? ? ? ? ? ? 2.300 ? ? 
metalc15 metalc ? ? A ASP 90  OD1 ? ? ? 1_555 E CA . CA ? ? A ASP 173 A CA 304 1_555 ? ? ? ? ? ? ? 2.499 ? ? 
metalc16 metalc ? ? A HIS 92  ND1 ? ? ? 1_555 B ZN . ZN ? ? A HIS 175 A ZN 301 1_555 ? ? ? ? ? ? ? 2.126 ? ? 
metalc17 metalc ? ? A ASP 94  OD2 ? ? ? 1_555 D CA . CA ? ? A ASP 177 A CA 303 1_555 ? ? ? ? ? ? ? 2.295 ? ? 
metalc18 metalc ? ? A GLU 97  OE2 ? ? ? 1_555 D CA . CA ? ? A GLU 180 A CA 303 1_555 ? ? ? ? ? ? ? 2.439 ? ? 
metalc19 metalc ? ? A HIS 114 NE2 ? ? ? 1_555 C ZN . ZN ? ? A HIS 197 A ZN 302 1_555 ? ? ? ? ? ? ? 2.017 ? ? 
metalc20 metalc ? ? A HIS 118 NE2 ? ? ? 1_555 C ZN . ZN ? ? A HIS 201 A ZN 302 1_555 ? ? ? ? ? ? ? 2.078 ? ? 
metalc21 metalc ? ? A HIS 124 NE2 ? ? ? 1_555 C ZN . ZN ? ? A HIS 207 A ZN 302 1_555 ? ? ? ? ? ? ? 2.195 ? ? 
# 
_struct_conn_type.id          metalc 
_struct_conn_type.criteria    ? 
_struct_conn_type.reference   ? 
# 
_struct_mon_prot_cis.pdbx_id                1 
_struct_mon_prot_cis.label_comp_id          ASN 
_struct_mon_prot_cis.label_seq_id           105 
_struct_mon_prot_cis.label_asym_id          A 
_struct_mon_prot_cis.label_alt_id           . 
_struct_mon_prot_cis.pdbx_PDB_ins_code      ? 
_struct_mon_prot_cis.auth_comp_id           ASN 
_struct_mon_prot_cis.auth_seq_id            188 
_struct_mon_prot_cis.auth_asym_id           A 
_struct_mon_prot_cis.pdbx_label_comp_id_2   TYR 
_struct_mon_prot_cis.pdbx_label_seq_id_2    106 
_struct_mon_prot_cis.pdbx_label_asym_id_2   A 
_struct_mon_prot_cis.pdbx_PDB_ins_code_2    ? 
_struct_mon_prot_cis.pdbx_auth_comp_id_2    TYR 
_struct_mon_prot_cis.pdbx_auth_seq_id_2     189 
_struct_mon_prot_cis.pdbx_auth_asym_id_2    A 
_struct_mon_prot_cis.pdbx_PDB_model_num     1 
_struct_mon_prot_cis.pdbx_omega_angle       -8.90 
# 
_struct_sheet.id               A 
_struct_sheet.type             ? 
_struct_sheet.number_strands   5 
_struct_sheet.details          ? 
# 
loop_
_struct_sheet_order.sheet_id 
_struct_sheet_order.range_id_1 
_struct_sheet_order.range_id_2 
_struct_sheet_order.offset 
_struct_sheet_order.sense 
A 1 2 ? parallel      
A 2 3 ? parallel      
A 3 4 ? parallel      
A 4 5 ? anti-parallel 
# 
loop_
_struct_sheet_range.sheet_id 
_struct_sheet_range.id 
_struct_sheet_range.beg_label_comp_id 
_struct_sheet_range.beg_label_asym_id 
_struct_sheet_range.beg_label_seq_id 
_struct_sheet_range.pdbx_beg_PDB_ins_code 
_struct_sheet_range.end_label_comp_id 
_struct_sheet_range.end_label_asym_id 
_struct_sheet_range.end_label_seq_id 
_struct_sheet_range.pdbx_end_PDB_ins_code 
_struct_sheet_range.beg_auth_comp_id 
_struct_sheet_range.beg_auth_asym_id 
_struct_sheet_range.beg_auth_seq_id 
_struct_sheet_range.end_auth_comp_id 
_struct_sheet_range.end_auth_asym_id 
_struct_sheet_range.end_auth_seq_id 
A 1 ILE A 44 ? ARG A 47 ? ILE A 127 ARG A 130 
A 2 ASN A 9  ? ILE A 14 ? ASN A 92  ILE A 97  
A 3 ILE A 55 ? TYR A 60 ? ILE A 138 TYR A 143 
A 4 ALA A 91 ? ASP A 94 ? ALA A 174 ASP A 177 
A 5 ALA A 78 ? ALA A 80 ? ALA A 161 ALA A 163 
# 
loop_
_pdbx_struct_sheet_hbond.sheet_id 
_pdbx_struct_sheet_hbond.range_id_1 
_pdbx_struct_sheet_hbond.range_id_2 
_pdbx_struct_sheet_hbond.range_1_label_atom_id 
_pdbx_struct_sheet_hbond.range_1_label_comp_id 
_pdbx_struct_sheet_hbond.range_1_label_asym_id 
_pdbx_struct_sheet_hbond.range_1_label_seq_id 
_pdbx_struct_sheet_hbond.range_1_PDB_ins_code 
_pdbx_struct_sheet_hbond.range_1_auth_atom_id 
_pdbx_struct_sheet_hbond.range_1_auth_comp_id 
_pdbx_struct_sheet_hbond.range_1_auth_asym_id 
_pdbx_struct_sheet_hbond.range_1_auth_seq_id 
_pdbx_struct_sheet_hbond.range_2_label_atom_id 
_pdbx_struct_sheet_hbond.range_2_label_comp_id 
_pdbx_struct_sheet_hbond.range_2_label_asym_id 
_pdbx_struct_sheet_hbond.range_2_label_seq_id 
_pdbx_struct_sheet_hbond.range_2_PDB_ins_code 
_pdbx_struct_sheet_hbond.range_2_auth_atom_id 
_pdbx_struct_sheet_hbond.range_2_auth_comp_id 
_pdbx_struct_sheet_hbond.range_2_auth_asym_id 
_pdbx_struct_sheet_hbond.range_2_auth_seq_id 
A 1 2 O THR A 46 ? O THR A 129 N LEU A 10 ? N LEU A 93  
A 2 3 N ARG A 13 ? N ARG A 96  O ILE A 57 ? O ILE A 140 
A 3 4 N ASN A 56 ? N ASN A 139 O ALA A 91 ? O ALA A 174 
A 4 5 O HIS A 92 ? O HIS A 175 N HIS A 79 ? N HIS A 162 
# 
loop_
_struct_site.id 
_struct_site.pdbx_evidence_code 
_struct_site.pdbx_auth_asym_id 
_struct_site.pdbx_auth_comp_id 
_struct_site.pdbx_auth_seq_id 
_struct_site.pdbx_auth_ins_code 
_struct_site.pdbx_num_residues 
_struct_site.details 
AC1 Software A ZN  301 ? 4  'BINDING SITE FOR RESIDUE ZN A 301'  
AC2 Software A ZN  302 ? 4  'BINDING SITE FOR RESIDUE ZN A 302'  
AC3 Software A CA  303 ? 6  'BINDING SITE FOR RESIDUE CA A 303'  
AC4 Software A CA  304 ? 6  'BINDING SITE FOR RESIDUE CA A 304'  
AC5 Software A E1S 1   ? 19 'BINDING SITE FOR RESIDUE E1S A 1'   
AC6 Software A MES 243 ? 8  'BINDING SITE FOR RESIDUE MES A 243' 
# 
loop_
_struct_site_gen.id 
_struct_site_gen.site_id 
_struct_site_gen.pdbx_num_res 
_struct_site_gen.label_comp_id 
_struct_site_gen.label_asym_id 
_struct_site_gen.label_seq_id 
_struct_site_gen.pdbx_auth_ins_code 
_struct_site_gen.auth_comp_id 
_struct_site_gen.auth_asym_id 
_struct_site_gen.auth_seq_id 
_struct_site_gen.label_atom_id 
_struct_site_gen.label_alt_id 
_struct_site_gen.symmetry 
_struct_site_gen.details 
1  AC1 4  HIS A 64  ? HIS A 147 . ? 1_555 ? 
2  AC1 4  ASP A 66  ? ASP A 149 . ? 1_555 ? 
3  AC1 4  HIS A 79  ? HIS A 162 . ? 1_555 ? 
4  AC1 4  HIS A 92  ? HIS A 175 . ? 1_555 ? 
5  AC2 4  E1S F .   ? E1S A 1   . ? 1_555 ? 
6  AC2 4  HIS A 114 ? HIS A 197 . ? 1_555 ? 
7  AC2 4  HIS A 118 ? HIS A 201 . ? 1_555 ? 
8  AC2 4  HIS A 124 ? HIS A 207 . ? 1_555 ? 
9  AC3 6  ASP A 71  ? ASP A 154 . ? 1_555 ? 
10 AC3 6  GLY A 72  ? GLY A 155 . ? 1_555 ? 
11 AC3 6  ASN A 74  ? ASN A 157 . ? 1_555 ? 
12 AC3 6  ILE A 76  ? ILE A 159 . ? 1_555 ? 
13 AC3 6  ASP A 94  ? ASP A 177 . ? 1_555 ? 
14 AC3 6  GLU A 97  ? GLU A 180 . ? 1_555 ? 
15 AC4 6  HOH H .   ? HOH A 33  . ? 1_555 ? 
16 AC4 6  HOH H .   ? HOH A 34  . ? 1_555 ? 
17 AC4 6  ASP A 54  ? ASP A 137 . ? 1_555 ? 
18 AC4 6  GLY A 86  ? GLY A 169 . ? 1_555 ? 
19 AC4 6  GLY A 88  ? GLY A 171 . ? 1_555 ? 
20 AC4 6  ASP A 90  ? ASP A 173 . ? 1_555 ? 
21 AC5 19 HOH H .   ? HOH A 46  . ? 1_555 ? 
22 AC5 19 THR A 46  ? THR A 129 . ? 1_655 ? 
23 AC5 19 ARG A 47  ? ARG A 130 . ? 1_655 ? 
24 AC5 19 ILE A 76  ? ILE A 159 . ? 1_555 ? 
25 AC5 19 LEU A 77  ? LEU A 160 . ? 1_555 ? 
26 AC5 19 ALA A 78  ? ALA A 161 . ? 1_555 ? 
27 AC5 19 HIS A 114 ? HIS A 197 . ? 1_555 ? 
28 AC5 19 GLU A 115 ? GLU A 198 . ? 1_555 ? 
29 AC5 19 HIS A 118 ? HIS A 201 . ? 1_555 ? 
30 AC5 19 HIS A 124 ? HIS A 207 . ? 1_555 ? 
31 AC5 19 ALA A 130 ? ALA A 213 . ? 1_555 ? 
32 AC5 19 LEU A 131 ? LEU A 214 . ? 1_555 ? 
33 AC5 19 TYR A 133 ? TYR A 216 . ? 1_555 ? 
34 AC5 19 PRO A 134 ? PRO A 217 . ? 1_555 ? 
35 AC5 19 ASN A 135 ? ASN A 218 . ? 1_555 ? 
36 AC5 19 TYR A 136 ? TYR A 219 . ? 1_555 ? 
37 AC5 19 ALA A 137 ? ALA A 220 . ? 1_555 ? 
38 AC5 19 ARG A 139 ? ARG A 222 . ? 1_555 ? 
39 AC5 19 ZN  C .   ? ZN  A 302 . ? 1_555 ? 
40 AC6 8  ALA A 29  ? ALA A 112 . ? 1_555 ? 
41 AC6 8  ASP A 32  ? ASP A 115 . ? 1_555 ? 
42 AC6 8  SER A 103 ? SER A 186 . ? 4_455 ? 
43 AC6 8  PHE A 109 ? PHE A 192 . ? 1_555 ? 
44 AC6 8  THR A 141 ? THR A 224 . ? 1_555 ? 
45 AC6 8  SER A 142 ? SER A 225 . ? 1_555 ? 
46 AC6 8  ASN A 143 ? ASN A 226 . ? 1_555 ? 
47 AC6 8  HOH H .   ? HOH A 277 . ? 1_555 ? 
# 
_atom_sites.entry_id                    3TT4 
_atom_sites.fract_transf_matrix[1][1]   0.00794324 
_atom_sites.fract_transf_matrix[1][2]   0.02019900 
_atom_sites.fract_transf_matrix[1][3]   -0.02151748 
_atom_sites.fract_transf_matrix[2][1]   -0.01391566 
_atom_sites.fract_transf_matrix[2][2]   0.00228310 
_atom_sites.fract_transf_matrix[2][3]   -0.00299381 
_atom_sites.fract_transf_matrix[3][1]   -0.00036622 
_atom_sites.fract_transf_matrix[3][2]   0.01043291 
_atom_sites.fract_transf_matrix[3][3]   0.00965844 
_atom_sites.fract_transf_vector[1]      -0.481914 
_atom_sites.fract_transf_vector[2]      0.156865 
_atom_sites.fract_transf_vector[3]      -0.206175 
# 
loop_
_atom_type.symbol 
C  
CA 
N  
O  
S  
ZN 
# 
loop_
_atom_site.group_PDB 
_atom_site.id 
_atom_site.type_symbol 
_atom_site.label_atom_id 
_atom_site.label_alt_id 
_atom_site.label_comp_id 
_atom_site.label_asym_id 
_atom_site.label_entity_id 
_atom_site.label_seq_id 
_atom_site.pdbx_PDB_ins_code 
_atom_site.Cartn_x 
_atom_site.Cartn_y 
_atom_site.Cartn_z 
_atom_site.occupancy 
_atom_site.B_iso_or_equiv 
_atom_site.pdbx_formal_charge 
_atom_site.auth_seq_id 
_atom_site.auth_comp_id 
_atom_site.auth_asym_id 
_atom_site.auth_atom_id 
_atom_site.pdbx_PDB_model_num 
ATOM   1    N  N   . GLY A 1 1   ? -0.790  -10.161 -16.687 1.00 40.38 ? 84  GLY A N   1 
ATOM   2    C  CA  . GLY A 1 1   ? -1.035  -11.588 -16.784 1.00 59.69 ? 84  GLY A CA  1 
ATOM   3    C  C   . GLY A 1 1   ? -2.113  -12.047 -15.825 1.00 58.65 ? 84  GLY A C   1 
ATOM   4    O  O   . GLY A 1 1   ? -2.262  -13.238 -15.569 1.00 64.45 ? 84  GLY A O   1 
ATOM   5    N  N   . ASN A 1 2   ? -2.865  -11.097 -15.287 1.00 54.57 ? 85  ASN A N   1 
ATOM   6    C  CA  . ASN A 1 2   ? -3.926  -11.416 -14.343 1.00 63.52 ? 85  ASN A CA  1 
ATOM   7    C  C   . ASN A 1 2   ? -3.393  -12.104 -13.094 1.00 39.04 ? 85  ASN A C   1 
ATOM   8    O  O   . ASN A 1 2   ? -3.995  -13.051 -12.603 1.00 50.41 ? 85  ASN A O   1 
ATOM   9    C  CB  . ASN A 1 2   ? -4.983  -12.300 -15.007 1.00 59.19 ? 85  ASN A CB  1 
ATOM   10   C  CG  . ASN A 1 2   ? -5.446  -11.756 -16.340 1.00 70.04 ? 85  ASN A CG  1 
ATOM   11   O  OD1 . ASN A 1 2   ? -4.792  -10.902 -16.936 1.00 69.72 ? 85  ASN A OD1 1 
ATOM   12   N  ND2 . ASN A 1 2   ? -6.581  -12.251 -16.818 1.00 80.91 ? 85  ASN A ND2 1 
ATOM   13   N  N   . PRO A 1 3   ? -2.264  -11.624 -12.585 1.00 49.34 ? 86  PRO A N   1 
ATOM   14   C  CA  . PRO A 1 3   ? -1.666  -12.181 -11.369 1.00 34.54 ? 86  PRO A CA  1 
ATOM   15   C  C   . PRO A 1 3   ? -2.470  -11.806 -10.134 1.00 36.58 ? 86  PRO A C   1 
ATOM   16   O  O   . PRO A 1 3   ? -2.664  -10.625 -9.868  1.00 20.72 ? 86  PRO A O   1 
ATOM   17   C  CB  . PRO A 1 3   ? -0.289  -11.507 -11.309 1.00 32.59 ? 86  PRO A CB  1 
ATOM   18   C  CG  . PRO A 1 3   ? -0.108  -10.822 -12.629 1.00 47.89 ? 86  PRO A CG  1 
ATOM   19   C  CD  . PRO A 1 3   ? -1.472  -10.506 -13.117 1.00 49.98 ? 86  PRO A CD  1 
ATOM   20   N  N   . LYS A 1 4   ? -2.923  -12.804 -9.384  1.00 29.02 ? 87  LYS A N   1 
ATOM   21   C  CA  . LYS A 1 4   ? -3.728  -12.545 -8.198  1.00 25.38 ? 87  LYS A CA  1 
ATOM   22   C  C   . LYS A 1 4   ? -3.447  -13.538 -7.072  1.00 24.00 ? 87  LYS A C   1 
ATOM   23   O  O   . LYS A 1 4   ? -3.016  -14.660 -7.316  1.00 20.99 ? 87  LYS A O   1 
ATOM   24   C  CB  . LYS A 1 4   ? -5.213  -12.573 -8.558  1.00 25.48 ? 87  LYS A CB  1 
ATOM   25   C  CG  . LYS A 1 4   ? -5.730  -13.954 -8.927  1.00 23.29 ? 87  LYS A CG  1 
ATOM   26   C  CD  . LYS A 1 4   ? -7.233  -13.954 -9.128  1.00 23.18 ? 87  LYS A CD  1 
ATOM   27   C  CE  . LYS A 1 4   ? -7.959  -14.469 -7.901  1.00 24.92 ? 87  LYS A CE  1 
ATOM   28   N  NZ  . LYS A 1 4   ? -9.433  -14.515 -8.102  1.00 31.35 ? 87  LYS A NZ  1 
ATOM   29   N  N   . TRP A 1 5   ? -3.695  -13.106 -5.841  1.00 20.74 ? 88  TRP A N   1 
ATOM   30   C  CA  . TRP A 1 5   ? -3.593  -13.970 -4.678  1.00 21.92 ? 88  TRP A CA  1 
ATOM   31   C  C   . TRP A 1 5   ? -4.652  -15.073 -4.734  1.00 23.51 ? 88  TRP A C   1 
ATOM   32   O  O   . TRP A 1 5   ? -5.762  -14.876 -5.234  1.00 23.91 ? 88  TRP A O   1 
ATOM   33   C  CB  . TRP A 1 5   ? -3.744  -13.149 -3.412  1.00 19.70 ? 88  TRP A CB  1 
ATOM   34   C  CG  . TRP A 1 5   ? -2.663  -12.185 -3.223  1.00 19.39 ? 88  TRP A CG  1 
ATOM   35   C  CD1 . TRP A 1 5   ? -2.735  -10.813 -3.342  1.00 21.43 ? 88  TRP A CD1 1 
ATOM   36   C  CD2 . TRP A 1 5   ? -1.327  -12.477 -2.775  1.00 20.42 ? 88  TRP A CD2 1 
ATOM   37   N  NE1 . TRP A 1 5   ? -1.519  -10.235 -3.003  1.00 20.30 ? 88  TRP A NE1 1 
ATOM   38   C  CE2 . TRP A 1 5   ? -0.636  -11.230 -2.660  1.00 20.23 ? 88  TRP A CE2 1 
ATOM   39   C  CE3 . TRP A 1 5   ? -0.661  -13.660 -2.410  1.00 15.67 ? 88  TRP A CE3 1 
ATOM   40   C  CZ2 . TRP A 1 5   ? 0.728   -11.149 -2.274  1.00 22.43 ? 88  TRP A CZ2 1 
ATOM   41   C  CZ3 . TRP A 1 5   ? 0.703   -13.583 -2.023  1.00 20.73 ? 88  TRP A CZ3 1 
ATOM   42   C  CH2 . TRP A 1 5   ? 1.376   -12.332 -1.944  1.00 19.43 ? 88  TRP A CH2 1 
ATOM   43   N  N   . GLU A 1 6   ? -4.279  -16.260 -4.268  1.00 25.59 ? 89  GLU A N   1 
ATOM   44   C  CA  . GLU A 1 6   ? -5.164  -17.410 -4.386  1.00 27.90 ? 89  GLU A CA  1 
ATOM   45   C  C   . GLU A 1 6   ? -5.728  -17.747 -3.005  1.00 26.86 ? 89  GLU A C   1 
ATOM   46   O  O   . GLU A 1 6   ? -6.342  -18.739 -2.860  1.00 27.35 ? 89  GLU A O   1 
ATOM   47   C  CB  . GLU A 1 6   ? -4.428  -18.604 -5.020  1.00 28.70 ? 89  GLU A CB  1 
ATOM   48   C  CG  . GLU A 1 6   ? -3.988  -18.441 -6.502  1.00 36.20 ? 89  GLU A CG  1 
ATOM   49   C  CD  . GLU A 1 6   ? -3.009  -19.581 -6.996  1.00 45.17 ? 89  GLU A CD  1 
ATOM   50   O  OE1 . GLU A 1 6   ? -2.889  -20.644 -6.306  1.00 45.47 ? 89  GLU A OE1 1 
ATOM   51   O  OE2 . GLU A 1 6   ? -2.358  -19.417 -8.081  1.00 46.15 ? 89  GLU A OE2 1 
ATOM   52   N  N   . ARG A 1 7   ? -5.539  -16.876 -2.014  1.00 26.76 ? 90  ARG A N   1 
ATOM   53   C  CA  . ARG A 1 7   ? -6.155  -16.971 -0.679  1.00 26.56 ? 90  ARG A CA  1 
ATOM   54   C  C   . ARG A 1 7   ? -6.756  -15.604 -0.314  1.00 25.42 ? 90  ARG A C   1 
ATOM   55   O  O   . ARG A 1 7   ? -6.250  -14.549 -0.720  1.00 23.66 ? 90  ARG A O   1 
ATOM   56   C  CB  . ARG A 1 7   ? -5.110  -17.296 0.429   1.00 26.56 ? 90  ARG A CB  1 
ATOM   57   C  CG  . ARG A 1 7   ? -4.486  -18.662 0.382   1.00 29.78 ? 90  ARG A CG  1 
ATOM   58   C  CD  . ARG A 1 7   ? -3.339  -18.806 1.382   1.00 31.82 ? 90  ARG A CD  1 
ATOM   59   N  NE  . ARG A 1 7   ? -2.112  -18.254 0.797   1.00 36.43 ? 90  ARG A NE  1 
ATOM   60   C  CZ  . ARG A 1 7   ? -1.374  -17.273 1.319   1.00 35.49 ? 90  ARG A CZ  1 
ATOM   61   N  NH1 . ARG A 1 7   ? -1.681  -16.703 2.491   1.00 29.59 ? 90  ARG A NH1 1 
ATOM   62   N  NH2 . ARG A 1 7   ? -0.289  -16.882 0.655   1.00 39.74 ? 90  ARG A NH2 1 
ATOM   63   N  N   . THR A 1 8   ? -7.794  -15.626 0.498   1.00 24.11 ? 91  THR A N   1 
ATOM   64   C  CA  . THR A 1 8   ? -8.458  -14.366 0.864   1.00 22.80 ? 91  THR A CA  1 
ATOM   65   C  C   . THR A 1 8   ? -7.970  -13.775 2.161   1.00 20.94 ? 91  THR A C   1 
ATOM   66   O  O   . THR A 1 8   ? -8.150  -12.585 2.399   1.00 22.40 ? 91  THR A O   1 
ATOM   67   C  CB  . THR A 1 8   ? -10.000 -14.530 0.893   1.00 22.80 ? 91  THR A CB  1 
ATOM   68   O  OG1 . THR A 1 8   ? -10.369 -15.673 1.691   1.00 23.80 ? 91  THR A OG1 1 
ATOM   69   C  CG2 . THR A 1 8   ? -10.498 -14.671 -0.561  1.00 23.69 ? 91  THR A CG2 1 
ATOM   70   N  N   . ASN A 1 9   ? -7.394  -14.617 3.018   1.00 18.82 ? 92  ASN A N   1 
ATOM   71   C  CA  . ASN A 1 9   ? -6.799  -14.160 4.222   1.00 19.11 ? 92  ASN A CA  1 
ATOM   72   C  C   . ASN A 1 9   ? -5.307  -13.998 3.936   1.00 18.36 ? 92  ASN A C   1 
ATOM   73   O  O   . ASN A 1 9   ? -4.596  -14.973 3.795   1.00 19.21 ? 92  ASN A O   1 
ATOM   74   C  CB  . ASN A 1 9   ? -7.048  -15.170 5.348   1.00 18.53 ? 92  ASN A CB  1 
ATOM   75   C  CG  . ASN A 1 9   ? -6.618  -14.648 6.712   1.00 18.91 ? 92  ASN A CG  1 
ATOM   76   O  OD1 . ASN A 1 9   ? -6.390  -13.416 6.909   1.00 17.65 ? 92  ASN A OD1 1 
ATOM   77   N  ND2 . ASN A 1 9   ? -6.488  -15.578 7.676   1.00 14.17 ? 92  ASN A ND2 1 
ATOM   78   N  N   . LEU A 1 10  ? -4.854  -12.761 3.836   1.00 17.88 ? 93  LEU A N   1 
ATOM   79   C  CA  . LEU A 1 10  ? -3.454  -12.483 3.576   1.00 17.93 ? 93  LEU A CA  1 
ATOM   80   C  C   . LEU A 1 10  ? -2.784  -11.881 4.807   1.00 15.95 ? 93  LEU A C   1 
ATOM   81   O  O   . LEU A 1 10  ? -3.427  -11.138 5.590   1.00 19.36 ? 93  LEU A O   1 
ATOM   82   C  CB  . LEU A 1 10  ? -3.361  -11.493 2.380   1.00 16.68 ? 93  LEU A CB  1 
ATOM   83   C  CG  . LEU A 1 10  ? -3.968  -11.967 1.102   1.00 18.62 ? 93  LEU A CG  1 
ATOM   84   C  CD1 . LEU A 1 10  ? -3.869  -10.819 0.053   1.00 19.20 ? 93  LEU A CD1 1 
ATOM   85   C  CD2 . LEU A 1 10  ? -3.368  -13.258 0.623   1.00 13.41 ? 93  LEU A CD2 1 
ATOM   86   N  N   . THR A 1 11  ? -1.490  -12.152 4.993   1.00 16.51 ? 94  THR A N   1 
ATOM   87   C  CA  . THR A 1 11  ? -0.780  -11.556 6.173   1.00 15.29 ? 94  THR A CA  1 
ATOM   88   C  C   . THR A 1 11  ? 0.141   -10.380 5.836   1.00 14.35 ? 94  THR A C   1 
ATOM   89   O  O   . THR A 1 11  ? 0.670   -10.294 4.764   1.00 14.65 ? 94  THR A O   1 
ATOM   90   C  CB  . THR A 1 11  ? 0.100   -12.661 6.894   1.00 16.56 ? 94  THR A CB  1 
ATOM   91   O  OG1 . THR A 1 11  ? 0.833   -13.405 5.887   1.00 16.09 ? 94  THR A OG1 1 
ATOM   92   C  CG2 . THR A 1 11  ? -0.817  -13.676 7.627   1.00 14.49 ? 94  THR A CG2 1 
ATOM   93   N  N   . TYR A 1 12  ? 0.362   -9.430  6.747   1.00 14.52 ? 95  TYR A N   1 
ATOM   94   C  CA  . TYR A 1 12  ? 1.393   -8.458  6.446   1.00 15.18 ? 95  TYR A CA  1 
ATOM   95   C  C   . TYR A 1 12  ? 2.306   -8.205  7.651   1.00 16.62 ? 95  TYR A C   1 
ATOM   96   O  O   . TYR A 1 12  ? 1.925   -8.476  8.825   1.00 14.14 ? 95  TYR A O   1 
ATOM   97   C  CB  . TYR A 1 12  ? 0.753   -7.117  5.995   1.00 13.52 ? 95  TYR A CB  1 
ATOM   98   C  CG  . TYR A 1 12  ? 0.003   -6.420  7.091   1.00 11.15 ? 95  TYR A CG  1 
ATOM   99   C  CD1 . TYR A 1 12  ? 0.604   -5.431  7.834   1.00 10.61 ? 95  TYR A CD1 1 
ATOM   100  C  CD2 . TYR A 1 12  ? -1.358  -6.740  7.353   1.00 11.64 ? 95  TYR A CD2 1 
ATOM   101  C  CE1 . TYR A 1 12  ? -0.084  -4.771  8.791   1.00 13.29 ? 95  TYR A CE1 1 
ATOM   102  C  CE2 . TYR A 1 12  ? -2.070  -6.090  8.321   1.00 13.30 ? 95  TYR A CE2 1 
ATOM   103  C  CZ  . TYR A 1 12  ? -1.445  -5.109  9.021   1.00 13.76 ? 95  TYR A CZ  1 
ATOM   104  O  OH  . TYR A 1 12  ? -2.138  -4.472  9.989   1.00 18.17 ? 95  TYR A OH  1 
ATOM   105  N  N   . ARG A 1 13  ? 3.501   -7.676  7.361   1.00 17.24 ? 96  ARG A N   1 
ATOM   106  C  CA  . ARG A 1 13  ? 4.448   -7.301  8.401   1.00 18.16 ? 96  ARG A CA  1 
ATOM   107  C  C   . ARG A 1 13  ? 5.051   -5.933  8.071   1.00 18.48 ? 96  ARG A C   1 
ATOM   108  O  O   . ARG A 1 13  ? 5.472   -5.732  6.916   1.00 21.26 ? 96  ARG A O   1 
ATOM   109  C  CB  . ARG A 1 13  ? 5.509   -8.422  8.499   1.00 19.39 ? 96  ARG A CB  1 
ATOM   110  C  CG  . ARG A 1 13  ? 6.724   -8.020  9.307   1.00 21.42 ? 96  ARG A CG  1 
ATOM   111  C  CD  . ARG A 1 13  ? 7.734   -9.148  9.440   1.00 24.12 ? 96  ARG A CD  1 
ATOM   112  N  NE  . ARG A 1 13  ? 8.976   -8.676  10.086  1.00 23.18 ? 96  ARG A NE  1 
ATOM   113  C  CZ  . ARG A 1 13  ? 10.063  -9.441  10.190  1.00 26.10 ? 96  ARG A CZ  1 
ATOM   114  N  NH1 . ARG A 1 13  ? 10.032  -10.694 9.723   1.00 23.93 ? 96  ARG A NH1 1 
ATOM   115  N  NH2 . ARG A 1 13  ? 11.175  -8.971  10.741  1.00 21.13 ? 96  ARG A NH2 1 
ATOM   116  N  N   . ILE A 1 14  ? 5.069   -5.014  9.043   1.00 17.66 ? 97  ILE A N   1 
ATOM   117  C  CA  . ILE A 1 14  ? 5.734   -3.723  8.973   1.00 17.17 ? 97  ILE A CA  1 
ATOM   118  C  C   . ILE A 1 14  ? 7.163   -3.958  9.490   1.00 18.23 ? 97  ILE A C   1 
ATOM   119  O  O   . ILE A 1 14  ? 7.379   -4.273  10.669  1.00 17.15 ? 97  ILE A O   1 
ATOM   120  C  CB  . ILE A 1 14  ? 4.972   -2.697  9.789   1.00 17.62 ? 97  ILE A CB  1 
ATOM   121  C  CG1 . ILE A 1 14  ? 3.573   -2.456  9.166   1.00 17.26 ? 97  ILE A CG1 1 
ATOM   122  C  CG2 . ILE A 1 14  ? 5.740   -1.317  9.935   1.00 16.40 ? 97  ILE A CG2 1 
ATOM   123  C  CD1 . ILE A 1 14  ? 2.687   -1.662  10.019  1.00 15.09 ? 97  ILE A CD1 1 
ATOM   124  N  N   A ARG A 1 15  ? 8.161   -3.789  8.631   0.80 17.96 ? 98  ARG A N   1 
ATOM   125  N  N   B ARG A 1 15  ? 8.142   -3.861  8.594   0.20 18.17 ? 98  ARG A N   1 
ATOM   126  C  CA  A ARG A 1 15  ? 9.501   -4.238  9.039   0.80 18.08 ? 98  ARG A CA  1 
ATOM   127  C  CA  B ARG A 1 15  ? 9.510   -4.271  8.932   0.20 18.53 ? 98  ARG A CA  1 
ATOM   128  C  C   A ARG A 1 15  ? 10.294  -3.177  9.695   0.80 17.35 ? 98  ARG A C   1 
ATOM   129  C  C   B ARG A 1 15  ? 10.304  -3.199  9.655   0.20 18.32 ? 98  ARG A C   1 
ATOM   130  O  O   A ARG A 1 15  ? 11.169  -3.472  10.522  0.80 18.50 ? 98  ARG A O   1 
ATOM   131  O  O   B ARG A 1 15  ? 11.147  -3.512  10.499  0.20 18.65 ? 98  ARG A O   1 
ATOM   132  C  CB  A ARG A 1 15  ? 10.303  -4.787  7.893   0.80 16.86 ? 98  ARG A CB  1 
ATOM   133  C  CB  B ARG A 1 15  ? 10.268  -4.756  7.699   0.20 18.34 ? 98  ARG A CB  1 
ATOM   134  C  CG  A ARG A 1 15  ? 9.612   -5.844  7.153   0.80 18.75 ? 98  ARG A CG  1 
ATOM   135  C  CG  B ARG A 1 15  ? 9.769   -6.080  7.167   0.20 19.38 ? 98  ARG A CG  1 
ATOM   136  C  CD  A ARG A 1 15  ? 10.560  -6.413  6.159   0.80 19.63 ? 98  ARG A CD  1 
ATOM   137  C  CD  B ARG A 1 15  ? 10.563  -6.532  5.957   0.20 20.49 ? 98  ARG A CD  1 
ATOM   138  N  NE  A ARG A 1 15  ? 11.792  -6.911  6.796   0.80 18.17 ? 98  ARG A NE  1 
ATOM   139  N  NE  B ARG A 1 15  ? 10.366  -5.653  4.811   0.20 20.67 ? 98  ARG A NE  1 
ATOM   140  C  CZ  A ARG A 1 15  ? 12.056  -8.215  6.998   0.80 18.73 ? 98  ARG A CZ  1 
ATOM   141  C  CZ  B ARG A 1 15  ? 10.487  -6.048  3.551   0.20 20.89 ? 98  ARG A CZ  1 
ATOM   142  N  NH1 A ARG A 1 15  ? 11.181  -9.161  6.668   0.80 14.72 ? 98  ARG A NH1 1 
ATOM   143  N  NH1 B ARG A 1 15  ? 10.795  -7.310  3.281   0.20 21.14 ? 98  ARG A NH1 1 
ATOM   144  N  NH2 A ARG A 1 15  ? 13.204  -8.560  7.549   0.80 15.85 ? 98  ARG A NH2 1 
ATOM   145  N  NH2 B ARG A 1 15  ? 10.276  -5.191  2.565   0.20 20.05 ? 98  ARG A NH2 1 
ATOM   146  N  N   . ASN A 1 16  ? 10.046  -1.941  9.314   1.00 18.70 ? 99  ASN A N   1 
ATOM   147  C  CA  . ASN A 1 16  ? 10.710  -0.799  9.970   1.00 18.47 ? 99  ASN A CA  1 
ATOM   148  C  C   . ASN A 1 16  ? 9.820   0.423   9.939   1.00 18.71 ? 99  ASN A C   1 
ATOM   149  O  O   . ASN A 1 16  ? 8.704   0.369   9.398   1.00 19.55 ? 99  ASN A O   1 
ATOM   150  C  CB  . ASN A 1 16  ? 12.135  -0.551  9.398   1.00 19.54 ? 99  ASN A CB  1 
ATOM   151  C  CG  . ASN A 1 16  ? 12.144  -0.101  7.911   1.00 16.80 ? 99  ASN A CG  1 
ATOM   152  O  OD1 . ASN A 1 16  ? 11.112  0.251   7.355   1.00 15.93 ? 99  ASN A OD1 1 
ATOM   153  N  ND2 . ASN A 1 16  ? 13.323  -0.090  7.298   1.00 16.85 ? 99  ASN A ND2 1 
ATOM   154  N  N   . TYR A 1 17  ? 10.259  1.496   10.572  1.00 20.63 ? 100 TYR A N   1 
ATOM   155  C  CA  . TYR A 1 17  ? 9.433   2.666   10.677  1.00 20.86 ? 100 TYR A CA  1 
ATOM   156  C  C   . TYR A 1 17  ? 10.118  3.866   10.111  1.00 21.65 ? 100 TYR A C   1 
ATOM   157  O  O   . TYR A 1 17  ? 11.329  3.949   10.118  1.00 22.19 ? 100 TYR A O   1 
ATOM   158  C  CB  . TYR A 1 17  ? 9.045   2.880   12.151  1.00 21.38 ? 100 TYR A CB  1 
ATOM   159  C  CG  . TYR A 1 17  ? 8.168   1.741   12.624  1.00 22.71 ? 100 TYR A CG  1 
ATOM   160  C  CD1 . TYR A 1 17  ? 6.788   1.840   12.535  1.00 21.15 ? 100 TYR A CD1 1 
ATOM   161  C  CD2 . TYR A 1 17  ? 8.722   0.547   13.079  1.00 26.83 ? 100 TYR A CD2 1 
ATOM   162  C  CE1 . TYR A 1 17  ? 5.949   0.799   12.955  1.00 25.84 ? 100 TYR A CE1 1 
ATOM   163  C  CE2 . TYR A 1 17  ? 7.895   -0.533  13.477  1.00 27.67 ? 100 TYR A CE2 1 
ATOM   164  C  CZ  . TYR A 1 17  ? 6.500   -0.387  13.406  1.00 29.43 ? 100 TYR A CZ  1 
ATOM   165  O  OH  . TYR A 1 17  ? 5.661   -1.432  13.782  1.00 27.71 ? 100 TYR A OH  1 
ATOM   166  N  N   . THR A 1 18  ? 9.333   4.827   9.650   1.00 22.33 ? 101 THR A N   1 
ATOM   167  C  CA  . THR A 1 18  ? 9.865   6.159   9.388   1.00 22.63 ? 101 THR A CA  1 
ATOM   168  C  C   . THR A 1 18  ? 9.925   6.964   10.695  1.00 24.02 ? 101 THR A C   1 
ATOM   169  O  O   . THR A 1 18  ? 8.993   6.840   11.484  1.00 24.10 ? 101 THR A O   1 
ATOM   170  C  CB  . THR A 1 18  ? 9.022   6.928   8.364   1.00 21.95 ? 101 THR A CB  1 
ATOM   171  O  OG1 . THR A 1 18  ? 9.613   8.207   8.229   1.00 22.47 ? 101 THR A OG1 1 
ATOM   172  C  CG2 . THR A 1 18  ? 7.522   7.081   8.803   1.00 19.12 ? 101 THR A CG2 1 
ATOM   173  N  N   . PRO A 1 19  ? 11.016  7.757   10.928  1.00 25.49 ? 102 PRO A N   1 
ATOM   174  C  CA  . PRO A 1 19  ? 11.176  8.699   12.072  1.00 26.55 ? 102 PRO A CA  1 
ATOM   175  C  C   . PRO A 1 19  ? 10.134  9.827   12.192  1.00 27.73 ? 102 PRO A C   1 
ATOM   176  O  O   . PRO A 1 19  ? 9.901   10.343  13.279  1.00 28.54 ? 102 PRO A O   1 
ATOM   177  C  CB  . PRO A 1 19  ? 12.554  9.340   11.794  1.00 26.41 ? 102 PRO A CB  1 
ATOM   178  C  CG  . PRO A 1 19  ? 13.307  8.265   11.040  1.00 26.59 ? 102 PRO A CG  1 
ATOM   179  C  CD  . PRO A 1 19  ? 12.257  7.725   10.112  1.00 25.30 ? 102 PRO A CD  1 
ATOM   180  N  N   . GLN A 1 20  ? 9.517   10.224  11.097  1.00 28.83 ? 103 GLN A N   1 
ATOM   181  C  CA  . GLN A 1 20  ? 8.581   11.324  11.127  1.00 30.07 ? 103 GLN A CA  1 
ATOM   182  C  C   . GLN A 1 20  ? 7.178   11.079  11.719  1.00 30.08 ? 103 GLN A C   1 
ATOM   183  O  O   . GLN A 1 20  ? 6.371   11.994  11.794  1.00 31.38 ? 103 GLN A O   1 
ATOM   184  C  CB  . GLN A 1 20  ? 8.483   11.847  9.733   1.00 30.53 ? 103 GLN A CB  1 
ATOM   185  C  CG  . GLN A 1 20  ? 9.749   11.583  9.028   1.00 33.36 ? 103 GLN A CG  1 
ATOM   186  C  CD  . GLN A 1 20  ? 9.652   12.049  7.661   1.00 37.76 ? 103 GLN A CD  1 
ATOM   187  O  OE1 . GLN A 1 20  ? 9.073   13.125  7.411   1.00 42.09 ? 103 GLN A OE1 1 
ATOM   188  N  NE2 . GLN A 1 20  ? 10.175  11.248  6.716   1.00 37.05 ? 103 GLN A NE2 1 
ATOM   189  N  N   . LEU A 1 21  ? 6.893   9.862   12.155  1.00 29.97 ? 104 LEU A N   1 
ATOM   190  C  CA  . LEU A 1 21  ? 5.595   9.528   12.700  1.00 29.81 ? 104 LEU A CA  1 
ATOM   191  C  C   . LEU A 1 21  ? 5.871   8.544   13.811  1.00 30.02 ? 104 LEU A C   1 
ATOM   192  O  O   . LEU A 1 21  ? 6.840   7.777   13.687  1.00 30.66 ? 104 LEU A O   1 
ATOM   193  C  CB  . LEU A 1 21  ? 4.710   8.875   11.604  1.00 29.83 ? 104 LEU A CB  1 
ATOM   194  C  CG  . LEU A 1 21  ? 4.204   9.682   10.379  1.00 30.20 ? 104 LEU A CG  1 
ATOM   195  C  CD1 . LEU A 1 21  ? 3.593   8.804   9.256   1.00 26.44 ? 104 LEU A CD1 1 
ATOM   196  C  CD2 . LEU A 1 21  ? 3.208   10.796  10.816  1.00 30.40 ? 104 LEU A CD2 1 
ATOM   197  N  N   . SER A 1 22  ? 5.068   8.565   14.890  1.00 29.21 ? 105 SER A N   1 
ATOM   198  C  CA  . SER A 1 22  ? 5.044   7.441   15.848  1.00 28.22 ? 105 SER A CA  1 
ATOM   199  C  C   . SER A 1 22  ? 4.862   6.106   15.137  1.00 27.86 ? 105 SER A C   1 
ATOM   200  O  O   . SER A 1 22  ? 4.315   6.051   14.033  1.00 25.61 ? 105 SER A O   1 
ATOM   201  C  CB  . SER A 1 22  ? 3.928   7.588   16.908  1.00 30.47 ? 105 SER A CB  1 
ATOM   202  O  OG  . SER A 1 22  ? 2.631   7.297   16.397  1.00 30.56 ? 105 SER A OG  1 
ATOM   203  N  N   . GLU A 1 23  ? 5.314   5.033   15.791  1.00 26.56 ? 106 GLU A N   1 
ATOM   204  C  CA  . GLU A 1 23  ? 5.010   3.687   15.329  1.00 25.19 ? 106 GLU A CA  1 
ATOM   205  C  C   . GLU A 1 23  ? 3.502   3.420   15.217  1.00 25.58 ? 106 GLU A C   1 
ATOM   206  O  O   . GLU A 1 23  ? 3.059   2.724   14.262  1.00 25.40 ? 106 GLU A O   1 
ATOM   207  C  CB  . GLU A 1 23  ? 5.620   2.665   16.239  1.00 25.10 ? 106 GLU A CB  1 
ATOM   208  C  CG  . GLU A 1 23  ? 7.149   2.713   16.280  1.00 30.06 ? 106 GLU A CG  1 
ATOM   209  C  CD  . GLU A 1 23  ? 7.743   1.448   16.857  1.00 34.01 ? 106 GLU A CD  1 
ATOM   210  O  OE1 . GLU A 1 23  ? 6.943   0.572   17.293  1.00 37.13 ? 106 GLU A OE1 1 
ATOM   211  O  OE2 . GLU A 1 23  ? 8.994   1.322   16.865  1.00 35.31 ? 106 GLU A OE2 1 
ATOM   212  N  N   . ALA A 1 24  ? 2.724   3.942   16.177  1.00 25.38 ? 107 ALA A N   1 
ATOM   213  C  CA  . ALA A 1 24  ? 1.261   3.734   16.216  1.00 25.29 ? 107 ALA A CA  1 
ATOM   214  C  C   . ALA A 1 24  ? 0.560   4.456   15.063  1.00 24.79 ? 107 ALA A C   1 
ATOM   215  O  O   . ALA A 1 24  ? -0.426  3.924   14.546  1.00 26.89 ? 107 ALA A O   1 
ATOM   216  C  CB  . ALA A 1 24  ? 0.667   4.179   17.541  1.00 25.83 ? 107 ALA A CB  1 
ATOM   217  N  N   . GLU A 1 25  ? 1.055   5.633   14.667  1.00 24.59 ? 108 GLU A N   1 
ATOM   218  C  CA  . GLU A 1 25  ? 0.563   6.349   13.475  1.00 23.89 ? 108 GLU A CA  1 
ATOM   219  C  C   . GLU A 1 25  ? 0.925   5.569   12.212  1.00 23.40 ? 108 GLU A C   1 
ATOM   220  O  O   . GLU A 1 25  ? 0.074   5.440   11.311  1.00 23.34 ? 108 GLU A O   1 
ATOM   221  C  CB  . GLU A 1 25  ? 1.123   7.754   13.385  1.00 23.94 ? 108 GLU A CB  1 
ATOM   222  C  CG  . GLU A 1 25  ? 0.636   8.745   14.484  1.00 27.20 ? 108 GLU A CG  1 
ATOM   223  C  CD  . GLU A 1 25  ? 1.478   10.014  14.488  1.00 30.50 ? 108 GLU A CD  1 
ATOM   224  O  OE1 . GLU A 1 25  ? 2.722   9.920   14.550  1.00 31.22 ? 108 GLU A OE1 1 
ATOM   225  O  OE2 . GLU A 1 25  ? 0.903   11.120  14.415  1.00 34.42 ? 108 GLU A OE2 1 
ATOM   226  N  N   . VAL A 1 26  ? 2.149   5.024   12.140  1.00 22.05 ? 109 VAL A N   1 
ATOM   227  C  CA  . VAL A 1 26  ? 2.488   4.151   10.984  1.00 19.75 ? 109 VAL A CA  1 
ATOM   228  C  C   . VAL A 1 26  ? 1.571   2.929   10.946  1.00 20.47 ? 109 VAL A C   1 
ATOM   229  O  O   . VAL A 1 26  ? 0.953   2.652   9.912   1.00 20.72 ? 109 VAL A O   1 
ATOM   230  C  CB  . VAL A 1 26  ? 4.045   3.761   10.832  1.00 19.21 ? 109 VAL A CB  1 
ATOM   231  C  CG1 . VAL A 1 26  ? 4.274   2.510   9.891   1.00 16.76 ? 109 VAL A CG1 1 
ATOM   232  C  CG2 . VAL A 1 26  ? 4.823   4.899   10.258  1.00 15.69 ? 109 VAL A CG2 1 
ATOM   233  N  N   A GLU A 1 27  ? 1.543   2.165   12.029  0.80 20.54 ? 110 GLU A N   1 
ATOM   234  N  N   B GLU A 1 27  ? 1.488   2.203   12.063  0.20 19.85 ? 110 GLU A N   1 
ATOM   235  C  CA  A GLU A 1 27  ? 0.619   1.051   12.199  0.80 20.27 ? 110 GLU A CA  1 
ATOM   236  C  CA  B GLU A 1 27  ? 0.579   1.056   12.209  0.20 19.23 ? 110 GLU A CA  1 
ATOM   237  C  C   A GLU A 1 27  ? -0.841  1.380   11.790  0.80 19.79 ? 110 GLU A C   1 
ATOM   238  C  C   B GLU A 1 27  ? -0.850  1.391   11.759  0.20 19.24 ? 110 GLU A C   1 
ATOM   239  O  O   A GLU A 1 27  ? -1.437  0.589   11.107  0.80 19.54 ? 110 GLU A O   1 
ATOM   240  O  O   B GLU A 1 27  ? -1.446  0.635   11.002  0.20 19.19 ? 110 GLU A O   1 
ATOM   241  C  CB  A GLU A 1 27  ? 0.604   0.637   13.684  0.80 20.95 ? 110 GLU A CB  1 
ATOM   242  C  CB  B GLU A 1 27  ? 0.506   0.594   13.671  0.20 19.06 ? 110 GLU A CB  1 
ATOM   243  C  CG  A GLU A 1 27  ? 1.938   0.135   14.196  0.80 23.87 ? 110 GLU A CG  1 
ATOM   244  C  CG  B GLU A 1 27  ? 1.714   -0.139  14.224  0.20 17.80 ? 110 GLU A CG  1 
ATOM   245  C  CD  A GLU A 1 27  ? 2.304   -1.133  13.509  0.80 25.97 ? 110 GLU A CD  1 
ATOM   246  C  CD  B GLU A 1 27  ? 1.640   -0.255  15.737  0.20 15.18 ? 110 GLU A CD  1 
ATOM   247  O  OE1 A GLU A 1 27  ? 1.479   -1.583  12.717  0.80 28.65 ? 110 GLU A OE1 1 
ATOM   248  O  OE1 B GLU A 1 27  ? 1.062   0.650   16.367  0.20 14.21 ? 110 GLU A OE1 1 
ATOM   249  O  OE2 A GLU A 1 27  ? 3.388   -1.681  13.762  0.80 30.52 ? 110 GLU A OE2 1 
ATOM   250  O  OE2 B GLU A 1 27  ? 2.155   -1.234  16.298  0.20 14.03 ? 110 GLU A OE2 1 
ATOM   251  N  N   . ARG A 1 28  ? -1.380  2.514   12.250  1.00 19.06 ? 111 ARG A N   1 
ATOM   252  C  CA  . ARG A 1 28  ? -2.770  2.973   11.955  1.00 19.40 ? 111 ARG A CA  1 
ATOM   253  C  C   . ARG A 1 28  ? -2.966  3.251   10.457  1.00 19.29 ? 111 ARG A C   1 
ATOM   254  O  O   . ARG A 1 28  ? -3.939  2.756   9.813   1.00 19.54 ? 111 ARG A O   1 
ATOM   255  C  CB  . ARG A 1 28  ? -3.111  4.234   12.823  1.00 20.07 ? 111 ARG A CB  1 
ATOM   256  C  CG  . ARG A 1 28  ? -4.537  4.891   12.639  1.00 23.00 ? 111 ARG A CG  1 
ATOM   257  C  CD  . ARG A 1 28  ? -5.729  3.818   12.457  1.00 25.37 ? 111 ARG A CD  1 
ATOM   258  N  NE  . ARG A 1 28  ? -5.969  3.007   13.662  1.00 27.56 ? 111 ARG A NE  1 
ATOM   259  C  CZ  . ARG A 1 28  ? -6.934  2.077   13.826  1.00 29.00 ? 111 ARG A CZ  1 
ATOM   260  N  NH1 . ARG A 1 28  ? -7.048  1.424   14.983  1.00 29.91 ? 111 ARG A NH1 1 
ATOM   261  N  NH2 . ARG A 1 28  ? -7.824  1.809   12.886  1.00 22.47 ? 111 ARG A NH2 1 
ATOM   262  N  N   . ALA A 1 29  ? -2.014  3.992   9.874   1.00 18.66 ? 112 ALA A N   1 
ATOM   263  C  CA  . ALA A 1 29  ? -2.015  4.240   8.437   1.00 16.82 ? 112 ALA A CA  1 
ATOM   264  C  C   . ALA A 1 29  ? -2.035  2.976   7.606   1.00 16.46 ? 112 ALA A C   1 
ATOM   265  O  O   . ALA A 1 29  ? -2.794  2.915   6.652   1.00 16.72 ? 112 ALA A O   1 
ATOM   266  C  CB  . ALA A 1 29  ? -0.831  5.128   8.016   1.00 18.00 ? 112 ALA A CB  1 
ATOM   267  N  N   . ILE A 1 30  ? -1.244  1.971   7.981   1.00 14.27 ? 113 ILE A N   1 
ATOM   268  C  CA  . ILE A 1 30  ? -1.175  0.725   7.196   1.00 13.41 ? 113 ILE A CA  1 
ATOM   269  C  C   . ILE A 1 30  ? -2.465  -0.061  7.365   1.00 13.90 ? 113 ILE A C   1 
ATOM   270  O  O   . ILE A 1 30  ? -3.029  -0.613  6.394   1.00 13.48 ? 113 ILE A O   1 
ATOM   271  C  CB  . ILE A 1 30  ? 0.043   -0.153  7.629   1.00 13.99 ? 113 ILE A CB  1 
ATOM   272  C  CG1 . ILE A 1 30  ? 1.373   0.587   7.366   1.00 15.97 ? 113 ILE A CG1 1 
ATOM   273  C  CG2 . ILE A 1 30  ? 0.063   -1.541  6.881   1.00 13.17 ? 113 ILE A CG2 1 
ATOM   274  C  CD1 . ILE A 1 30  ? 1.404   1.326   6.070   1.00 18.34 ? 113 ILE A CD1 1 
ATOM   275  N  N   . LYS A 1 31  ? -2.940  -0.131  8.612   1.00 13.89 ? 114 LYS A N   1 
ATOM   276  C  CA  . LYS A 1 31  ? -4.164  -0.860  8.923   1.00 14.01 ? 114 LYS A CA  1 
ATOM   277  C  C   . LYS A 1 31  ? -5.379  -0.298  8.171   1.00 13.69 ? 114 LYS A C   1 
ATOM   278  O  O   . LYS A 1 31  ? -6.162  -1.056  7.548   1.00 10.44 ? 114 LYS A O   1 
ATOM   279  C  CB  . LYS A 1 31  ? -4.410  -0.802  10.401  1.00 15.50 ? 114 LYS A CB  1 
ATOM   280  C  CG  . LYS A 1 31  ? -5.696  -1.479  10.858  1.00 20.13 ? 114 LYS A CG  1 
ATOM   281  C  CD  . LYS A 1 31  ? -6.099  -0.759  12.122  1.00 21.94 ? 114 LYS A CD  1 
ATOM   282  C  CE  . LYS A 1 31  ? -6.384  -1.737  13.225  1.00 29.61 ? 114 LYS A CE  1 
ATOM   283  N  NZ  . LYS A 1 31  ? -7.416  -2.734  12.833  1.00 29.98 ? 114 LYS A NZ  1 
ATOM   284  N  N   . ASP A 1 32  ? -5.531  1.025   8.217   1.00 13.23 ? 115 ASP A N   1 
ATOM   285  C  CA  . ASP A 1 32  ? -6.637  1.698   7.490   1.00 14.05 ? 115 ASP A CA  1 
ATOM   286  C  C   . ASP A 1 32  ? -6.564  1.525   5.973   1.00 16.06 ? 115 ASP A C   1 
ATOM   287  O  O   . ASP A 1 32  ? -7.603  1.305   5.267   1.00 14.51 ? 115 ASP A O   1 
ATOM   288  C  CB  . ASP A 1 32  ? -6.672  3.150   7.908   1.00 15.82 ? 115 ASP A CB  1 
ATOM   289  C  CG  . ASP A 1 32  ? -7.296  3.330   9.312   1.00 14.77 ? 115 ASP A CG  1 
ATOM   290  O  OD1 . ASP A 1 32  ? -7.581  2.300   10.027  1.00 16.07 ? 115 ASP A OD1 1 
ATOM   291  O  OD2 . ASP A 1 32  ? -7.387  4.502   9.754   1.00 23.26 ? 115 ASP A OD2 1 
ATOM   292  N  N   . ALA A 1 33  ? -5.328  1.566   5.469   1.00 14.18 ? 116 ALA A N   1 
ATOM   293  C  CA  . ALA A 1 33  ? -5.088  1.406   4.041   1.00 13.85 ? 116 ALA A CA  1 
ATOM   294  C  C   . ALA A 1 33  ? -5.496  0.011   3.555   1.00 13.05 ? 116 ALA A C   1 
ATOM   295  O  O   . ALA A 1 33  ? -6.173  -0.082  2.499   1.00 13.55 ? 116 ALA A O   1 
ATOM   296  C  CB  . ALA A 1 33  ? -3.640  1.756   3.654   1.00 11.89 ? 116 ALA A CB  1 
ATOM   297  N  N   . PHE A 1 34  ? -5.174  -1.046  4.323   1.00 11.73 ? 117 PHE A N   1 
ATOM   298  C  CA  . PHE A 1 34  ? -5.641  -2.390  4.015   1.00 11.82 ? 117 PHE A CA  1 
ATOM   299  C  C   . PHE A 1 34  ? -7.172  -2.430  4.160   1.00 13.23 ? 117 PHE A C   1 
ATOM   300  O  O   . PHE A 1 34  ? -7.855  -3.022  3.330   1.00 11.77 ? 117 PHE A O   1 
ATOM   301  C  CB  . PHE A 1 34  ? -5.018  -3.457  4.928   1.00 10.95 ? 117 PHE A CB  1 
ATOM   302  C  CG  . PHE A 1 34  ? -3.653  -3.858  4.509   1.00 15.94 ? 117 PHE A CG  1 
ATOM   303  C  CD1 . PHE A 1 34  ? -3.441  -4.442  3.241   1.00 11.46 ? 117 PHE A CD1 1 
ATOM   304  C  CD2 . PHE A 1 34  ? -2.597  -3.722  5.351   1.00 11.37 ? 117 PHE A CD2 1 
ATOM   305  C  CE1 . PHE A 1 34  ? -2.185  -4.874  2.851   1.00 12.87 ? 117 PHE A CE1 1 
ATOM   306  C  CE2 . PHE A 1 34  ? -1.321  -4.143  4.979   1.00 13.05 ? 117 PHE A CE2 1 
ATOM   307  C  CZ  . PHE A 1 34  ? -1.095  -4.730  3.712   1.00 12.59 ? 117 PHE A CZ  1 
ATOM   308  N  N   . GLU A 1 35  ? -7.727  -1.774  5.191   1.00 14.06 ? 118 GLU A N   1 
ATOM   309  C  CA  . GLU A 1 35  ? -9.202  -1.817  5.431   1.00 15.62 ? 118 GLU A CA  1 
ATOM   310  C  C   . GLU A 1 35  ? -10.030 -1.243  4.238   1.00 16.77 ? 118 GLU A C   1 
ATOM   311  O  O   . GLU A 1 35  ? -11.082 -1.784  3.898   1.00 17.07 ? 118 GLU A O   1 
ATOM   312  C  CB  . GLU A 1 35  ? -9.604  -1.090  6.724   1.00 16.03 ? 118 GLU A CB  1 
ATOM   313  C  CG  . GLU A 1 35  ? -11.137 -1.238  7.054   1.00 20.38 ? 118 GLU A CG  1 
ATOM   314  C  CD  . GLU A 1 35  ? -11.528 -2.657  7.576   1.00 26.78 ? 118 GLU A CD  1 
ATOM   315  O  OE1 . GLU A 1 35  ? -10.604 -3.498  7.701   1.00 30.85 ? 118 GLU A OE1 1 
ATOM   316  O  OE2 . GLU A 1 35  ? -12.734 -2.943  7.891   1.00 27.39 ? 118 GLU A OE2 1 
ATOM   317  N  N   . LEU A 1 36  ? -9.532  -0.189  3.571   1.00 15.82 ? 119 LEU A N   1 
ATOM   318  C  CA  . LEU A 1 36  ? -10.222 0.376   2.422   1.00 15.38 ? 119 LEU A CA  1 
ATOM   319  C  C   . LEU A 1 36  ? -10.436 -0.719  1.404   1.00 14.15 ? 119 LEU A C   1 
ATOM   320  O  O   . LEU A 1 36  ? -11.491 -0.761  0.760   1.00 14.34 ? 119 LEU A O   1 
ATOM   321  C  CB  . LEU A 1 36  ? -9.388  1.433   1.722   1.00 16.82 ? 119 LEU A CB  1 
ATOM   322  C  CG  . LEU A 1 36  ? -9.187  2.837   2.215   1.00 17.98 ? 119 LEU A CG  1 
ATOM   323  C  CD1 . LEU A 1 36  ? -8.378  3.459   1.100   1.00 21.01 ? 119 LEU A CD1 1 
ATOM   324  C  CD2 . LEU A 1 36  ? -10.509 3.586   2.310   1.00 21.89 ? 119 LEU A CD2 1 
ATOM   325  N  N   . TRP A 1 37  ? -9.467  -1.620  1.245   1.00 13.24 ? 120 TRP A N   1 
ATOM   326  C  CA  . TRP A 1 37  ? -9.643  -2.655  0.180   1.00 11.60 ? 120 TRP A CA  1 
ATOM   327  C  C   . TRP A 1 37  ? -10.469 -3.853  0.705   1.00 12.86 ? 120 TRP A C   1 
ATOM   328  O  O   . TRP A 1 37  ? -11.102 -4.650  -0.090  1.00 12.31 ? 120 TRP A O   1 
ATOM   329  C  CB  . TRP A 1 37  ? -8.295  -3.182  -0.294  1.00 13.30 ? 120 TRP A CB  1 
ATOM   330  C  CG  . TRP A 1 37  ? -7.451  -2.202  -1.002  1.00 15.25 ? 120 TRP A CG  1 
ATOM   331  C  CD1 . TRP A 1 37  ? -6.376  -1.532  -0.491  1.00 13.33 ? 120 TRP A CD1 1 
ATOM   332  C  CD2 . TRP A 1 37  ? -7.657  -1.683  -2.341  1.00 15.10 ? 120 TRP A CD2 1 
ATOM   333  N  NE1 . TRP A 1 37  ? -5.870  -0.667  -1.442  1.00 14.62 ? 120 TRP A NE1 1 
ATOM   334  C  CE2 . TRP A 1 37  ? -6.656  -0.705  -2.565  1.00 14.55 ? 120 TRP A CE2 1 
ATOM   335  C  CE3 . TRP A 1 37  ? -8.621  -1.899  -3.327  1.00 12.18 ? 120 TRP A CE3 1 
ATOM   336  C  CZ2 . TRP A 1 37  ? -6.545  -0.006  -3.775  1.00 14.51 ? 120 TRP A CZ2 1 
ATOM   337  C  CZ3 . TRP A 1 37  ? -8.509  -1.211  -4.532  1.00 19.68 ? 120 TRP A CZ3 1 
ATOM   338  C  CH2 . TRP A 1 37  ? -7.472  -0.267  -4.740  1.00 16.54 ? 120 TRP A CH2 1 
ATOM   339  N  N   A SER A 1 38  ? -10.446 -4.014  2.023   0.64 12.80 ? 121 SER A N   1 
ATOM   340  N  N   B SER A 1 38  ? -10.421 -4.036  2.029   0.36 12.71 ? 121 SER A N   1 
ATOM   341  C  CA  A SER A 1 38  ? -11.075 -5.154  2.644   0.64 13.25 ? 121 SER A CA  1 
ATOM   342  C  CA  B SER A 1 38  ? -11.094 -5.162  2.675   0.36 13.01 ? 121 SER A CA  1 
ATOM   343  C  C   A SER A 1 38  ? -12.591 -4.976  2.621   0.64 13.42 ? 121 SER A C   1 
ATOM   344  C  C   B SER A 1 38  ? -12.605 -4.983  2.641   0.36 13.37 ? 121 SER A C   1 
ATOM   345  O  O   A SER A 1 38  ? -13.309 -5.915  2.296   0.64 14.91 ? 121 SER A O   1 
ATOM   346  O  O   B SER A 1 38  ? -13.330 -5.925  2.329   0.36 14.30 ? 121 SER A O   1 
ATOM   347  C  CB  A SER A 1 38  ? -10.468 -5.395  4.027   0.64 13.11 ? 121 SER A CB  1 
ATOM   348  C  CB  B SER A 1 38  ? -10.539 -5.464  4.088   0.36 12.83 ? 121 SER A CB  1 
ATOM   349  O  OG  A SER A 1 38  ? -10.987 -6.536  4.652   0.64 12.17 ? 121 SER A OG  1 
ATOM   350  O  OG  B SER A 1 38  ? -10.748 -4.412  5.035   0.36 11.36 ? 121 SER A OG  1 
ATOM   351  N  N   . VAL A 1 39  ? -13.070 -3.766  2.915   1.00 14.10 ? 122 VAL A N   1 
ATOM   352  C  CA  . VAL A 1 39  ? -14.515 -3.457  2.950   1.00 13.85 ? 122 VAL A CA  1 
ATOM   353  C  C   . VAL A 1 39  ? -15.159 -3.559  1.550   1.00 15.32 ? 122 VAL A C   1 
ATOM   354  O  O   . VAL A 1 39  ? -16.377 -3.579  1.431   1.00 15.33 ? 122 VAL A O   1 
ATOM   355  C  CB  . VAL A 1 39  ? -14.826 -2.071  3.615   1.00 16.82 ? 122 VAL A CB  1 
ATOM   356  C  CG1 . VAL A 1 39  ? -14.385 -2.073  5.082   1.00 13.69 ? 122 VAL A CG1 1 
ATOM   357  C  CG2 . VAL A 1 39  ? -14.222 -0.878  2.836   1.00 17.10 ? 122 VAL A CG2 1 
ATOM   358  N  N   . ALA A 1 40  ? -14.340 -3.717  0.500   1.00 12.63 ? 123 ALA A N   1 
ATOM   359  C  CA  . ALA A 1 40  ? -14.827 -3.743  -0.859  1.00 11.31 ? 123 ALA A CA  1 
ATOM   360  C  C   . ALA A 1 40  ? -14.593 -5.072  -1.522  1.00 10.88 ? 123 ALA A C   1 
ATOM   361  O  O   . ALA A 1 40  ? -14.883 -5.188  -2.717  1.00 11.49 ? 123 ALA A O   1 
ATOM   362  C  CB  . ALA A 1 40  ? -14.229 -2.539  -1.708  1.00 8.88  ? 123 ALA A CB  1 
ATOM   363  N  N   . SER A 1 41  ? -14.094 -6.067  -0.772  1.00 11.05 ? 124 SER A N   1 
ATOM   364  C  CA  . SER A 1 41  ? -13.668 -7.387  -1.394  1.00 12.21 ? 124 SER A CA  1 
ATOM   365  C  C   . SER A 1 41  ? -13.799 -8.534  -0.367  1.00 13.10 ? 124 SER A C   1 
ATOM   366  O  O   . SER A 1 41  ? -14.175 -8.249  0.793   1.00 13.63 ? 124 SER A O   1 
ATOM   367  C  CB  . SER A 1 41  ? -12.223 -7.297  -1.883  1.00 13.05 ? 124 SER A CB  1 
ATOM   368  O  OG  . SER A 1 41  ? -11.278 -7.113  -0.808  1.00 12.41 ? 124 SER A OG  1 
ATOM   369  N  N   . PRO A 1 42  ? -13.476 -9.790  -0.740  1.00 10.51 ? 125 PRO A N   1 
ATOM   370  C  CA  . PRO A 1 42  ? -13.434 -10.934 0.230   1.00 11.22 ? 125 PRO A CA  1 
ATOM   371  C  C   . PRO A 1 42  ? -12.111 -10.998 1.003   1.00 12.37 ? 125 PRO A C   1 
ATOM   372  O  O   . PRO A 1 42  ? -11.906 -11.892 1.877   1.00 13.14 ? 125 PRO A O   1 
ATOM   373  C  CB  . PRO A 1 42  ? -13.530 -12.217 -0.695  1.00 10.26 ? 125 PRO A CB  1 
ATOM   374  C  CG  . PRO A 1 42  ? -13.733 -11.663 -2.063  1.00 11.69 ? 125 PRO A CG  1 
ATOM   375  C  CD  . PRO A 1 42  ? -13.186 -10.271 -2.110  1.00 12.12 ? 125 PRO A CD  1 
ATOM   376  N  N   . LEU A 1 43  ? -11.222 -10.023 0.776   1.00 13.37 ? 126 LEU A N   1 
ATOM   377  C  CA  . LEU A 1 43  ? -9.893  -10.103 1.369   1.00 12.56 ? 126 LEU A CA  1 
ATOM   378  C  C   . LEU A 1 43  ? -9.856  -9.689  2.822   1.00 13.49 ? 126 LEU A C   1 
ATOM   379  O  O   . LEU A 1 43  ? -10.484 -8.660  3.235   1.00 13.37 ? 126 LEU A O   1 
ATOM   380  C  CB  . LEU A 1 43  ? -8.887  -9.274  0.543   1.00 14.02 ? 126 LEU A CB  1 
ATOM   381  C  CG  . LEU A 1 43  ? -8.654  -9.753  -0.926  1.00 10.12 ? 126 LEU A CG  1 
ATOM   382  C  CD1 . LEU A 1 43  ? -7.697  -8.863  -1.678  1.00 13.94 ? 126 LEU A CD1 1 
ATOM   383  C  CD2 . LEU A 1 43  ? -8.127  -11.152 -0.974  1.00 20.81 ? 126 LEU A CD2 1 
ATOM   384  N  N   . ILE A 1 44  ? -9.073  -10.448 3.608   1.00 12.37 ? 127 ILE A N   1 
ATOM   385  C  CA  . ILE A 1 44  ? -8.995  -10.180 5.077   1.00 14.33 ? 127 ILE A CA  1 
ATOM   386  C  C   . ILE A 1 44  ? -7.498  -10.057 5.420   1.00 13.59 ? 127 ILE A C   1 
ATOM   387  O  O   . ILE A 1 44  ? -6.753  -10.899 5.027   1.00 14.23 ? 127 ILE A O   1 
ATOM   388  C  CB  . ILE A 1 44  ? -9.683  -11.301 5.930   1.00 13.38 ? 127 ILE A CB  1 
ATOM   389  C  CG1 . ILE A 1 44  ? -11.202 -11.310 5.628   1.00 14.65 ? 127 ILE A CG1 1 
ATOM   390  C  CG2 . ILE A 1 44  ? -9.370  -11.053 7.436   1.00 15.63 ? 127 ILE A CG2 1 
ATOM   391  C  CD1 . ILE A 1 44  ? -11.996 -12.462 6.242   1.00 15.41 ? 127 ILE A CD1 1 
ATOM   392  N  N   . PHE A 1 45  ? -7.080  -8.974  6.062   1.00 11.78 ? 128 PHE A N   1 
ATOM   393  C  CA  . PHE A 1 45  ? -5.652  -8.734  6.235   1.00 12.33 ? 128 PHE A CA  1 
ATOM   394  C  C   . PHE A 1 45  ? -5.306  -8.919  7.692   1.00 12.66 ? 128 PHE A C   1 
ATOM   395  O  O   . PHE A 1 45  ? -5.882  -8.253  8.548   1.00 13.91 ? 128 PHE A O   1 
ATOM   396  C  CB  . PHE A 1 45  ? -5.228  -7.310  5.707   1.00 12.38 ? 128 PHE A CB  1 
ATOM   397  C  CG  . PHE A 1 45  ? -5.426  -7.141  4.232   1.00 17.21 ? 128 PHE A CG  1 
ATOM   398  C  CD1 . PHE A 1 45  ? -4.553  -7.782  3.324   1.00 15.21 ? 128 PHE A CD1 1 
ATOM   399  C  CD2 . PHE A 1 45  ? -6.537  -6.398  3.715   1.00 16.95 ? 128 PHE A CD2 1 
ATOM   400  C  CE1 . PHE A 1 45  ? -4.761  -7.671  1.931   1.00 19.34 ? 128 PHE A CE1 1 
ATOM   401  C  CE2 . PHE A 1 45  ? -6.765  -6.318  2.329   1.00 18.39 ? 128 PHE A CE2 1 
ATOM   402  C  CZ  . PHE A 1 45  ? -5.874  -6.937  1.435   1.00 15.93 ? 128 PHE A CZ  1 
ATOM   403  N  N   . THR A 1 46  ? -4.286  -9.732  7.959   1.00 15.54 ? 129 THR A N   1 
ATOM   404  C  CA  . THR A 1 46  ? -3.902  -10.074 9.313   1.00 15.31 ? 129 THR A CA  1 
ATOM   405  C  C   . THR A 1 46  ? -2.440  -9.737  9.566   1.00 15.50 ? 129 THR A C   1 
ATOM   406  O  O   . THR A 1 46  ? -1.565  -10.147 8.809   1.00 15.52 ? 129 THR A O   1 
ATOM   407  C  CB  . THR A 1 46  ? -4.196  -11.575 9.625   1.00 17.36 ? 129 THR A CB  1 
ATOM   408  O  OG1 . THR A 1 46  ? -5.603  -11.892 9.374   1.00 18.52 ? 129 THR A OG1 1 
ATOM   409  C  CG2 . THR A 1 46  ? -3.822  -11.885 11.133  1.00 16.40 ? 129 THR A CG2 1 
ATOM   410  N  N   A ARG A 1 47  ? -2.185  -8.994  10.646  0.50 15.53 ? 130 ARG A N   1 
ATOM   411  N  N   B ARG A 1 47  ? -2.191  -9.044  10.666  0.50 15.78 ? 130 ARG A N   1 
ATOM   412  C  CA  A ARG A 1 47  ? -0.851  -8.492  10.990  0.50 16.39 ? 130 ARG A CA  1 
ATOM   413  C  CA  B ARG A 1 47  ? -0.876  -8.549  10.966  0.50 16.88 ? 130 ARG A CA  1 
ATOM   414  C  C   A ARG A 1 47  ? 0.014   -9.566  11.678  0.50 17.54 ? 130 ARG A C   1 
ATOM   415  C  C   B ARG A 1 47  ? 0.013   -9.583  11.681  0.50 17.78 ? 130 ARG A C   1 
ATOM   416  O  O   A ARG A 1 47  ? -0.479  -10.397 12.439  0.50 15.96 ? 130 ARG A O   1 
ATOM   417  O  O   B ARG A 1 47  ? -0.459  -10.396 12.475  0.50 16.06 ? 130 ARG A O   1 
ATOM   418  C  CB  A ARG A 1 47  ? -0.985  -7.234  11.900  0.50 16.20 ? 130 ARG A CB  1 
ATOM   419  C  CB  B ARG A 1 47  ? -1.012  -7.282  11.818  0.50 16.98 ? 130 ARG A CB  1 
ATOM   420  C  CG  A ARG A 1 47  ? 0.352   -6.504  12.221  0.50 15.42 ? 130 ARG A CG  1 
ATOM   421  C  CG  B ARG A 1 47  ? 0.324   -6.679  12.068  0.50 17.96 ? 130 ARG A CG  1 
ATOM   422  C  CD  A ARG A 1 47  ? 0.237   -5.196  13.068  0.50 17.14 ? 130 ARG A CD  1 
ATOM   423  C  CD  B ARG A 1 47  ? 0.327   -5.378  12.796  0.50 21.51 ? 130 ARG A CD  1 
ATOM   424  N  NE  A ARG A 1 47  ? 1.572   -4.674  13.360  0.50 14.12 ? 130 ARG A NE  1 
ATOM   425  N  NE  B ARG A 1 47  ? 1.686   -5.228  13.262  0.50 22.54 ? 130 ARG A NE  1 
ATOM   426  C  CZ  A ARG A 1 47  ? 2.355   -5.164  14.318  0.50 14.45 ? 130 ARG A CZ  1 
ATOM   427  C  CZ  B ARG A 1 47  ? 2.080   -4.500  14.287  0.50 22.78 ? 130 ARG A CZ  1 
ATOM   428  N  NH1 A ARG A 1 47  ? 1.910   -6.136  15.099  0.50 15.65 ? 130 ARG A NH1 1 
ATOM   429  N  NH1 B ARG A 1 47  ? 1.207   -3.767  14.987  0.50 21.78 ? 130 ARG A NH1 1 
ATOM   430  N  NH2 A ARG A 1 47  ? 3.573   -4.691  14.500  0.50 15.83 ? 130 ARG A NH2 1 
ATOM   431  N  NH2 B ARG A 1 47  ? 3.370   -4.509  14.594  0.50 23.50 ? 130 ARG A NH2 1 
ATOM   432  N  N   . ILE A 1 48  ? 1.305   -9.571  11.379  1.00 18.98 ? 131 ILE A N   1 
ATOM   433  C  CA  . ILE A 1 48  ? 2.269   -10.391 12.122  1.00 21.10 ? 131 ILE A CA  1 
ATOM   434  C  C   . ILE A 1 48  ? 3.398   -9.411  12.450  1.00 23.49 ? 131 ILE A C   1 
ATOM   435  O  O   . ILE A 1 48  ? 3.633   -8.485  11.666  1.00 21.26 ? 131 ILE A O   1 
ATOM   436  C  CB  . ILE A 1 48  ? 2.791   -11.710 11.395  1.00 22.68 ? 131 ILE A CB  1 
ATOM   437  C  CG1 . ILE A 1 48  ? 3.368   -11.474 10.039  1.00 26.19 ? 131 ILE A CG1 1 
ATOM   438  C  CG2 . ILE A 1 48  ? 1.710   -12.787 11.178  1.00 21.58 ? 131 ILE A CG2 1 
ATOM   439  C  CD1 . ILE A 1 48  ? 3.844   -12.845 9.379   1.00 30.11 ? 131 ILE A CD1 1 
ATOM   440  N  N   . SER A 1 49  ? 4.053   -9.579  13.601  1.00 25.06 ? 132 SER A N   1 
ATOM   441  C  CA  . SER A 1 49  ? 5.163   -8.697  13.961  1.00 28.96 ? 132 SER A CA  1 
ATOM   442  C  C   . SER A 1 49  ? 6.528   -9.218  13.543  1.00 31.78 ? 132 SER A C   1 
ATOM   443  O  O   . SER A 1 49  ? 7.505   -8.467  13.678  1.00 33.45 ? 132 SER A O   1 
ATOM   444  C  CB  . SER A 1 49  ? 5.185   -8.364  15.458  1.00 28.44 ? 132 SER A CB  1 
ATOM   445  O  OG  . SER A 1 49  ? 3.934   -7.925  15.921  1.00 25.24 ? 132 SER A OG  1 
ATOM   446  N  N   A GLN A 1 50  ? 6.602   -10.479 13.081  0.58 32.82 ? 133 GLN A N   1 
ATOM   447  N  N   B GLN A 1 50  ? 6.595   -10.469 13.052  0.42 32.86 ? 133 GLN A N   1 
ATOM   448  C  CA  A GLN A 1 50  ? 7.855   -11.119 12.636  0.58 33.79 ? 133 GLN A CA  1 
ATOM   449  C  CA  B GLN A 1 50  ? 7.854   -11.159 12.711  0.42 33.86 ? 133 GLN A CA  1 
ATOM   450  C  C   A GLN A 1 50  ? 7.595   -12.394 11.798  0.58 34.89 ? 133 GLN A C   1 
ATOM   451  C  C   B GLN A 1 50  ? 7.606   -12.430 11.863  0.42 34.92 ? 133 GLN A C   1 
ATOM   452  O  O   A GLN A 1 50  ? 6.470   -12.882 11.675  0.58 35.84 ? 133 GLN A O   1 
ATOM   453  O  O   B GLN A 1 50  ? 6.486   -12.940 11.784  0.42 35.64 ? 133 GLN A O   1 
ATOM   454  C  CB  A GLN A 1 50  ? 8.815   -11.425 13.797  0.58 33.44 ? 133 GLN A CB  1 
ATOM   455  C  CB  B GLN A 1 50  ? 8.674   -11.459 13.978  0.42 33.75 ? 133 GLN A CB  1 
ATOM   456  C  CG  A GLN A 1 50  ? 8.830   -10.386 14.912  0.58 33.78 ? 133 GLN A CG  1 
ATOM   457  C  CG  B GLN A 1 50  ? 9.542   -12.702 13.942  0.42 33.83 ? 133 GLN A CG  1 
ATOM   458  C  CD  A GLN A 1 50  ? 10.046  -9.501  14.954  0.58 33.19 ? 133 GLN A CD  1 
ATOM   459  C  CD  B GLN A 1 50  ? 8.726   -13.978 13.958  0.42 34.98 ? 133 GLN A CD  1 
ATOM   460  O  OE1 A GLN A 1 50  ? 11.172  -9.975  14.911  0.58 34.12 ? 133 GLN A OE1 1 
ATOM   461  O  OE1 B GLN A 1 50  ? 9.266   -15.096 13.980  0.42 34.31 ? 133 GLN A OE1 1 
ATOM   462  N  NE2 A GLN A 1 50  ? 9.820   -8.196  15.091  0.58 33.03 ? 133 GLN A NE2 1 
ATOM   463  N  NE2 B GLN A 1 50  ? 7.410   -13.819 13.940  0.42 36.86 ? 133 GLN A NE2 1 
ATOM   464  N  N   . GLY A 1 51  ? 8.636   -12.929 11.194  1.00 35.88 ? 134 GLY A N   1 
ATOM   465  C  CA  . GLY A 1 51  ? 8.462   -14.134 10.378  1.00 37.30 ? 134 GLY A CA  1 
ATOM   466  C  C   . GLY A 1 51  ? 7.976   -13.742 8.999   1.00 37.83 ? 134 GLY A C   1 
ATOM   467  O  O   . GLY A 1 51  ? 8.005   -12.551 8.642   1.00 38.37 ? 134 GLY A O   1 
ATOM   468  N  N   A GLU A 1 52  ? 7.474   -14.709 8.220   0.54 37.34 ? 135 GLU A N   1 
ATOM   469  N  N   B GLU A 1 52  ? 7.582   -14.761 8.251   0.46 37.33 ? 135 GLU A N   1 
ATOM   470  C  CA  A GLU A 1 52  ? 7.367   -14.564 6.742   0.54 36.67 ? 135 GLU A CA  1 
ATOM   471  C  CA  B GLU A 1 52  ? 7.170   -14.578 6.894   0.46 36.72 ? 135 GLU A CA  1 
ATOM   472  C  C   A GLU A 1 52  ? 5.967   -14.228 6.095   0.54 35.20 ? 135 GLU A C   1 
ATOM   473  C  C   B GLU A 1 52  ? 5.710   -14.155 6.856   0.46 35.27 ? 135 GLU A C   1 
ATOM   474  O  O   A GLU A 1 52  ? 5.377   -15.086 5.410   0.54 34.90 ? 135 GLU A O   1 
ATOM   475  O  O   B GLU A 1 52  ? 4.832   -14.839 7.397   0.46 35.36 ? 135 GLU A O   1 
ATOM   476  C  CB  A GLU A 1 52  ? 8.029   -15.794 6.062   0.54 37.48 ? 135 GLU A CB  1 
ATOM   477  C  CB  B GLU A 1 52  ? 7.460   -15.840 6.072   0.46 37.41 ? 135 GLU A CB  1 
ATOM   478  C  CG  A GLU A 1 52  ? 9.474   -15.593 5.518   0.54 38.93 ? 135 GLU A CG  1 
ATOM   479  C  CG  B GLU A 1 52  ? 7.751   -17.071 6.914   0.46 39.14 ? 135 GLU A CG  1 
ATOM   480  C  CD  A GLU A 1 52  ? 10.583  -15.518 6.585   0.54 41.77 ? 135 GLU A CD  1 
ATOM   481  C  CD  B GLU A 1 52  ? 6.638   -18.078 6.813   0.46 41.86 ? 135 GLU A CD  1 
ATOM   482  O  OE1 A GLU A 1 52  ? 10.360  -15.934 7.744   0.54 43.64 ? 135 GLU A OE1 1 
ATOM   483  O  OE1 B GLU A 1 52  ? 5.617   -17.737 6.185   0.46 43.40 ? 135 GLU A OE1 1 
ATOM   484  O  OE2 A GLU A 1 52  ? 11.706  -15.053 6.249   0.54 42.69 ? 135 GLU A OE2 1 
ATOM   485  O  OE2 B GLU A 1 52  ? 6.784   -19.201 7.336   0.46 42.80 ? 135 GLU A OE2 1 
ATOM   486  N  N   . ALA A 1 53  ? 5.487   -12.980 6.273   1.00 33.36 ? 136 ALA A N   1 
ATOM   487  C  CA  . ALA A 1 53  ? 4.131   -12.536 5.855   1.00 29.85 ? 136 ALA A CA  1 
ATOM   488  C  C   . ALA A 1 53  ? 4.028   -12.519 4.364   1.00 27.98 ? 136 ALA A C   1 
ATOM   489  O  O   . ALA A 1 53  ? 5.042   -12.478 3.687   1.00 27.29 ? 136 ALA A O   1 
ATOM   490  C  CB  . ALA A 1 53  ? 3.838   -11.180 6.376   1.00 28.39 ? 136 ALA A CB  1 
ATOM   491  N  N   . ASP A 1 54  ? 2.804   -12.517 3.833   1.00 25.52 ? 137 ASP A N   1 
ATOM   492  C  CA  . ASP A 1 54  ? 2.607   -12.369 2.360   1.00 23.11 ? 137 ASP A CA  1 
ATOM   493  C  C   . ASP A 1 54  ? 3.066   -10.992 1.866   1.00 21.84 ? 137 ASP A C   1 
ATOM   494  O  O   . ASP A 1 54  ? 3.604   -10.902 0.769   1.00 22.29 ? 137 ASP A O   1 
ATOM   495  C  CB  . ASP A 1 54  ? 1.141   -12.592 1.952   1.00 22.30 ? 137 ASP A CB  1 
ATOM   496  C  CG  . ASP A 1 54  ? 0.642   -13.960 2.374   1.00 22.83 ? 137 ASP A CG  1 
ATOM   497  O  OD1 . ASP A 1 54  ? 1.322   -14.961 2.008   1.00 25.74 ? 137 ASP A OD1 1 
ATOM   498  O  OD2 . ASP A 1 54  ? -0.420  -14.043 3.037   1.00 20.68 ? 137 ASP A OD2 1 
ATOM   499  N  N   . ILE A 1 55  ? 2.839   -9.948  2.674   1.00 18.97 ? 138 ILE A N   1 
ATOM   500  C  CA  . ILE A 1 55  ? 3.137   -8.588  2.276   1.00 16.82 ? 138 ILE A CA  1 
ATOM   501  C  C   . ILE A 1 55  ? 4.088   -7.968  3.258   1.00 17.62 ? 138 ILE A C   1 
ATOM   502  O  O   . ILE A 1 55  ? 3.685   -7.593  4.376   1.00 16.54 ? 138 ILE A O   1 
ATOM   503  C  CB  . ILE A 1 55  ? 1.827   -7.746  2.164   1.00 16.74 ? 138 ILE A CB  1 
ATOM   504  C  CG1 . ILE A 1 55  ? 1.014   -8.301  1.004   1.00 10.72 ? 138 ILE A CG1 1 
ATOM   505  C  CG2 . ILE A 1 55  ? 2.135   -6.300  1.959   1.00 12.95 ? 138 ILE A CG2 1 
ATOM   506  C  CD1 . ILE A 1 55  ? -0.502  -7.877  0.999   1.00 11.59 ? 138 ILE A CD1 1 
ATOM   507  N  N   . ASN A 1 56  ? 5.365   -7.827  2.866   1.00 16.83 ? 139 ASN A N   1 
ATOM   508  C  CA  . ASN A 1 56  ? 6.263   -7.022  3.717   1.00 16.69 ? 139 ASN A CA  1 
ATOM   509  C  C   . ASN A 1 56  ? 6.203   -5.587  3.346   1.00 16.71 ? 139 ASN A C   1 
ATOM   510  O  O   . ASN A 1 56  ? 6.194   -5.269  2.150   1.00 18.02 ? 139 ASN A O   1 
ATOM   511  C  CB  . ASN A 1 56  ? 7.710   -7.527  3.595   1.00 17.91 ? 139 ASN A CB  1 
ATOM   512  C  CG  . ASN A 1 56  ? 7.895   -8.864  4.227   1.00 23.02 ? 139 ASN A CG  1 
ATOM   513  O  OD1 . ASN A 1 56  ? 8.108   -8.974  5.457   1.00 23.47 ? 139 ASN A OD1 1 
ATOM   514  N  ND2 . ASN A 1 56  ? 7.758   -9.933  3.402   1.00 28.62 ? 139 ASN A ND2 1 
ATOM   515  N  N   . ILE A 1 57  ? 6.162   -4.727  4.369   1.00 16.60 ? 140 ILE A N   1 
ATOM   516  C  CA  . ILE A 1 57  ? 6.128   -3.276  4.279   1.00 16.39 ? 140 ILE A CA  1 
ATOM   517  C  C   . ILE A 1 57  ? 7.441   -2.769  4.869   1.00 15.80 ? 140 ILE A C   1 
ATOM   518  O  O   . ILE A 1 57  ? 7.810   -3.174  5.942   1.00 17.34 ? 140 ILE A O   1 
ATOM   519  C  CB  . ILE A 1 57  ? 4.946   -2.720  5.071   1.00 16.38 ? 140 ILE A CB  1 
ATOM   520  C  CG1 . ILE A 1 57  ? 3.653   -2.997  4.285   1.00 17.19 ? 140 ILE A CG1 1 
ATOM   521  C  CG2 . ILE A 1 57  ? 5.066   -1.198  5.262   1.00 14.27 ? 140 ILE A CG2 1 
ATOM   522  C  CD1 . ILE A 1 57  ? 2.541   -3.546  5.120   1.00 15.12 ? 140 ILE A CD1 1 
ATOM   523  N  N   . ALA A 1 58  ? 8.153   -1.901  4.165   1.00 14.68 ? 141 ALA A N   1 
ATOM   524  C  CA  . ALA A 1 58  ? 9.438   -1.356  4.660   1.00 14.96 ? 141 ALA A CA  1 
ATOM   525  C  C   . ALA A 1 58  ? 9.712   0.082   4.130   1.00 14.68 ? 141 ALA A C   1 
ATOM   526  O  O   . ALA A 1 58  ? 9.196   0.461   3.042   1.00 14.48 ? 141 ALA A O   1 
ATOM   527  C  CB  . ALA A 1 58  ? 10.548  -2.288  4.278   1.00 11.45 ? 141 ALA A CB  1 
ATOM   528  N  N   . PHE A 1 59  ? 10.431  0.902   4.913   1.00 13.24 ? 142 PHE A N   1 
ATOM   529  C  CA  . PHE A 1 59  ? 10.911  2.195   4.445   1.00 13.27 ? 142 PHE A CA  1 
ATOM   530  C  C   . PHE A 1 59  ? 12.388  2.054   4.027   1.00 14.26 ? 142 PHE A C   1 
ATOM   531  O  O   . PHE A 1 59  ? 13.234  1.649   4.854   1.00 14.88 ? 142 PHE A O   1 
ATOM   532  C  CB  . PHE A 1 59  ? 10.813  3.267   5.595   1.00 11.05 ? 142 PHE A CB  1 
ATOM   533  C  CG  . PHE A 1 59  ? 9.407   3.611   5.946   1.00 13.55 ? 142 PHE A CG  1 
ATOM   534  C  CD1 . PHE A 1 59  ? 8.727   4.624   5.278   1.00 9.30  ? 142 PHE A CD1 1 
ATOM   535  C  CD2 . PHE A 1 59  ? 8.720   2.884   6.935   1.00 15.96 ? 142 PHE A CD2 1 
ATOM   536  C  CE1 . PHE A 1 59  ? 7.412   4.903   5.581   1.00 10.63 ? 142 PHE A CE1 1 
ATOM   537  C  CE2 . PHE A 1 59  ? 7.355   3.165   7.215   1.00 18.68 ? 142 PHE A CE2 1 
ATOM   538  C  CZ  . PHE A 1 59  ? 6.717   4.175   6.522   1.00 16.46 ? 142 PHE A CZ  1 
ATOM   539  N  N   . TYR A 1 60  ? 12.716  2.372   2.778   1.00 14.75 ? 143 TYR A N   1 
ATOM   540  C  CA  . TYR A 1 60  ? 14.131  2.341   2.306   1.00 15.45 ? 143 TYR A CA  1 
ATOM   541  C  C   . TYR A 1 60  ? 14.530  3.552   1.510   1.00 15.17 ? 143 TYR A C   1 
ATOM   542  O  O   . TYR A 1 60  ? 13.681  4.191   0.879   1.00 15.99 ? 143 TYR A O   1 
ATOM   543  C  CB  . TYR A 1 60  ? 14.399  1.151   1.409   1.00 13.55 ? 143 TYR A CB  1 
ATOM   544  C  CG  . TYR A 1 60  ? 14.164  -0.208  2.045   1.00 19.11 ? 143 TYR A CG  1 
ATOM   545  C  CD1 . TYR A 1 60  ? 14.753  -0.552  3.304   1.00 18.26 ? 143 TYR A CD1 1 
ATOM   546  C  CD2 . TYR A 1 60  ? 13.348  -1.162  1.391   1.00 16.52 ? 143 TYR A CD2 1 
ATOM   547  C  CE1 . TYR A 1 60  ? 14.540  -1.803  3.854   1.00 17.30 ? 143 TYR A CE1 1 
ATOM   548  C  CE2 . TYR A 1 60  ? 13.110  -2.376  1.929   1.00 18.60 ? 143 TYR A CE2 1 
ATOM   549  C  CZ  . TYR A 1 60  ? 13.730  -2.721  3.153   1.00 20.02 ? 143 TYR A CZ  1 
ATOM   550  O  OH  . TYR A 1 60  ? 13.469  -3.966  3.682   1.00 18.34 ? 143 TYR A OH  1 
ATOM   551  N  N   . GLN A 1 61  ? 15.837  3.814   1.505   1.00 16.03 ? 144 GLN A N   1 
ATOM   552  C  CA  . GLN A 1 61  ? 16.492  4.874   0.700   1.00 18.14 ? 144 GLN A CA  1 
ATOM   553  C  C   . GLN A 1 61  ? 17.211  4.312   -0.505  1.00 16.99 ? 144 GLN A C   1 
ATOM   554  O  O   . GLN A 1 61  ? 17.894  3.320   -0.361  1.00 17.98 ? 144 GLN A O   1 
ATOM   555  C  CB  . GLN A 1 61  ? 17.617  5.495   1.494   1.00 18.60 ? 144 GLN A CB  1 
ATOM   556  C  CG  . GLN A 1 61  ? 17.174  6.181   2.712   1.00 24.17 ? 144 GLN A CG  1 
ATOM   557  C  CD  . GLN A 1 61  ? 18.131  7.227   3.099   1.00 30.31 ? 144 GLN A CD  1 
ATOM   558  O  OE1 . GLN A 1 61  ? 19.130  7.457   2.408   1.00 36.17 ? 144 GLN A OE1 1 
ATOM   559  N  NE2 . GLN A 1 61  ? 17.865  7.871   4.223   1.00 33.94 ? 144 GLN A NE2 1 
ATOM   560  N  N   . ARG A 1 62  ? 17.117  5.014   -1.641  1.00 15.49 ? 145 ARG A N   1 
ATOM   561  C  CA  . ARG A 1 62  ? 17.966  4.827   -2.835  1.00 14.65 ? 145 ARG A CA  1 
ATOM   562  C  C   . ARG A 1 62  ? 18.011  3.379   -3.130  1.00 14.67 ? 145 ARG A C   1 
ATOM   563  O  O   . ARG A 1 62  ? 16.950  2.790   -3.042  1.00 15.66 ? 145 ARG A O   1 
ATOM   564  C  CB  . ARG A 1 62  ? 19.358  5.425   -2.651  1.00 13.35 ? 145 ARG A CB  1 
ATOM   565  C  CG  . ARG A 1 62  ? 19.305  6.897   -2.317  1.00 13.12 ? 145 ARG A CG  1 
ATOM   566  C  CD  . ARG A 1 62  ? 18.930  7.752   -3.542  1.00 16.61 ? 145 ARG A CD  1 
ATOM   567  N  NE  . ARG A 1 62  ? 18.901  9.177   -3.164  1.00 22.06 ? 145 ARG A NE  1 
ATOM   568  C  CZ  . ARG A 1 62  ? 19.127  10.229  -3.963  1.00 21.11 ? 145 ARG A CZ  1 
ATOM   569  N  NH1 . ARG A 1 62  ? 19.341  10.060  -5.275  1.00 19.50 ? 145 ARG A NH1 1 
ATOM   570  N  NH2 . ARG A 1 62  ? 19.094  11.480  -3.413  1.00 22.62 ? 145 ARG A NH2 1 
ATOM   571  N  N   . ASP A 1 63  ? 19.213  2.811   -3.383  1.00 13.64 ? 146 ASP A N   1 
ATOM   572  C  CA  . ASP A 1 63  ? 19.401  1.373   -3.619  1.00 15.68 ? 146 ASP A CA  1 
ATOM   573  C  C   . ASP A 1 63  ? 19.029  0.500   -2.387  1.00 14.46 ? 146 ASP A C   1 
ATOM   574  O  O   . ASP A 1 63  ? 19.569  0.691   -1.293  1.00 16.60 ? 146 ASP A O   1 
ATOM   575  C  CB  . ASP A 1 63  ? 20.871  1.043   -3.862  1.00 17.46 ? 146 ASP A CB  1 
ATOM   576  C  CG  . ASP A 1 63  ? 21.418  1.681   -5.104  1.00 22.84 ? 146 ASP A CG  1 
ATOM   577  O  OD1 . ASP A 1 63  ? 20.714  1.651   -6.150  1.00 26.88 ? 146 ASP A OD1 1 
ATOM   578  O  OD2 . ASP A 1 63  ? 22.545  2.209   -4.998  1.00 30.64 ? 146 ASP A OD2 1 
ATOM   579  N  N   . HIS A 1 64  ? 18.104  -0.414  -2.561  1.00 12.75 ? 147 HIS A N   1 
ATOM   580  C  CA  . HIS A 1 64  ? 17.707  -1.272  -1.450  1.00 13.31 ? 147 HIS A CA  1 
ATOM   581  C  C   . HIS A 1 64  ? 17.444  -2.710  -1.860  1.00 14.27 ? 147 HIS A C   1 
ATOM   582  O  O   . HIS A 1 64  ? 16.629  -3.421  -1.254  1.00 14.72 ? 147 HIS A O   1 
ATOM   583  C  CB  . HIS A 1 64  ? 16.568  -0.667  -0.633  1.00 12.77 ? 147 HIS A CB  1 
ATOM   584  C  CG  . HIS A 1 64  ? 15.376  -0.348  -1.471  1.00 15.00 ? 147 HIS A CG  1 
ATOM   585  N  ND1 . HIS A 1 64  ? 15.302  0.784   -2.246  1.00 15.10 ? 147 HIS A ND1 1 
ATOM   586  C  CD2 . HIS A 1 64  ? 14.263  -1.066  -1.742  1.00 17.00 ? 147 HIS A CD2 1 
ATOM   587  C  CE1 . HIS A 1 64  ? 14.180  0.762   -2.948  1.00 15.60 ? 147 HIS A CE1 1 
ATOM   588  N  NE2 . HIS A 1 64  ? 13.523  -0.336  -2.645  1.00 20.98 ? 147 HIS A NE2 1 
ATOM   589  N  N   . GLY A 1 65  ? 18.222  -3.167  -2.797  1.00 13.96 ? 148 GLY A N   1 
ATOM   590  C  CA  . GLY A 1 65  ? 18.295  -4.609  -3.023  1.00 17.75 ? 148 GLY A CA  1 
ATOM   591  C  C   . GLY A 1 65  ? 17.319  -5.239  -3.971  1.00 20.21 ? 148 GLY A C   1 
ATOM   592  O  O   . GLY A 1 65  ? 17.410  -6.476  -4.195  1.00 22.40 ? 148 GLY A O   1 
ATOM   593  N  N   . ASP A 1 66  ? 16.402  -4.459  -4.563  1.00 20.90 ? 149 ASP A N   1 
ATOM   594  C  CA  . ASP A 1 66  ? 15.480  -5.008  -5.530  1.00 22.67 ? 149 ASP A CA  1 
ATOM   595  C  C   . ASP A 1 66  ? 15.671  -4.506  -6.966  1.00 25.32 ? 149 ASP A C   1 
ATOM   596  O  O   . ASP A 1 66  ? 14.881  -4.853  -7.890  1.00 26.77 ? 149 ASP A O   1 
ATOM   597  C  CB  . ASP A 1 66  ? 14.008  -4.880  -5.073  1.00 21.19 ? 149 ASP A CB  1 
ATOM   598  C  CG  . ASP A 1 66  ? 13.504  -3.437  -5.027  1.00 19.80 ? 149 ASP A CG  1 
ATOM   599  O  OD1 . ASP A 1 66  ? 14.265  -2.516  -5.449  1.00 15.78 ? 149 ASP A OD1 1 
ATOM   600  O  OD2 . ASP A 1 66  ? 12.292  -3.221  -4.603  1.00 8.31  ? 149 ASP A OD2 1 
ATOM   601  N  N   . ASN A 1 67  ? 16.730  -3.742  -7.197  1.00 26.69 ? 150 ASN A N   1 
ATOM   602  C  CA  . ASN A 1 67  ? 16.972  -3.247  -8.554  1.00 27.98 ? 150 ASN A CA  1 
ATOM   603  C  C   . ASN A 1 67  ? 15.998  -2.187  -9.071  1.00 26.65 ? 150 ASN A C   1 
ATOM   604  O  O   . ASN A 1 67  ? 16.031  -1.860  -10.255 1.00 28.42 ? 150 ASN A O   1 
ATOM   605  C  CB  . ASN A 1 67  ? 17.007  -4.403  -9.546  1.00 28.66 ? 150 ASN A CB  1 
ATOM   606  C  CG  . ASN A 1 67  ? 17.902  -4.090  -10.796 1.00 34.52 ? 150 ASN A CG  1 
ATOM   607  O  OD1 . ASN A 1 67  ? 18.739  -3.141  -10.796 1.00 33.71 ? 150 ASN A OD1 1 
ATOM   608  N  ND2 . ASN A 1 67  ? 17.689  -4.876  -11.872 1.00 33.33 ? 150 ASN A ND2 1 
ATOM   609  N  N   . SER A 1 68  ? 15.137  -1.641  -8.211  1.00 24.45 ? 151 SER A N   1 
ATOM   610  C  CA  . SER A 1 68  ? 14.419  -0.388  -8.529  1.00 22.03 ? 151 SER A CA  1 
ATOM   611  C  C   . SER A 1 68  ? 14.709  0.596   -7.436  1.00 19.69 ? 151 SER A C   1 
ATOM   612  O  O   . SER A 1 68  ? 13.950  0.701   -6.492  1.00 21.33 ? 151 SER A O   1 
ATOM   613  C  CB  . SER A 1 68  ? 12.900  -0.537  -8.622  1.00 21.39 ? 151 SER A CB  1 
ATOM   614  O  OG  . SER A 1 68  ? 12.594  -1.721  -9.250  1.00 24.50 ? 151 SER A OG  1 
ATOM   615  N  N   . PRO A 1 69  ? 15.784  1.378   -7.583  1.00 18.55 ? 152 PRO A N   1 
ATOM   616  C  CA  . PRO A 1 69  ? 16.176  2.269   -6.493  1.00 16.95 ? 152 PRO A CA  1 
ATOM   617  C  C   . PRO A 1 69  ? 15.220  3.404   -6.294  1.00 17.29 ? 152 PRO A C   1 
ATOM   618  O  O   . PRO A 1 69  ? 14.564  3.807   -7.256  1.00 18.56 ? 152 PRO A O   1 
ATOM   619  C  CB  . PRO A 1 69  ? 17.556  2.791   -6.945  1.00 18.37 ? 152 PRO A CB  1 
ATOM   620  C  CG  . PRO A 1 69  ? 17.591  2.574   -8.419  1.00 20.50 ? 152 PRO A CG  1 
ATOM   621  C  CD  . PRO A 1 69  ? 16.828  1.282   -8.612  1.00 18.63 ? 152 PRO A CD  1 
ATOM   622  N  N   . PHE A 1 70  ? 15.145  3.938   -5.083  1.00 13.94 ? 153 PHE A N   1 
ATOM   623  C  CA  . PHE A 1 70  ? 14.409  5.133   -4.866  1.00 13.48 ? 153 PHE A CA  1 
ATOM   624  C  C   . PHE A 1 70  ? 15.266  6.373   -5.216  1.00 14.71 ? 153 PHE A C   1 
ATOM   625  O  O   . PHE A 1 70  ? 16.463  6.212   -5.482  1.00 13.32 ? 153 PHE A O   1 
ATOM   626  C  CB  . PHE A 1 70  ? 13.968  5.191   -3.426  1.00 14.08 ? 153 PHE A CB  1 
ATOM   627  C  CG  . PHE A 1 70  ? 12.744  4.341   -3.130  1.00 12.51 ? 153 PHE A CG  1 
ATOM   628  C  CD1 . PHE A 1 70  ? 11.585  4.468   -3.889  1.00 12.49 ? 153 PHE A CD1 1 
ATOM   629  C  CD2 . PHE A 1 70  ? 12.743  3.497   -2.053  1.00 10.67 ? 153 PHE A CD2 1 
ATOM   630  C  CE1 . PHE A 1 70  ? 10.373  3.690   -3.550  1.00 9.74  ? 153 PHE A CE1 1 
ATOM   631  C  CE2 . PHE A 1 70  ? 11.636  2.689   -1.723  1.00 8.04  ? 153 PHE A CE2 1 
ATOM   632  C  CZ  . PHE A 1 70  ? 10.428  2.800   -2.464  1.00 4.90  ? 153 PHE A CZ  1 
ATOM   633  N  N   . ASP A 1 71  ? 14.679  7.594   -5.150  1.00 12.04 ? 154 ASP A N   1 
ATOM   634  C  CA  . ASP A 1 71  ? 15.290  8.733   -5.877  1.00 13.80 ? 154 ASP A CA  1 
ATOM   635  C  C   . ASP A 1 71  ? 15.425  9.987   -5.042  1.00 14.33 ? 154 ASP A C   1 
ATOM   636  O  O   . ASP A 1 71  ? 15.525  11.070  -5.607  1.00 14.69 ? 154 ASP A O   1 
ATOM   637  C  CB  . ASP A 1 71  ? 14.488  9.121   -7.143  1.00 12.39 ? 154 ASP A CB  1 
ATOM   638  C  CG  . ASP A 1 71  ? 12.991  9.359   -6.887  1.00 14.53 ? 154 ASP A CG  1 
ATOM   639  O  OD1 . ASP A 1 71  ? 12.475  9.140   -5.758  1.00 13.91 ? 154 ASP A OD1 1 
ATOM   640  O  OD2 . ASP A 1 71  ? 12.276  9.823   -7.828  1.00 14.81 ? 154 ASP A OD2 1 
ATOM   641  N  N   . GLY A 1 72  ? 15.402  9.866   -3.743  1.00 14.30 ? 155 GLY A N   1 
ATOM   642  C  CA  . GLY A 1 72  ? 15.497  11.075  -2.927  1.00 17.15 ? 155 GLY A CA  1 
ATOM   643  C  C   . GLY A 1 72  ? 14.137  11.737  -2.906  1.00 19.62 ? 155 GLY A C   1 
ATOM   644  O  O   . GLY A 1 72  ? 13.178  11.207  -3.497  1.00 22.18 ? 155 GLY A O   1 
ATOM   645  N  N   . PRO A 1 73  ? 14.030  12.894  -2.234  1.00 19.31 ? 156 PRO A N   1 
ATOM   646  C  CA  . PRO A 1 73  ? 12.742  13.541  -2.002  1.00 20.45 ? 156 PRO A CA  1 
ATOM   647  C  C   . PRO A 1 73  ? 11.914  13.872  -3.276  1.00 20.47 ? 156 PRO A C   1 
ATOM   648  O  O   . PRO A 1 73  ? 12.483  14.309  -4.299  1.00 21.15 ? 156 PRO A O   1 
ATOM   649  C  CB  . PRO A 1 73  ? 13.114  14.806  -1.181  1.00 19.82 ? 156 PRO A CB  1 
ATOM   650  C  CG  . PRO A 1 73  ? 14.512  14.504  -0.636  1.00 21.22 ? 156 PRO A CG  1 
ATOM   651  C  CD  . PRO A 1 73  ? 15.164  13.680  -1.735  1.00 19.25 ? 156 PRO A CD  1 
ATOM   652  N  N   . ASN A 1 74  ? 10.592  13.603  -3.182  1.00 19.56 ? 157 ASN A N   1 
ATOM   653  C  CA  . ASN A 1 74  ? 9.596   13.746  -4.249  1.00 18.67 ? 157 ASN A CA  1 
ATOM   654  C  C   . ASN A 1 74  ? 9.804   12.684  -5.351  1.00 17.47 ? 157 ASN A C   1 
ATOM   655  O  O   . ASN A 1 74  ? 10.516  11.712  -5.112  1.00 17.99 ? 157 ASN A O   1 
ATOM   656  C  CB  . ASN A 1 74  ? 9.594   15.163  -4.793  1.00 18.33 ? 157 ASN A CB  1 
ATOM   657  C  CG  . ASN A 1 74  ? 9.461   16.171  -3.694  1.00 20.98 ? 157 ASN A CG  1 
ATOM   658  O  OD1 . ASN A 1 74  ? 10.361  16.972  -3.442  1.00 27.40 ? 157 ASN A OD1 1 
ATOM   659  N  ND2 . ASN A 1 74  ? 8.355   16.117  -3.004  1.00 16.22 ? 157 ASN A ND2 1 
ATOM   660  N  N   . GLY A 1 75  ? 9.234   12.877  -6.536  1.00 15.54 ? 158 GLY A N   1 
ATOM   661  C  CA  . GLY A 1 75  ? 9.346   11.837  -7.574  1.00 16.20 ? 158 GLY A CA  1 
ATOM   662  C  C   . GLY A 1 75  ? 8.683   10.507  -7.167  1.00 17.08 ? 158 GLY A C   1 
ATOM   663  O  O   . GLY A 1 75  ? 7.470   10.488  -6.903  1.00 18.74 ? 158 GLY A O   1 
ATOM   664  N  N   . ILE A 1 76  ? 9.433   9.386   -7.203  1.00 16.78 ? 159 ILE A N   1 
ATOM   665  C  CA  . ILE A 1 76  ? 8.889   8.092   -6.727  1.00 15.66 ? 159 ILE A CA  1 
ATOM   666  C  C   . ILE A 1 76  ? 8.610   8.108   -5.189  1.00 15.28 ? 159 ILE A C   1 
ATOM   667  O  O   . ILE A 1 76  ? 9.543   8.233   -4.421  1.00 16.52 ? 159 ILE A O   1 
ATOM   668  C  CB  . ILE A 1 76  ? 9.863   6.992   -7.013  1.00 17.30 ? 159 ILE A CB  1 
ATOM   669  C  CG1 . ILE A 1 76  ? 10.106  6.876   -8.537  1.00 15.08 ? 159 ILE A CG1 1 
ATOM   670  C  CG2 . ILE A 1 76  ? 9.346   5.734   -6.368  1.00 14.79 ? 159 ILE A CG2 1 
ATOM   671  C  CD1 . ILE A 1 76  ? 11.394  6.186   -8.942  1.00 15.74 ? 159 ILE A CD1 1 
ATOM   672  N  N   . LEU A 1 77  ? 7.353   7.991   -4.737  1.00 14.38 ? 160 LEU A N   1 
ATOM   673  C  CA  . LEU A 1 77  ? 7.081   7.989   -3.291  1.00 13.64 ? 160 LEU A CA  1 
ATOM   674  C  C   . LEU A 1 77  ? 7.250   6.569   -2.692  1.00 13.30 ? 160 LEU A C   1 
ATOM   675  O  O   . LEU A 1 77  ? 7.602   6.431   -1.514  1.00 11.82 ? 160 LEU A O   1 
ATOM   676  C  CB  . LEU A 1 77  ? 5.678   8.532   -2.975  1.00 12.98 ? 160 LEU A CB  1 
ATOM   677  C  CG  . LEU A 1 77  ? 5.321   9.815   -3.753  1.00 14.80 ? 160 LEU A CG  1 
ATOM   678  C  CD1 . LEU A 1 77  ? 3.885   10.293  -3.436  1.00 14.68 ? 160 LEU A CD1 1 
ATOM   679  C  CD2 . LEU A 1 77  ? 6.413   10.933  -3.490  1.00 15.36 ? 160 LEU A CD2 1 
ATOM   680  N  N   . ALA A 1 78  ? 6.952   5.548   -3.520  1.00 11.55 ? 161 ALA A N   1 
ATOM   681  C  CA  . ALA A 1 78  ? 6.823   4.200   -3.027  1.00 11.46 ? 161 ALA A CA  1 
ATOM   682  C  C   . ALA A 1 78  ? 6.680   3.381   -4.260  1.00 12.37 ? 161 ALA A C   1 
ATOM   683  O  O   . ALA A 1 78  ? 6.504   3.948   -5.342  1.00 16.05 ? 161 ALA A O   1 
ATOM   684  C  CB  . ALA A 1 78  ? 5.601   4.072   -2.107  1.00 10.78 ? 161 ALA A CB  1 
ATOM   685  N  N   . HIS A 1 79  ? 6.867   2.066   -4.129  1.00 11.76 ? 162 HIS A N   1 
ATOM   686  C  CA  . HIS A 1 79  ? 6.498   1.079   -5.188  1.00 9.66  ? 162 HIS A CA  1 
ATOM   687  C  C   . HIS A 1 79  ? 6.042   -0.240  -4.544  1.00 11.64 ? 162 HIS A C   1 
ATOM   688  O  O   . HIS A 1 79  ? 6.222   -0.427  -3.331  1.00 9.61  ? 162 HIS A O   1 
ATOM   689  C  CB  . HIS A 1 79  ? 7.610   0.899   -6.259  1.00 9.37  ? 162 HIS A CB  1 
ATOM   690  C  CG  . HIS A 1 79  ? 8.936   0.399   -5.745  1.00 5.46  ? 162 HIS A CG  1 
ATOM   691  N  ND1 . HIS A 1 79  ? 10.140  0.807   -6.290  1.00 5.87  ? 162 HIS A ND1 1 
ATOM   692  C  CD2 . HIS A 1 79  ? 9.247   -0.524  -4.802  1.00 2.98  ? 162 HIS A CD2 1 
ATOM   693  C  CE1 . HIS A 1 79  ? 11.146  0.248   -5.623  1.00 5.72  ? 162 HIS A CE1 1 
ATOM   694  N  NE2 . HIS A 1 79  ? 10.630  -0.580  -4.723  1.00 5.02  ? 162 HIS A NE2 1 
ATOM   695  N  N   . ALA A 1 80  ? 5.488   -1.193  -5.322  1.00 9.47  ? 163 ALA A N   1 
ATOM   696  C  CA  . ALA A 1 80  ? 4.959   -2.378  -4.693  1.00 10.49 ? 163 ALA A CA  1 
ATOM   697  C  C   . ALA A 1 80  ? 4.992   -3.409  -5.813  1.00 11.43 ? 163 ALA A C   1 
ATOM   698  O  O   . ALA A 1 80  ? 4.873   -3.006  -6.973  1.00 11.66 ? 163 ALA A O   1 
ATOM   699  C  CB  . ALA A 1 80  ? 3.523   -2.207  -4.188  1.00 9.57  ? 163 ALA A CB  1 
ATOM   700  N  N   . PHE A 1 81  ? 5.131   -4.680  -5.461  1.00 12.90 ? 164 PHE A N   1 
ATOM   701  C  CA  . PHE A 1 81  ? 5.208   -5.778  -6.422  1.00 14.90 ? 164 PHE A CA  1 
ATOM   702  C  C   . PHE A 1 81  ? 3.889   -6.514  -6.513  1.00 16.41 ? 164 PHE A C   1 
ATOM   703  O  O   . PHE A 1 81  ? 3.216   -6.704  -5.494  1.00 18.62 ? 164 PHE A O   1 
ATOM   704  C  CB  . PHE A 1 81  ? 6.291   -6.749  -5.949  1.00 15.31 ? 164 PHE A CB  1 
ATOM   705  C  CG  . PHE A 1 81  ? 7.673   -6.189  -6.081  1.00 18.18 ? 164 PHE A CG  1 
ATOM   706  C  CD1 . PHE A 1 81  ? 8.464   -6.510  -7.173  1.00 15.64 ? 164 PHE A CD1 1 
ATOM   707  C  CD2 . PHE A 1 81  ? 8.140   -5.271  -5.136  1.00 15.79 ? 164 PHE A CD2 1 
ATOM   708  C  CE1 . PHE A 1 81  ? 9.756   -5.959  -7.304  1.00 17.77 ? 164 PHE A CE1 1 
ATOM   709  C  CE2 . PHE A 1 81  ? 9.436   -4.728  -5.233  1.00 19.09 ? 164 PHE A CE2 1 
ATOM   710  C  CZ  . PHE A 1 81  ? 10.223  -5.040  -6.332  1.00 20.25 ? 164 PHE A CZ  1 
ATOM   711  N  N   . GLN A 1 82  ? 3.553   -6.972  -7.735  1.00 17.80 ? 165 GLN A N   1 
ATOM   712  C  CA  . GLN A 1 82  ? 2.359   -7.789  -8.061  1.00 19.07 ? 165 GLN A CA  1 
ATOM   713  C  C   . GLN A 1 82  ? 2.286   -9.092  -7.215  1.00 17.27 ? 165 GLN A C   1 
ATOM   714  O  O   . GLN A 1 82  ? 3.329   -9.581  -6.717  1.00 16.63 ? 165 GLN A O   1 
ATOM   715  C  CB  . GLN A 1 82  ? 2.313   -8.095  -9.564  1.00 19.59 ? 165 GLN A CB  1 
ATOM   716  C  CG  . GLN A 1 82  ? 3.350   -9.077  -9.948  1.00 26.52 ? 165 GLN A CG  1 
ATOM   717  C  CD  . GLN A 1 82  ? 3.361   -9.456  -11.441 1.00 34.10 ? 165 GLN A CD  1 
ATOM   718  O  OE1 . GLN A 1 82  ? 2.871   -8.713  -12.301 1.00 38.55 ? 165 GLN A OE1 1 
ATOM   719  N  NE2 . GLN A 1 82  ? 3.966   -10.598 -11.744 1.00 34.45 ? 165 GLN A NE2 1 
ATOM   720  N  N   . PRO A 1 83  ? 1.065   -9.620  -7.008  1.00 16.57 ? 166 PRO A N   1 
ATOM   721  C  CA  . PRO A 1 83  ? 0.899   -10.867 -6.200  1.00 17.31 ? 166 PRO A CA  1 
ATOM   722  C  C   . PRO A 1 83  ? 1.792   -12.005 -6.715  1.00 17.69 ? 166 PRO A C   1 
ATOM   723  O  O   . PRO A 1 83  ? 2.052   -12.062 -7.886  1.00 18.16 ? 166 PRO A O   1 
ATOM   724  C  CB  . PRO A 1 83  ? -0.589  -11.255 -6.386  1.00 14.80 ? 166 PRO A CB  1 
ATOM   725  C  CG  . PRO A 1 83  ? -1.259  -10.051 -6.981  1.00 17.83 ? 166 PRO A CG  1 
ATOM   726  C  CD  . PRO A 1 83  ? -0.186  -9.231  -7.703  1.00 16.59 ? 166 PRO A CD  1 
ATOM   727  N  N   . GLY A 1 84  ? 2.267   -12.861 -5.811  1.00 20.10 ? 167 GLY A N   1 
ATOM   728  C  CA  . GLY A 1 84  ? 3.283   -13.836 -6.109  1.00 20.34 ? 167 GLY A CA  1 
ATOM   729  C  C   . GLY A 1 84  ? 4.103   -14.185 -4.898  1.00 21.31 ? 167 GLY A C   1 
ATOM   730  O  O   . GLY A 1 84  ? 4.020   -13.530 -3.848  1.00 20.59 ? 167 GLY A O   1 
ATOM   731  N  N   . GLN A 1 85  ? 4.927   -15.223 -5.018  1.00 23.54 ? 168 GLN A N   1 
ATOM   732  C  CA  . GLN A 1 85  ? 5.759   -15.613 -3.878  1.00 25.82 ? 168 GLN A CA  1 
ATOM   733  C  C   . GLN A 1 85  ? 6.941   -14.678 -3.727  1.00 25.74 ? 168 GLN A C   1 
ATOM   734  O  O   . GLN A 1 85  ? 7.267   -13.906 -4.635  1.00 24.58 ? 168 GLN A O   1 
ATOM   735  C  CB  . GLN A 1 85  ? 6.257   -17.046 -4.002  1.00 27.04 ? 168 GLN A CB  1 
ATOM   736  C  CG  . GLN A 1 85  ? 5.164   -18.033 -4.450  1.00 32.67 ? 168 GLN A CG  1 
ATOM   737  C  CD  . GLN A 1 85  ? 5.508   -19.483 -4.097  1.00 37.81 ? 168 GLN A CD  1 
ATOM   738  O  OE1 . GLN A 1 85  ? 5.951   -19.791 -2.975  1.00 39.71 ? 168 GLN A OE1 1 
ATOM   739  N  NE2 . GLN A 1 85  ? 5.291   -20.378 -5.054  1.00 40.38 ? 168 GLN A NE2 1 
ATOM   740  N  N   . GLY A 1 86  ? 7.587   -14.770 -2.570  1.00 25.82 ? 169 GLY A N   1 
ATOM   741  C  CA  . GLY A 1 86  ? 8.838   -14.071 -2.374  1.00 25.93 ? 169 GLY A CA  1 
ATOM   742  C  C   . GLY A 1 86  ? 8.625   -12.573 -2.240  1.00 25.57 ? 169 GLY A C   1 
ATOM   743  O  O   . GLY A 1 86  ? 7.981   -12.103 -1.274  1.00 26.06 ? 169 GLY A O   1 
ATOM   744  N  N   . ILE A 1 87  ? 9.178   -11.804 -3.180  1.00 23.61 ? 170 ILE A N   1 
ATOM   745  C  CA  . ILE A 1 87  ? 9.022   -10.335 -3.094  1.00 22.67 ? 170 ILE A CA  1 
ATOM   746  C  C   . ILE A 1 87  ? 7.595   -9.977  -3.583  1.00 20.90 ? 170 ILE A C   1 
ATOM   747  O  O   . ILE A 1 87  ? 7.112   -8.896  -3.322  1.00 20.59 ? 170 ILE A O   1 
ATOM   748  C  CB  . ILE A 1 87  ? 10.125  -9.588  -3.920  1.00 23.27 ? 170 ILE A CB  1 
ATOM   749  C  CG1 . ILE A 1 87  ? 10.287  -8.134  -3.476  1.00 22.00 ? 170 ILE A CG1 1 
ATOM   750  C  CG2 . ILE A 1 87  ? 9.857   -9.699  -5.400  1.00 23.31 ? 170 ILE A CG2 1 
ATOM   751  C  CD1 . ILE A 1 87  ? 11.572  -7.514  -3.992  1.00 22.65 ? 170 ILE A CD1 1 
ATOM   752  N  N   . GLY A 1 88  ? 6.931   -10.915 -4.281  1.00 19.59 ? 171 GLY A N   1 
ATOM   753  C  CA  . GLY A 1 88  ? 5.485   -10.746 -4.659  1.00 18.29 ? 171 GLY A CA  1 
ATOM   754  C  C   . GLY A 1 88  ? 4.722   -9.996  -3.541  1.00 19.37 ? 171 GLY A C   1 
ATOM   755  O  O   . GLY A 1 88  ? 4.870   -10.320 -2.355  1.00 18.32 ? 171 GLY A O   1 
ATOM   756  N  N   . GLY A 1 89  ? 3.943   -8.964  -3.896  1.00 18.78 ? 172 GLY A N   1 
ATOM   757  C  CA  . GLY A 1 89  ? 3.092   -8.315  -2.899  1.00 16.27 ? 172 GLY A CA  1 
ATOM   758  C  C   . GLY A 1 89  ? 3.777   -7.277  -2.037  1.00 15.01 ? 172 GLY A C   1 
ATOM   759  O  O   . GLY A 1 89  ? 3.104   -6.488  -1.421  1.00 14.53 ? 172 GLY A O   1 
ATOM   760  N  N   . ASP A 1 90  ? 5.102   -7.273  -1.920  1.00 13.96 ? 173 ASP A N   1 
ATOM   761  C  CA  . ASP A 1 90  ? 5.760   -6.371  -0.956  1.00 14.54 ? 173 ASP A CA  1 
ATOM   762  C  C   . ASP A 1 90  ? 5.655   -4.881  -1.322  1.00 13.58 ? 173 ASP A C   1 
ATOM   763  O  O   . ASP A 1 90  ? 5.587   -4.547  -2.490  1.00 12.94 ? 173 ASP A O   1 
ATOM   764  C  CB  . ASP A 1 90  ? 7.223   -6.767  -0.746  1.00 14.09 ? 173 ASP A CB  1 
ATOM   765  C  CG  . ASP A 1 90  ? 7.384   -8.159  -0.118  1.00 19.26 ? 173 ASP A CG  1 
ATOM   766  O  OD1 . ASP A 1 90  ? 6.376   -8.851  0.130   1.00 14.59 ? 173 ASP A OD1 1 
ATOM   767  O  OD2 . ASP A 1 90  ? 8.535   -8.557  0.126   1.00 20.65 ? 173 ASP A OD2 1 
ATOM   768  N  N   . ALA A 1 91  ? 5.653   -3.990  -0.328  1.00 14.06 ? 174 ALA A N   1 
ATOM   769  C  CA  . ALA A 1 91  ? 5.523   -2.568  -0.604  1.00 13.65 ? 174 ALA A CA  1 
ATOM   770  C  C   . ALA A 1 91  ? 6.670   -1.832  0.138   1.00 14.09 ? 174 ALA A C   1 
ATOM   771  O  O   . ALA A 1 91  ? 6.805   -1.952  1.374   1.00 15.12 ? 174 ALA A O   1 
ATOM   772  C  CB  . ALA A 1 91  ? 4.141   -2.065  -0.150  1.00 13.39 ? 174 ALA A CB  1 
ATOM   773  N  N   . HIS A 1 92  ? 7.462   -1.069  -0.628  1.00 13.11 ? 175 HIS A N   1 
ATOM   774  C  CA  . HIS A 1 92  ? 8.564   -0.205  -0.121  1.00 13.70 ? 175 HIS A CA  1 
ATOM   775  C  C   . HIS A 1 92  ? 8.221   1.261   -0.270  1.00 14.37 ? 175 HIS A C   1 
ATOM   776  O  O   . HIS A 1 92  ? 7.605   1.656   -1.295  1.00 15.19 ? 175 HIS A O   1 
ATOM   777  C  CB  . HIS A 1 92  ? 9.865   -0.526  -0.871  1.00 14.06 ? 175 HIS A CB  1 
ATOM   778  C  CG  . HIS A 1 92  ? 10.212  -1.993  -0.881  1.00 13.25 ? 175 HIS A CG  1 
ATOM   779  N  ND1 . HIS A 1 92  ? 10.934  -2.594  -1.908  1.00 9.70  ? 175 HIS A ND1 1 
ATOM   780  C  CD2 . HIS A 1 92  ? 9.921   -2.988  0.008   1.00 14.01 ? 175 HIS A CD2 1 
ATOM   781  C  CE1 . HIS A 1 92  ? 11.084  -3.880  -1.636  1.00 7.62  ? 175 HIS A CE1 1 
ATOM   782  N  NE2 . HIS A 1 92  ? 10.441  -4.159  -0.513  1.00 9.34  ? 175 HIS A NE2 1 
ATOM   783  N  N   . PHE A 1 93  ? 8.553   2.042   0.755   1.00 14.61 ? 176 PHE A N   1 
ATOM   784  C  CA  . PHE A 1 93  ? 8.240   3.478   0.873   1.00 16.05 ? 176 PHE A CA  1 
ATOM   785  C  C   . PHE A 1 93  ? 9.549   4.295   1.010   1.00 15.58 ? 176 PHE A C   1 
ATOM   786  O  O   . PHE A 1 93  ? 10.458  3.843   1.716   1.00 15.48 ? 176 PHE A O   1 
ATOM   787  C  CB  . PHE A 1 93  ? 7.343   3.732   2.083   1.00 15.70 ? 176 PHE A CB  1 
ATOM   788  C  CG  . PHE A 1 93  ? 5.995   3.065   1.964   1.00 15.99 ? 176 PHE A CG  1 
ATOM   789  C  CD1 . PHE A 1 93  ? 4.880   3.788   1.511   1.00 15.57 ? 176 PHE A CD1 1 
ATOM   790  C  CD2 . PHE A 1 93  ? 5.870   1.716   2.211   1.00 12.85 ? 176 PHE A CD2 1 
ATOM   791  C  CE1 . PHE A 1 93  ? 3.643   3.150   1.359   1.00 19.60 ? 176 PHE A CE1 1 
ATOM   792  C  CE2 . PHE A 1 93  ? 4.664   1.050   2.036   1.00 13.74 ? 176 PHE A CE2 1 
ATOM   793  C  CZ  . PHE A 1 93  ? 3.543   1.740   1.584   1.00 15.72 ? 176 PHE A CZ  1 
ATOM   794  N  N   . ASP A 1 94  ? 9.657   5.446   0.306   1.00 13.72 ? 177 ASP A N   1 
ATOM   795  C  CA  . ASP A 1 94  ? 10.933  6.135   0.135   1.00 12.73 ? 177 ASP A CA  1 
ATOM   796  C  C   . ASP A 1 94  ? 11.161  6.820   1.425   1.00 15.03 ? 177 ASP A C   1 
ATOM   797  O  O   . ASP A 1 94  ? 10.402  7.716   1.767   1.00 12.61 ? 177 ASP A O   1 
ATOM   798  C  CB  . ASP A 1 94  ? 10.879  7.140   -1.038  1.00 12.61 ? 177 ASP A CB  1 
ATOM   799  C  CG  . ASP A 1 94  ? 12.230  7.786   -1.357  1.00 14.60 ? 177 ASP A CG  1 
ATOM   800  O  OD1 . ASP A 1 94  ? 13.159  7.694   -0.527  1.00 13.05 ? 177 ASP A OD1 1 
ATOM   801  O  OD2 . ASP A 1 94  ? 12.386  8.303   -2.503  1.00 14.72 ? 177 ASP A OD2 1 
ATOM   802  N  N   . ALA A 1 95  ? 12.185  6.349   2.136   1.00 14.78 ? 178 ALA A N   1 
ATOM   803  C  CA  . ALA A 1 95  ? 12.465  6.839   3.445   1.00 15.82 ? 178 ALA A CA  1 
ATOM   804  C  C   . ALA A 1 95  ? 12.838  8.291   3.346   1.00 16.49 ? 178 ALA A C   1 
ATOM   805  O  O   . ALA A 1 95  ? 12.756  9.013   4.365   1.00 18.47 ? 178 ALA A O   1 
ATOM   806  C  CB  . ALA A 1 95  ? 13.608  5.977   4.145   1.00 14.40 ? 178 ALA A CB  1 
ATOM   807  N  N   . GLU A 1 96  ? 13.202  8.764   2.160   1.00 17.05 ? 179 GLU A N   1 
ATOM   808  C  CA  . GLU A 1 96  ? 13.579  10.192  2.107   1.00 19.91 ? 179 GLU A CA  1 
ATOM   809  C  C   . GLU A 1 96  ? 12.410  11.212  2.046   1.00 20.39 ? 179 GLU A C   1 
ATOM   810  O  O   . GLU A 1 96  ? 12.619  12.430  2.197   1.00 20.05 ? 179 GLU A O   1 
ATOM   811  C  CB  . GLU A 1 96  ? 14.655  10.468  1.062   1.00 19.47 ? 179 GLU A CB  1 
ATOM   812  C  CG  . GLU A 1 96  ? 16.044  9.959   1.503   1.00 19.80 ? 179 GLU A CG  1 
ATOM   813  C  CD  . GLU A 1 96  ? 17.074  10.276  0.444   1.00 24.56 ? 179 GLU A CD  1 
ATOM   814  O  OE1 . GLU A 1 96  ? 17.397  9.378   -0.394  1.00 27.80 ? 179 GLU A OE1 1 
ATOM   815  O  OE2 . GLU A 1 96  ? 17.470  11.454  0.392   1.00 27.65 ? 179 GLU A OE2 1 
ATOM   816  N  N   . GLU A 1 97  ? 11.179  10.698  1.887   1.00 19.49 ? 180 GLU A N   1 
ATOM   817  C  CA  . GLU A 1 97  ? 10.005  11.561  1.942   1.00 20.02 ? 180 GLU A CA  1 
ATOM   818  C  C   . GLU A 1 97  ? 9.698   12.199  3.329   1.00 21.76 ? 180 GLU A C   1 
ATOM   819  O  O   . GLU A 1 97  ? 10.109  11.700  4.396   1.00 22.01 ? 180 GLU A O   1 
ATOM   820  C  CB  . GLU A 1 97  ? 8.751   10.854  1.358   1.00 19.41 ? 180 GLU A CB  1 
ATOM   821  C  CG  . GLU A 1 97  ? 8.968   10.237  -0.028  1.00 17.95 ? 180 GLU A CG  1 
ATOM   822  C  CD  . GLU A 1 97  ? 9.508   11.221  -1.070  1.00 16.38 ? 180 GLU A CD  1 
ATOM   823  O  OE1 . GLU A 1 97  ? 9.482   12.460  -0.868  1.00 20.52 ? 180 GLU A OE1 1 
ATOM   824  O  OE2 . GLU A 1 97  ? 10.002  10.768  -2.106  1.00 20.62 ? 180 GLU A OE2 1 
ATOM   825  N  N   . THR A 1 98  ? 9.020   13.341  3.286   1.00 21.90 ? 181 THR A N   1 
ATOM   826  C  CA  . THR A 1 98  ? 8.182   13.740  4.430   1.00 25.27 ? 181 THR A CA  1 
ATOM   827  C  C   . THR A 1 98  ? 6.927   12.836  4.453   1.00 24.08 ? 181 THR A C   1 
ATOM   828  O  O   . THR A 1 98  ? 6.199   12.772  3.464   1.00 26.44 ? 181 THR A O   1 
ATOM   829  C  CB  . THR A 1 98  ? 7.769   15.230  4.336   1.00 25.31 ? 181 THR A CB  1 
ATOM   830  O  OG1 . THR A 1 98  ? 8.922   15.999  3.978   1.00 30.79 ? 181 THR A OG1 1 
ATOM   831  C  CG2 . THR A 1 98  ? 7.210   15.710  5.682   1.00 24.89 ? 181 THR A CG2 1 
ATOM   832  N  N   . TRP A 1 99  ? 6.730   12.116  5.540   1.00 23.88 ? 182 TRP A N   1 
ATOM   833  C  CA  . TRP A 1 99  ? 5.555   11.267  5.726   1.00 23.17 ? 182 TRP A CA  1 
ATOM   834  C  C   . TRP A 1 99  ? 4.653   11.857  6.795   1.00 23.91 ? 182 TRP A C   1 
ATOM   835  O  O   . TRP A 1 99  ? 5.088   12.136  7.926   1.00 23.62 ? 182 TRP A O   1 
ATOM   836  C  CB  . TRP A 1 99  ? 5.941   9.854   6.148   1.00 21.43 ? 182 TRP A CB  1 
ATOM   837  C  CG  . TRP A 1 99  ? 6.624   9.177   5.086   1.00 19.46 ? 182 TRP A CG  1 
ATOM   838  C  CD1 . TRP A 1 99  ? 7.945   8.815   5.053   1.00 21.27 ? 182 TRP A CD1 1 
ATOM   839  C  CD2 . TRP A 1 99  ? 6.064   8.826   3.826   1.00 14.54 ? 182 TRP A CD2 1 
ATOM   840  N  NE1 . TRP A 1 99  ? 8.235   8.205   3.838   1.00 15.86 ? 182 TRP A NE1 1 
ATOM   841  C  CE2 . TRP A 1 99  ? 7.095   8.206   3.073   1.00 17.87 ? 182 TRP A CE2 1 
ATOM   842  C  CE3 . TRP A 1 99  ? 4.766   8.958   3.254   1.00 12.61 ? 182 TRP A CE3 1 
ATOM   843  C  CZ2 . TRP A 1 99  ? 6.885   7.720   1.789   1.00 10.55 ? 182 TRP A CZ2 1 
ATOM   844  C  CZ3 . TRP A 1 99  ? 4.557   8.446   1.934   1.00 11.55 ? 182 TRP A CZ3 1 
ATOM   845  C  CH2 . TRP A 1 99  ? 5.630   7.894   1.229   1.00 10.96 ? 182 TRP A CH2 1 
ATOM   846  N  N   . THR A 1 100 ? 3.380   12.032  6.429   1.00 24.33 ? 183 THR A N   1 
ATOM   847  C  CA  . THR A 1 100 ? 2.455   12.654  7.338   1.00 24.51 ? 183 THR A CA  1 
ATOM   848  C  C   . THR A 1 100 ? 1.157   11.851  7.411   1.00 25.08 ? 183 THR A C   1 
ATOM   849  O  O   . THR A 1 100 ? 0.961   10.862  6.661   1.00 26.26 ? 183 THR A O   1 
ATOM   850  C  CB  . THR A 1 100 ? 2.124   14.103  6.900   1.00 24.60 ? 183 THR A CB  1 
ATOM   851  O  OG1 . THR A 1 100 ? 1.138   14.067  5.863   1.00 23.98 ? 183 THR A OG1 1 
ATOM   852  C  CG2 . THR A 1 100 ? 3.378   14.923  6.449   1.00 23.72 ? 183 THR A CG2 1 
ATOM   853  N  N   . ASN A 1 101 ? 0.297   12.283  8.327   1.00 26.05 ? 184 ASN A N   1 
ATOM   854  C  CA  . ASN A 1 101 ? -1.117  11.905  8.394   1.00 26.77 ? 184 ASN A CA  1 
ATOM   855  C  C   . ASN A 1 101 ? -1.968  13.193  8.403   1.00 27.54 ? 184 ASN A C   1 
ATOM   856  O  O   . ASN A 1 101 ? -2.950  13.310  9.147   1.00 27.59 ? 184 ASN A O   1 
ATOM   857  C  CB  . ASN A 1 101 ? -1.408  11.014  9.623   1.00 27.49 ? 184 ASN A CB  1 
ATOM   858  C  CG  . ASN A 1 101 ? -1.040  11.671  10.944  1.00 29.09 ? 184 ASN A CG  1 
ATOM   859  O  OD1 . ASN A 1 101 ? -0.571  12.804  10.982  1.00 31.19 ? 184 ASN A OD1 1 
ATOM   860  N  ND2 . ASN A 1 101 ? -1.251  10.944  12.046  1.00 32.77 ? 184 ASN A ND2 1 
ATOM   861  N  N   . THR A 1 102 ? -1.579  14.162  7.567   1.00 26.90 ? 185 THR A N   1 
ATOM   862  C  CA  . THR A 1 102 ? -2.252  15.449  7.480   1.00 25.32 ? 185 THR A CA  1 
ATOM   863  C  C   . THR A 1 102 ? -2.410  15.775  6.024   1.00 24.16 ? 185 THR A C   1 
ATOM   864  O  O   . THR A 1 102 ? -2.098  14.958  5.171   1.00 25.18 ? 185 THR A O   1 
ATOM   865  C  CB  . THR A 1 102 ? -1.400  16.494  8.174   1.00 25.74 ? 185 THR A CB  1 
ATOM   866  O  OG1 . THR A 1 102 ? -0.243  16.755  7.380   1.00 25.95 ? 185 THR A OG1 1 
ATOM   867  C  CG2 . THR A 1 102 ? -0.924  15.974  9.530   1.00 25.37 ? 185 THR A CG2 1 
ATOM   868  N  N   . SER A 1 103 ? -2.864  16.964  5.685   1.00 24.05 ? 186 SER A N   1 
ATOM   869  C  CA  . SER A 1 103 ? -2.902  17.302  4.244   1.00 24.08 ? 186 SER A CA  1 
ATOM   870  C  C   . SER A 1 103 ? -1.529  17.598  3.614   1.00 23.22 ? 186 SER A C   1 
ATOM   871  O  O   . SER A 1 103 ? -1.414  17.758  2.406   1.00 23.89 ? 186 SER A O   1 
ATOM   872  C  CB  . SER A 1 103 ? -3.853  18.468  3.966   1.00 22.31 ? 186 SER A CB  1 
ATOM   873  O  OG  . SER A 1 103 ? -3.318  19.648  4.546   1.00 25.00 ? 186 SER A OG  1 
ATOM   874  N  N   . ALA A 1 104 ? -0.495  17.756  4.420   1.00 23.61 ? 187 ALA A N   1 
ATOM   875  C  CA  . ALA A 1 104 ? 0.847   18.085  3.829   1.00 23.29 ? 187 ALA A CA  1 
ATOM   876  C  C   . ALA A 1 104 ? 1.469   16.878  3.081   1.00 22.84 ? 187 ALA A C   1 
ATOM   877  O  O   . ALA A 1 104 ? 1.370   15.733  3.556   1.00 22.36 ? 187 ALA A O   1 
ATOM   878  C  CB  . ALA A 1 104 ? 1.830   18.607  4.904   1.00 22.43 ? 187 ALA A CB  1 
ATOM   879  N  N   . ASN A 1 105 ? 2.122   17.120  1.949   1.00 22.89 ? 188 ASN A N   1 
ATOM   880  C  CA  . ASN A 1 105 ? 2.829   16.013  1.249   1.00 22.86 ? 188 ASN A CA  1 
ATOM   881  C  C   . ASN A 1 105 ? 3.825   15.324  2.233   1.00 22.58 ? 188 ASN A C   1 
ATOM   882  O  O   . ASN A 1 105 ? 4.521   16.075  2.988   1.00 22.83 ? 188 ASN A O   1 
ATOM   883  C  CB  . ASN A 1 105 ? 3.670   16.511  0.079   1.00 22.40 ? 188 ASN A CB  1 
ATOM   884  C  CG  . ASN A 1 105 ? 2.878   17.057  -1.075  1.00 23.05 ? 188 ASN A CG  1 
ATOM   885  O  OD1 . ASN A 1 105 ? 1.647   16.955  -1.186  1.00 22.17 ? 188 ASN A OD1 1 
ATOM   886  N  ND2 . ASN A 1 105 ? 3.625   17.617  -2.011  1.00 20.98 ? 188 ASN A ND2 1 
ATOM   887  N  N   . TYR A 1 106 ? 3.891   13.972  2.308   1.00 19.68 ? 189 TYR A N   1 
ATOM   888  C  CA  . TYR A 1 106 ? 2.994   12.993  1.688   1.00 19.72 ? 189 TYR A CA  1 
ATOM   889  C  C   . TYR A 1 106 ? 2.228   12.177  2.769   1.00 19.36 ? 189 TYR A C   1 
ATOM   890  O  O   . TYR A 1 106 ? 2.845   11.640  3.751   1.00 17.59 ? 189 TYR A O   1 
ATOM   891  C  CB  . TYR A 1 106 ? 3.775   12.053  0.768   1.00 19.42 ? 189 TYR A CB  1 
ATOM   892  C  CG  . TYR A 1 106 ? 4.370   12.812  -0.411  1.00 20.43 ? 189 TYR A CG  1 
ATOM   893  C  CD1 . TYR A 1 106 ? 3.569   13.133  -1.531  1.00 23.60 ? 189 TYR A CD1 1 
ATOM   894  C  CD2 . TYR A 1 106 ? 5.715   13.279  -0.384  1.00 20.98 ? 189 TYR A CD2 1 
ATOM   895  C  CE1 . TYR A 1 106 ? 4.076   13.886  -2.606  1.00 20.36 ? 189 TYR A CE1 1 
ATOM   896  C  CE2 . TYR A 1 106 ? 6.232   14.023  -1.463  1.00 20.50 ? 189 TYR A CE2 1 
ATOM   897  C  CZ  . TYR A 1 106 ? 5.395   14.306  -2.558  1.00 17.77 ? 189 TYR A CZ  1 
ATOM   898  O  OH  . TYR A 1 106 ? 5.858   15.042  -3.609  1.00 20.29 ? 189 TYR A OH  1 
ATOM   899  N  N   . ASN A 1 107 ? 0.899   12.105  2.590   1.00 16.90 ? 190 ASN A N   1 
ATOM   900  C  CA  . ASN A 1 107 ? 0.052   11.287  3.470   1.00 16.01 ? 190 ASN A CA  1 
ATOM   901  C  C   . ASN A 1 107 ? 0.371   9.806   3.311   1.00 15.47 ? 190 ASN A C   1 
ATOM   902  O  O   . ASN A 1 107 ? 0.123   9.230   2.228   1.00 14.15 ? 190 ASN A O   1 
ATOM   903  C  CB  . ASN A 1 107 ? -1.407  11.502  3.110   1.00 16.12 ? 190 ASN A CB  1 
ATOM   904  C  CG  . ASN A 1 107 ? -2.327  10.917  4.141   1.00 19.10 ? 190 ASN A CG  1 
ATOM   905  O  OD1 . ASN A 1 107 ? -2.671  9.714   4.102   1.00 23.49 ? 190 ASN A OD1 1 
ATOM   906  N  ND2 . ASN A 1 107 ? -2.735  11.750  5.074   1.00 16.27 ? 190 ASN A ND2 1 
ATOM   907  N  N   . LEU A 1 108 ? 0.939   9.202   4.348   1.00 16.02 ? 191 LEU A N   1 
ATOM   908  C  CA  . LEU A 1 108 ? 1.371   7.803   4.303   1.00 14.46 ? 191 LEU A CA  1 
ATOM   909  C  C   . LEU A 1 108 ? 0.192   6.848   4.015   1.00 15.31 ? 191 LEU A C   1 
ATOM   910  O  O   . LEU A 1 108 ? 0.305   5.965   3.163   1.00 13.04 ? 191 LEU A O   1 
ATOM   911  C  CB  . LEU A 1 108 ? 2.159   7.401   5.566   1.00 15.36 ? 191 LEU A CB  1 
ATOM   912  C  CG  . LEU A 1 108 ? 2.400   5.915   5.818   1.00 13.67 ? 191 LEU A CG  1 
ATOM   913  C  CD1 . LEU A 1 108 ? 3.225   5.368   4.667   1.00 19.64 ? 191 LEU A CD1 1 
ATOM   914  C  CD2 . LEU A 1 108 ? 3.068   5.535   7.157   1.00 14.19 ? 191 LEU A CD2 1 
ATOM   915  N  N   . PHE A 1 109 ? -0.953  7.076   4.663   1.00 15.28 ? 192 PHE A N   1 
ATOM   916  C  CA  . PHE A 1 109 ? -2.169  6.264   4.402   1.00 15.22 ? 192 PHE A CA  1 
ATOM   917  C  C   . PHE A 1 109 ? -2.614  6.238   2.937   1.00 14.28 ? 192 PHE A C   1 
ATOM   918  O  O   . PHE A 1 109 ? -2.894  5.177   2.357   1.00 14.23 ? 192 PHE A O   1 
ATOM   919  C  CB  . PHE A 1 109 ? -3.320  6.717   5.337   1.00 15.47 ? 192 PHE A CB  1 
ATOM   920  C  CG  . PHE A 1 109 ? -4.721  6.325   4.825   1.00 17.88 ? 192 PHE A CG  1 
ATOM   921  C  CD1 . PHE A 1 109 ? -5.194  5.026   4.958   1.00 19.28 ? 192 PHE A CD1 1 
ATOM   922  C  CD2 . PHE A 1 109 ? -5.534  7.262   4.199   1.00 22.16 ? 192 PHE A CD2 1 
ATOM   923  C  CE1 . PHE A 1 109 ? -6.455  4.684   4.510   1.00 21.44 ? 192 PHE A CE1 1 
ATOM   924  C  CE2 . PHE A 1 109 ? -6.809  6.928   3.755   1.00 18.65 ? 192 PHE A CE2 1 
ATOM   925  C  CZ  . PHE A 1 109 ? -7.263  5.646   3.908   1.00 21.44 ? 192 PHE A CZ  1 
ATOM   926  N  N   . LEU A 1 110 ? -2.683  7.419   2.325   1.00 13.83 ? 193 LEU A N   1 
ATOM   927  C  CA  . LEU A 1 110 ? -3.038  7.499   0.906   1.00 15.50 ? 193 LEU A CA  1 
ATOM   928  C  C   . LEU A 1 110 ? -2.023  6.772   0.046   1.00 14.56 ? 193 LEU A C   1 
ATOM   929  O  O   . LEU A 1 110 ? -2.371  5.949   -0.795  1.00 17.19 ? 193 LEU A O   1 
ATOM   930  C  CB  . LEU A 1 110 ? -3.161  8.973   0.486   1.00 13.45 ? 193 LEU A CB  1 
ATOM   931  C  CG  . LEU A 1 110 ? -4.439  9.672   0.943   1.00 14.61 ? 193 LEU A CG  1 
ATOM   932  C  CD1 . LEU A 1 110 ? -4.389  11.116  0.527   1.00 15.84 ? 193 LEU A CD1 1 
ATOM   933  C  CD2 . LEU A 1 110 ? -5.709  8.978   0.454   1.00 14.55 ? 193 LEU A CD2 1 
ATOM   934  N  N   . VAL A 1 111 ? -0.726  7.035   0.279   1.00 16.21 ? 194 VAL A N   1 
ATOM   935  C  CA  . VAL A 1 111 ? 0.306   6.335   -0.569  1.00 14.76 ? 194 VAL A CA  1 
ATOM   936  C  C   . VAL A 1 111 ? 0.246   4.845   -0.346  1.00 13.87 ? 194 VAL A C   1 
ATOM   937  O  O   . VAL A 1 111 ? 0.260   4.075   -1.307  1.00 13.27 ? 194 VAL A O   1 
ATOM   938  C  CB  . VAL A 1 111 ? 1.770   6.859   -0.325  1.00 14.82 ? 194 VAL A CB  1 
ATOM   939  C  CG1 . VAL A 1 111 ? 2.790   6.004   -1.125  1.00 12.89 ? 194 VAL A CG1 1 
ATOM   940  C  CG2 . VAL A 1 111 ? 1.853   8.325   -0.729  1.00 15.25 ? 194 VAL A CG2 1 
ATOM   941  N  N   . ALA A 1 112 ? 0.135   4.411   0.912   1.00 13.34 ? 195 ALA A N   1 
ATOM   942  C  CA  . ALA A 1 112 ? -0.021  2.919   1.168   1.00 11.82 ? 195 ALA A CA  1 
ATOM   943  C  C   . ALA A 1 112 ? -1.224  2.297   0.469   1.00 11.69 ? 195 ALA A C   1 
ATOM   944  O  O   . ALA A 1 112 ? -1.139  1.160   -0.185  1.00 10.23 ? 195 ALA A O   1 
ATOM   945  C  CB  . ALA A 1 112 ? -0.081  2.671   2.741   1.00 11.76 ? 195 ALA A CB  1 
ATOM   946  N  N   . ALA A 1 113 ? -2.337  3.051   0.523   1.00 11.44 ? 196 ALA A N   1 
ATOM   947  C  CA  . ALA A 1 113 ? -3.561  2.533   -0.060  1.00 12.70 ? 196 ALA A CA  1 
ATOM   948  C  C   . ALA A 1 113 ? -3.372  2.284   -1.557  1.00 12.84 ? 196 ALA A C   1 
ATOM   949  O  O   . ALA A 1 113 ? -3.736  1.183   -2.084  1.00 10.18 ? 196 ALA A O   1 
ATOM   950  C  CB  . ALA A 1 113 ? -4.747  3.431   0.190   1.00 13.13 ? 196 ALA A CB  1 
ATOM   951  N  N   . HIS A 1 114 ? -2.782  3.270   -2.249  1.00 11.20 ? 197 HIS A N   1 
ATOM   952  C  CA  . HIS A 1 114 ? -2.432  3.102   -3.667  1.00 10.61 ? 197 HIS A CA  1 
ATOM   953  C  C   . HIS A 1 114 ? -1.529  1.891   -3.893  1.00 10.33 ? 197 HIS A C   1 
ATOM   954  O  O   . HIS A 1 114 ? -1.763  1.077   -4.830  1.00 11.58 ? 197 HIS A O   1 
ATOM   955  C  CB  . HIS A 1 114 ? -1.753  4.404   -4.167  1.00 11.21 ? 197 HIS A CB  1 
ATOM   956  C  CG  . HIS A 1 114 ? -1.243  4.339   -5.556  1.00 11.58 ? 197 HIS A CG  1 
ATOM   957  N  ND1 . HIS A 1 114 ? -2.022  4.695   -6.651  1.00 13.55 ? 197 HIS A ND1 1 
ATOM   958  C  CD2 . HIS A 1 114 ? -0.023  3.998   -6.044  1.00 13.15 ? 197 HIS A CD2 1 
ATOM   959  C  CE1 . HIS A 1 114 ? -1.305  4.557   -7.743  1.00 7.54  ? 197 HIS A CE1 1 
ATOM   960  N  NE2 . HIS A 1 114 ? -0.067  4.189   -7.400  1.00 10.50 ? 197 HIS A NE2 1 
ATOM   961  N  N   . GLU A 1 115 ? -0.428  1.839   -3.136  1.00 10.61 ? 198 GLU A N   1 
ATOM   962  C  CA  . GLU A 1 115 ? 0.561   0.745   -3.235  1.00 10.27 ? 198 GLU A CA  1 
ATOM   963  C  C   . GLU A 1 115 ? -0.093  -0.627  -3.015  1.00 10.00 ? 198 GLU A C   1 
ATOM   964  O  O   . GLU A 1 115 ? 0.162   -1.605  -3.785  1.00 7.88  ? 198 GLU A O   1 
ATOM   965  C  CB  . GLU A 1 115 ? 1.713   0.986   -2.177  1.00 7.93  ? 198 GLU A CB  1 
ATOM   966  C  CG  . GLU A 1 115 ? 2.725   2.014   -2.566  1.00 8.34  ? 198 GLU A CG  1 
ATOM   967  C  CD  . GLU A 1 115 ? 3.044   2.133   -4.056  1.00 10.26 ? 198 GLU A CD  1 
ATOM   968  O  OE1 . GLU A 1 115 ? 3.071   1.093   -4.834  1.00 11.74 ? 198 GLU A OE1 1 
ATOM   969  O  OE2 . GLU A 1 115 ? 3.254   3.278   -4.494  1.00 11.85 ? 198 GLU A OE2 1 
ATOM   970  N  N   . PHE A 1 116 ? -1.003  -0.721  -2.032  1.00 10.00 ? 199 PHE A N   1 
ATOM   971  C  CA  . PHE A 1 116 ? -1.664  -2.005  -1.806  1.00 11.31 ? 199 PHE A CA  1 
ATOM   972  C  C   . PHE A 1 116 ? -2.570  -2.426  -2.977  1.00 12.44 ? 199 PHE A C   1 
ATOM   973  O  O   . PHE A 1 116 ? -2.745  -3.672  -3.278  1.00 11.00 ? 199 PHE A O   1 
ATOM   974  C  CB  . PHE A 1 116 ? -2.399  -2.060  -0.475  1.00 11.73 ? 199 PHE A CB  1 
ATOM   975  C  CG  . PHE A 1 116 ? -1.501  -1.846  0.762   1.00 12.30 ? 199 PHE A CG  1 
ATOM   976  C  CD1 . PHE A 1 116 ? -0.127  -2.178  0.745   1.00 9.90  ? 199 PHE A CD1 1 
ATOM   977  C  CD2 . PHE A 1 116 ? -2.051  -1.382  1.944   1.00 11.89 ? 199 PHE A CD2 1 
ATOM   978  C  CE1 . PHE A 1 116 ? 0.688   -2.015  1.851   1.00 16.36 ? 199 PHE A CE1 1 
ATOM   979  C  CE2 . PHE A 1 116 ? -1.218  -1.205  3.077   1.00 11.57 ? 199 PHE A CE2 1 
ATOM   980  C  CZ  . PHE A 1 116 ? 0.154   -1.512  3.017   1.00 11.62 ? 199 PHE A CZ  1 
ATOM   981  N  N   . GLY A 1 117 ? -3.086  -1.441  -3.726  1.00 11.96 ? 200 GLY A N   1 
ATOM   982  C  CA  . GLY A 1 117 ? -3.772  -1.847  -4.979  1.00 10.06 ? 200 GLY A CA  1 
ATOM   983  C  C   . GLY A 1 117 ? -2.871  -2.630  -5.882  1.00 11.66 ? 200 GLY A C   1 
ATOM   984  O  O   . GLY A 1 117 ? -3.292  -3.667  -6.408  1.00 11.13 ? 200 GLY A O   1 
ATOM   985  N  N   . HIS A 1 118 ? -1.670  -2.102  -6.138  1.00 11.85 ? 201 HIS A N   1 
ATOM   986  C  CA  . HIS A 1 118 ? -0.627  -2.807  -6.853  1.00 12.31 ? 201 HIS A CA  1 
ATOM   987  C  C   . HIS A 1 118 ? -0.317  -4.185  -6.196  1.00 13.00 ? 201 HIS A C   1 
ATOM   988  O  O   . HIS A 1 118 ? -0.204  -5.251  -6.893  1.00 8.90  ? 201 HIS A O   1 
ATOM   989  C  CB  . HIS A 1 118 ? 0.656   -1.975  -6.903  1.00 12.06 ? 201 HIS A CB  1 
ATOM   990  C  CG  . HIS A 1 118 ? 0.587   -0.765  -7.805  1.00 16.45 ? 201 HIS A CG  1 
ATOM   991  N  ND1 . HIS A 1 118 ? 0.188   -0.855  -9.128  1.00 15.05 ? 201 HIS A ND1 1 
ATOM   992  C  CD2 . HIS A 1 118 ? 0.895   0.550   -7.586  1.00 10.07 ? 201 HIS A CD2 1 
ATOM   993  C  CE1 . HIS A 1 118 ? 0.251   0.336   -9.692  1.00 13.68 ? 201 HIS A CE1 1 
ATOM   994  N  NE2 . HIS A 1 118 ? 0.698   1.205   -8.797  1.00 16.26 ? 201 HIS A NE2 1 
ATOM   995  N  N   . SER A 1 119 ? -0.139  -4.166  -4.884  1.00 10.01 ? 202 SER A N   1 
ATOM   996  C  CA  . SER A 1 119 ? 0.125   -5.432  -4.150  1.00 12.87 ? 202 SER A CA  1 
ATOM   997  C  C   . SER A 1 119 ? -0.965  -6.490  -4.320  1.00 12.72 ? 202 SER A C   1 
ATOM   998  O  O   . SER A 1 119 ? -0.693  -7.656  -4.114  1.00 15.02 ? 202 SER A O   1 
ATOM   999  C  CB  . SER A 1 119 ? 0.301   -5.204  -2.641  1.00 10.36 ? 202 SER A CB  1 
ATOM   1000 O  OG  . SER A 1 119 ? 1.374   -4.348  -2.318  1.00 13.93 ? 202 SER A OG  1 
ATOM   1001 N  N   . LEU A 1 120 ? -2.197  -6.092  -4.668  1.00 13.02 ? 203 LEU A N   1 
ATOM   1002 C  CA  . LEU A 1 120 ? -3.311  -7.063  -4.837  1.00 14.12 ? 203 LEU A CA  1 
ATOM   1003 C  C   . LEU A 1 120 ? -3.586  -7.333  -6.274  1.00 13.71 ? 203 LEU A C   1 
ATOM   1004 O  O   . LEU A 1 120 ? -4.543  -7.985  -6.532  1.00 14.66 ? 203 LEU A O   1 
ATOM   1005 C  CB  . LEU A 1 120 ? -4.610  -6.520  -4.245  1.00 11.32 ? 203 LEU A CB  1 
ATOM   1006 C  CG  . LEU A 1 120 ? -4.403  -6.311  -2.747  1.00 17.18 ? 203 LEU A CG  1 
ATOM   1007 C  CD1 . LEU A 1 120 ? -5.606  -5.550  -2.116  1.00 17.08 ? 203 LEU A CD1 1 
ATOM   1008 C  CD2 . LEU A 1 120 ? -4.150  -7.701  -2.124  1.00 15.07 ? 203 LEU A CD2 1 
ATOM   1009 N  N   . GLY A 1 121 ? -2.809  -6.740  -7.185  1.00 14.47 ? 204 GLY A N   1 
ATOM   1010 C  CA  . GLY A 1 121 ? -2.925  -7.013  -8.611  1.00 16.27 ? 204 GLY A CA  1 
ATOM   1011 C  C   . GLY A 1 121 ? -3.575  -5.955  -9.509  1.00 17.38 ? 204 GLY A C   1 
ATOM   1012 O  O   . GLY A 1 121 ? -3.825  -6.214  -10.675 1.00 17.33 ? 204 GLY A O   1 
ATOM   1013 N  N   A LEU A 1 122 ? -3.867  -4.768  -8.984  0.33 17.58 ? 205 LEU A N   1 
ATOM   1014 N  N   B LEU A 1 122 ? -3.826  -4.768  -8.976  0.67 17.04 ? 205 LEU A N   1 
ATOM   1015 C  CA  A LEU A 1 122 ? -4.432  -3.711  -9.839  0.33 18.37 ? 205 LEU A CA  1 
ATOM   1016 C  CA  B LEU A 1 122 ? -4.397  -3.717  -9.838  0.67 18.02 ? 205 LEU A CA  1 
ATOM   1017 C  C   A LEU A 1 122 ? -3.333  -2.954  -10.595 0.33 18.42 ? 205 LEU A C   1 
ATOM   1018 C  C   B LEU A 1 122 ? -3.317  -2.948  -10.601 0.67 17.92 ? 205 LEU A C   1 
ATOM   1019 O  O   A LEU A 1 122 ? -2.211  -2.854  -10.121 0.33 18.55 ? 205 LEU A O   1 
ATOM   1020 O  O   B LEU A 1 122 ? -2.198  -2.846  -10.147 0.67 18.26 ? 205 LEU A O   1 
ATOM   1021 C  CB  A LEU A 1 122 ? -5.287  -2.736  -9.041  0.33 17.71 ? 205 LEU A CB  1 
ATOM   1022 C  CB  B LEU A 1 122 ? -5.249  -2.763  -9.047  0.67 16.34 ? 205 LEU A CB  1 
ATOM   1023 C  CG  A LEU A 1 122 ? -6.698  -3.197  -8.672  0.33 18.85 ? 205 LEU A CG  1 
ATOM   1024 C  CG  B LEU A 1 122 ? -6.620  -3.366  -8.792  0.67 17.53 ? 205 LEU A CG  1 
ATOM   1025 C  CD1 A LEU A 1 122 ? -6.646  -4.115  -7.463  0.33 20.27 ? 205 LEU A CD1 1 
ATOM   1026 C  CD1 B LEU A 1 122 ? -7.205  -2.670  -7.568  0.67 19.36 ? 205 LEU A CD1 1 
ATOM   1027 C  CD2 A LEU A 1 122 ? -7.553  -1.980  -8.351  0.33 18.67 ? 205 LEU A CD2 1 
ATOM   1028 C  CD2 B LEU A 1 122 ? -7.473  -3.176  -9.988  0.67 17.98 ? 205 LEU A CD2 1 
ATOM   1029 N  N   . ALA A 1 123 ? -3.666  -2.464  -11.785 1.00 18.93 ? 206 ALA A N   1 
ATOM   1030 C  CA  . ALA A 1 123 ? -2.803  -1.553  -12.526 1.00 19.85 ? 206 ALA A CA  1 
ATOM   1031 C  C   . ALA A 1 123 ? -3.314  -0.136  -12.316 1.00 19.85 ? 206 ALA A C   1 
ATOM   1032 O  O   . ALA A 1 123 ? -4.340  0.079   -11.597 1.00 20.29 ? 206 ALA A O   1 
ATOM   1033 C  CB  . ALA A 1 123 ? -2.827  -1.891  -13.970 1.00 19.49 ? 206 ALA A CB  1 
ATOM   1034 N  N   . HIS A 1 124 ? -2.644  0.833   -12.957 1.00 18.15 ? 207 HIS A N   1 
ATOM   1035 C  CA  . HIS A 1 124 ? -3.133  2.194   -12.906 1.00 18.59 ? 207 HIS A CA  1 
ATOM   1036 C  C   . HIS A 1 124 ? -4.481  2.341   -13.673 1.00 17.62 ? 207 HIS A C   1 
ATOM   1037 O  O   . HIS A 1 124 ? -4.748  1.600   -14.616 1.00 17.84 ? 207 HIS A O   1 
ATOM   1038 C  CB  . HIS A 1 124 ? -2.087  3.179   -13.446 1.00 17.27 ? 207 HIS A CB  1 
ATOM   1039 C  CG  . HIS A 1 124 ? -0.887  3.309   -12.567 1.00 18.86 ? 207 HIS A CG  1 
ATOM   1040 N  ND1 . HIS A 1 124 ? 0.414   3.271   -13.051 1.00 18.44 ? 207 HIS A ND1 1 
ATOM   1041 C  CD2 . HIS A 1 124 ? -0.786  3.505   -11.233 1.00 16.88 ? 207 HIS A CD2 1 
ATOM   1042 C  CE1 . HIS A 1 124 ? 1.259   3.393   -12.047 1.00 19.11 ? 207 HIS A CE1 1 
ATOM   1043 N  NE2 . HIS A 1 124 ? 0.555   3.568   -10.936 1.00 20.28 ? 207 HIS A NE2 1 
ATOM   1044 N  N   A SER A 1 125 ? -5.320  3.254   -13.208 0.75 17.49 ? 208 SER A N   1 
ATOM   1045 N  N   B SER A 1 125 ? -5.282  3.308   -13.233 0.25 18.37 ? 208 SER A N   1 
ATOM   1046 C  CA  A SER A 1 125 ? -6.511  3.659   -13.948 0.75 17.18 ? 208 SER A CA  1 
ATOM   1047 C  CA  B SER A 1 125 ? -6.519  3.702   -13.900 0.25 18.63 ? 208 SER A CA  1 
ATOM   1048 C  C   A SER A 1 125 ? -6.297  5.036   -14.585 0.75 18.37 ? 208 SER A C   1 
ATOM   1049 C  C   B SER A 1 125 ? -6.323  5.066   -14.560 0.25 19.50 ? 208 SER A C   1 
ATOM   1050 O  O   A SER A 1 125 ? -5.495  5.822   -14.098 0.75 18.25 ? 208 SER A O   1 
ATOM   1051 O  O   B SER A 1 125 ? -5.550  5.882   -14.064 0.25 19.43 ? 208 SER A O   1 
ATOM   1052 C  CB  A SER A 1 125 ? -7.731  3.641   -13.021 0.75 16.26 ? 208 SER A CB  1 
ATOM   1053 C  CB  B SER A 1 125 ? -7.657  3.778   -12.877 0.25 18.44 ? 208 SER A CB  1 
ATOM   1054 O  OG  A SER A 1 125 ? -8.877  4.170   -13.682 0.75 10.98 ? 208 SER A OG  1 
ATOM   1055 O  OG  B SER A 1 125 ? -7.660  5.026   -12.190 0.25 16.27 ? 208 SER A OG  1 
ATOM   1056 N  N   . SER A 1 126 ? -7.020  5.310   -15.672 1.00 20.20 ? 209 SER A N   1 
ATOM   1057 C  CA  . SER A 1 126 ? -7.010  6.639   -16.299 1.00 22.77 ? 209 SER A CA  1 
ATOM   1058 C  C   . SER A 1 126 ? -8.080  7.539   -15.711 1.00 23.23 ? 209 SER A C   1 
ATOM   1059 O  O   . SER A 1 126 ? -8.139  8.736   -16.005 1.00 23.35 ? 209 SER A O   1 
ATOM   1060 C  CB  . SER A 1 126 ? -7.169  6.559   -17.800 1.00 23.53 ? 209 SER A CB  1 
ATOM   1061 O  OG  . SER A 1 126 ? -8.111  5.550   -18.161 1.00 30.25 ? 209 SER A OG  1 
ATOM   1062 N  N   . ASP A 1 127 ? -8.949  6.966   -14.879 1.00 22.67 ? 210 ASP A N   1 
ATOM   1063 C  CA  . ASP A 1 127 ? -9.890  7.747   -14.142 1.00 21.91 ? 210 ASP A CA  1 
ATOM   1064 C  C   . ASP A 1 127 ? -9.184  8.689   -13.110 1.00 21.65 ? 210 ASP A C   1 
ATOM   1065 O  O   . ASP A 1 127 ? -8.569  8.240   -12.131 1.00 20.39 ? 210 ASP A O   1 
ATOM   1066 C  CB  . ASP A 1 127 ? -10.991 6.825   -13.553 1.00 22.75 ? 210 ASP A CB  1 
ATOM   1067 C  CG  . ASP A 1 127 ? -12.065 7.581   -12.789 1.00 19.99 ? 210 ASP A CG  1 
ATOM   1068 O  OD1 . ASP A 1 127 ? -11.837 8.705   -12.330 1.00 26.07 ? 210 ASP A OD1 1 
ATOM   1069 O  OD2 . ASP A 1 127 ? -13.161 7.009   -12.638 1.00 25.98 ? 210 ASP A OD2 1 
ATOM   1070 N  N   . PRO A 1 128 ? -9.256  10.011  -13.345 1.00 22.75 ? 211 PRO A N   1 
ATOM   1071 C  CA  . PRO A 1 128 ? -8.572  11.016  -12.488 1.00 22.62 ? 211 PRO A CA  1 
ATOM   1072 C  C   . PRO A 1 128 ? -9.128  11.090  -11.083 1.00 22.20 ? 211 PRO A C   1 
ATOM   1073 O  O   . PRO A 1 128 ? -8.511  11.750  -10.187 1.00 23.30 ? 211 PRO A O   1 
ATOM   1074 C  CB  . PRO A 1 128 ? -8.859  12.333  -13.217 1.00 23.33 ? 211 PRO A CB  1 
ATOM   1075 C  CG  . PRO A 1 128 ? -10.185 12.119  -13.824 1.00 22.94 ? 211 PRO A CG  1 
ATOM   1076 C  CD  . PRO A 1 128 ? -10.074 10.691  -14.373 1.00 23.96 ? 211 PRO A CD  1 
ATOM   1077 N  N   . GLY A 1 129 ? -10.274 10.457  -10.868 1.00 21.84 ? 212 GLY A N   1 
ATOM   1078 C  CA  . GLY A 1 129 ? -10.820 10.314  -9.500  1.00 21.27 ? 212 GLY A CA  1 
ATOM   1079 C  C   . GLY A 1 129 ? -10.378 9.067   -8.722  1.00 20.48 ? 212 GLY A C   1 
ATOM   1080 O  O   . GLY A 1 129 ? -10.652 8.967   -7.519  1.00 22.28 ? 212 GLY A O   1 
ATOM   1081 N  N   . ALA A 1 130 ? -9.767  8.096   -9.400  1.00 18.81 ? 213 ALA A N   1 
ATOM   1082 C  CA  . ALA A 1 130 ? -9.444  6.789   -8.810  1.00 16.91 ? 213 ALA A CA  1 
ATOM   1083 C  C   . ALA A 1 130 ? -8.238  6.834   -7.856  1.00 17.34 ? 213 ALA A C   1 
ATOM   1084 O  O   . ALA A 1 130 ? -7.332  7.679   -8.009  1.00 16.36 ? 213 ALA A O   1 
ATOM   1085 C  CB  . ALA A 1 130 ? -9.174  5.738   -9.923  1.00 17.27 ? 213 ALA A CB  1 
ATOM   1086 N  N   . LEU A 1 131 ? -8.200  5.900   -6.897  1.00 15.17 ? 214 LEU A N   1 
ATOM   1087 C  CA  . LEU A 1 131 ? -7.000  5.713   -6.083  1.00 12.60 ? 214 LEU A CA  1 
ATOM   1088 C  C   . LEU A 1 131 ? -5.834  5.254   -6.919  1.00 12.73 ? 214 LEU A C   1 
ATOM   1089 O  O   . LEU A 1 131 ? -4.703  5.685   -6.702  1.00 14.38 ? 214 LEU A O   1 
ATOM   1090 C  CB  . LEU A 1 131 ? -7.274  4.660   -4.988  1.00 11.08 ? 214 LEU A CB  1 
ATOM   1091 C  CG  . LEU A 1 131 ? -6.117  4.388   -4.012  1.00 13.20 ? 214 LEU A CG  1 
ATOM   1092 C  CD1 . LEU A 1 131 ? -5.600  5.699   -3.309  1.00 13.32 ? 214 LEU A CD1 1 
ATOM   1093 C  CD2 . LEU A 1 131 ? -6.633  3.388   -2.932  1.00 17.46 ? 214 LEU A CD2 1 
ATOM   1094 N  N   . MET A 1 132 ? -6.098  4.331   -7.856  1.00 10.59 ? 215 MET A N   1 
ATOM   1095 C  CA  . MET A 1 132 ? -5.066  3.830   -8.709  1.00 12.99 ? 215 MET A CA  1 
ATOM   1096 C  C   . MET A 1 132 ? -4.653  4.761   -9.899  1.00 14.75 ? 215 MET A C   1 
ATOM   1097 O  O   . MET A 1 132 ? -3.997  4.300   -10.826 1.00 15.98 ? 215 MET A O   1 
ATOM   1098 C  CB  . MET A 1 132 ? -5.471  2.466   -9.215  1.00 11.71 ? 215 MET A CB  1 
ATOM   1099 C  CG  . MET A 1 132 ? -5.734  1.425   -8.036  1.00 9.13  ? 215 MET A CG  1 
ATOM   1100 S  SD  . MET A 1 132 ? -4.318  1.392   -6.916  1.00 14.49 ? 215 MET A SD  1 
ATOM   1101 C  CE  . MET A 1 132 ? -2.932  0.841   -7.993  1.00 7.89  ? 215 MET A CE  1 
ATOM   1102 N  N   . TYR A 1 133 ? -4.989  6.060   -9.801  1.00 16.26 ? 216 TYR A N   1 
ATOM   1103 C  CA  . TYR A 1 133 ? -4.504  7.065   -10.763 1.00 16.36 ? 216 TYR A CA  1 
ATOM   1104 C  C   . TYR A 1 133 ? -2.979  7.173   -10.572 1.00 16.33 ? 216 TYR A C   1 
ATOM   1105 O  O   . TYR A 1 133 ? -2.495  7.101   -9.405  1.00 15.55 ? 216 TYR A O   1 
ATOM   1106 C  CB  . TYR A 1 133 ? -5.169  8.408   -10.518 1.00 16.38 ? 216 TYR A CB  1 
ATOM   1107 C  CG  . TYR A 1 133 ? -4.943  9.411   -11.657 1.00 17.34 ? 216 TYR A CG  1 
ATOM   1108 C  CD1 . TYR A 1 133 ? -5.393  9.154   -12.993 1.00 17.30 ? 216 TYR A CD1 1 
ATOM   1109 C  CD2 . TYR A 1 133 ? -4.268  10.591  -11.408 1.00 16.75 ? 216 TYR A CD2 1 
ATOM   1110 C  CE1 . TYR A 1 133 ? -5.171  10.106  -14.036 1.00 20.70 ? 216 TYR A CE1 1 
ATOM   1111 C  CE2 . TYR A 1 133 ? -4.034  11.544  -12.435 1.00 17.34 ? 216 TYR A CE2 1 
ATOM   1112 C  CZ  . TYR A 1 133 ? -4.502  11.298  -13.730 1.00 19.80 ? 216 TYR A CZ  1 
ATOM   1113 O  OH  . TYR A 1 133 ? -4.245  12.237  -14.692 1.00 18.14 ? 216 TYR A OH  1 
ATOM   1114 N  N   . PRO A 1 134 ? -2.217  7.391   -11.695 1.00 15.93 ? 217 PRO A N   1 
ATOM   1115 C  CA  . PRO A 1 134 ? -0.785  7.274   -11.536 1.00 16.17 ? 217 PRO A CA  1 
ATOM   1116 C  C   . PRO A 1 134 ? -0.162  8.362   -10.652 1.00 14.87 ? 217 PRO A C   1 
ATOM   1117 O  O   . PRO A 1 134 ? 0.921   8.143   -10.119 1.00 14.47 ? 217 PRO A O   1 
ATOM   1118 C  CB  . PRO A 1 134 ? -0.246  7.270   -13.000 1.00 17.47 ? 217 PRO A CB  1 
ATOM   1119 C  CG  . PRO A 1 134 ? -1.422  6.772   -13.883 1.00 14.74 ? 217 PRO A CG  1 
ATOM   1120 C  CD  . PRO A 1 134 ? -2.599  7.462   -13.136 1.00 17.13 ? 217 PRO A CD  1 
ATOM   1121 N  N   . ASN A 1 135 ? -0.826  9.500   -10.502 1.00 16.11 ? 218 ASN A N   1 
ATOM   1122 C  CA  . ASN A 1 135 ? -0.268  10.616  -9.695  1.00 16.59 ? 218 ASN A CA  1 
ATOM   1123 C  C   . ASN A 1 135 ? -1.022  10.848  -8.395  1.00 17.40 ? 218 ASN A C   1 
ATOM   1124 O  O   . ASN A 1 135 ? -2.267  10.740  -8.363  1.00 17.79 ? 218 ASN A O   1 
ATOM   1125 C  CB  . ASN A 1 135 ? -0.212  11.949  -10.495 1.00 18.23 ? 218 ASN A CB  1 
ATOM   1126 C  CG  . ASN A 1 135 ? 0.751   11.881  -11.720 1.00 18.16 ? 218 ASN A CG  1 
ATOM   1127 O  OD1 . ASN A 1 135 ? 1.753   11.172  -11.704 1.00 18.57 ? 218 ASN A OD1 1 
ATOM   1128 N  ND2 . ASN A 1 135 ? 0.470   12.689  -12.727 1.00 17.15 ? 218 ASN A ND2 1 
ATOM   1129 N  N   . TYR A 1 136 ? -0.255  11.212  -7.358  1.00 15.77 ? 219 TYR A N   1 
ATOM   1130 C  CA  . TYR A 1 136 ? -0.720  11.481  -6.017  1.00 16.95 ? 219 TYR A CA  1 
ATOM   1131 C  C   . TYR A 1 136 ? -1.359  12.862  -5.932  1.00 17.66 ? 219 TYR A C   1 
ATOM   1132 O  O   . TYR A 1 136 ? -0.814  13.793  -6.566  1.00 17.58 ? 219 TYR A O   1 
ATOM   1133 C  CB  . TYR A 1 136 ? 0.477   11.494  -5.077  1.00 15.74 ? 219 TYR A CB  1 
ATOM   1134 C  CG  . TYR A 1 136 ? 0.174   11.996  -3.669  1.00 14.92 ? 219 TYR A CG  1 
ATOM   1135 C  CD1 . TYR A 1 136 ? -0.218  11.109  -2.657  1.00 11.86 ? 219 TYR A CD1 1 
ATOM   1136 C  CD2 . TYR A 1 136 ? 0.335   13.343  -3.336  1.00 12.01 ? 219 TYR A CD2 1 
ATOM   1137 C  CE1 . TYR A 1 136 ? -0.469  11.582  -1.300  1.00 17.38 ? 219 TYR A CE1 1 
ATOM   1138 C  CE2 . TYR A 1 136 ? 0.050   13.812  -2.039  1.00 15.62 ? 219 TYR A CE2 1 
ATOM   1139 C  CZ  . TYR A 1 136 ? -0.321  12.936  -1.026  1.00 13.61 ? 219 TYR A CZ  1 
ATOM   1140 O  OH  . TYR A 1 136 ? -0.581  13.441  0.268   1.00 17.71 ? 219 TYR A OH  1 
ATOM   1141 N  N   . ALA A 1 137 ? -2.499  12.977  -5.214  1.00 16.89 ? 220 ALA A N   1 
ATOM   1142 C  CA  . ALA A 1 137 ? -3.001  14.270  -4.650  1.00 18.20 ? 220 ALA A CA  1 
ATOM   1143 C  C   . ALA A 1 137 ? -3.833  14.031  -3.417  1.00 18.87 ? 220 ALA A C   1 
ATOM   1144 O  O   . ALA A 1 137 ? -4.553  13.029  -3.304  1.00 19.80 ? 220 ALA A O   1 
ATOM   1145 C  CB  . ALA A 1 137 ? -3.807  15.080  -5.674  1.00 18.98 ? 220 ALA A CB  1 
ATOM   1146 N  N   . PHE A 1 138 ? -3.761  14.940  -2.457  1.00 17.95 ? 221 PHE A N   1 
ATOM   1147 C  CA  . PHE A 1 138 ? -4.429  14.711  -1.214  1.00 20.06 ? 221 PHE A CA  1 
ATOM   1148 C  C   . PHE A 1 138 ? -5.949  14.857  -1.362  1.00 21.57 ? 221 PHE A C   1 
ATOM   1149 O  O   . PHE A 1 138 ? -6.418  15.726  -2.096  1.00 22.23 ? 221 PHE A O   1 
ATOM   1150 C  CB  . PHE A 1 138 ? -3.948  15.704  -0.132  1.00 18.51 ? 221 PHE A CB  1 
ATOM   1151 C  CG  . PHE A 1 138 ? -4.656  15.540  1.158   1.00 22.81 ? 221 PHE A CG  1 
ATOM   1152 C  CD1 . PHE A 1 138 ? -4.213  14.597  2.083   1.00 22.76 ? 221 PHE A CD1 1 
ATOM   1153 C  CD2 . PHE A 1 138 ? -5.794  16.313  1.453   1.00 24.22 ? 221 PHE A CD2 1 
ATOM   1154 C  CE1 . PHE A 1 138 ? -4.866  14.420  3.268   1.00 24.03 ? 221 PHE A CE1 1 
ATOM   1155 C  CE2 . PHE A 1 138 ? -6.470  16.139  2.660   1.00 25.16 ? 221 PHE A CE2 1 
ATOM   1156 C  CZ  . PHE A 1 138 ? -6.019  15.191  3.565   1.00 25.83 ? 221 PHE A CZ  1 
ATOM   1157 N  N   . ARG A 1 139 ? -6.667  13.982  -0.677  1.00 22.81 ? 222 ARG A N   1 
ATOM   1158 C  CA  . ARG A 1 139 ? -8.105  14.029  -0.575  1.00 25.33 ? 222 ARG A CA  1 
ATOM   1159 C  C   . ARG A 1 139 ? -8.425  13.763  0.880   1.00 26.55 ? 222 ARG A C   1 
ATOM   1160 O  O   . ARG A 1 139 ? -7.669  13.098  1.579   1.00 25.51 ? 222 ARG A O   1 
ATOM   1161 C  CB  . ARG A 1 139 ? -8.755  12.965  -1.450  1.00 25.62 ? 222 ARG A CB  1 
ATOM   1162 C  CG  . ARG A 1 139 ? -8.173  12.846  -2.839  1.00 29.40 ? 222 ARG A CG  1 
ATOM   1163 C  CD  . ARG A 1 139 ? -9.177  13.264  -3.886  1.00 35.58 ? 222 ARG A CD  1 
ATOM   1164 N  NE  . ARG A 1 139 ? -8.818  12.771  -5.209  1.00 42.04 ? 222 ARG A NE  1 
ATOM   1165 C  CZ  . ARG A 1 139 ? -8.802  11.487  -5.555  1.00 43.64 ? 222 ARG A CZ  1 
ATOM   1166 N  NH1 . ARG A 1 139 ? -8.862  10.538  -4.625  1.00 43.44 ? 222 ARG A NH1 1 
ATOM   1167 N  NH2 . ARG A 1 139 ? -8.729  11.151  -6.829  1.00 41.91 ? 222 ARG A NH2 1 
ATOM   1168 N  N   . GLU A 1 140 ? -9.545  14.295  1.334   1.00 28.59 ? 223 GLU A N   1 
ATOM   1169 C  CA  . GLU A 1 140 ? -9.972  14.115  2.743   1.00 31.01 ? 223 GLU A CA  1 
ATOM   1170 C  C   . GLU A 1 140 ? -9.896  12.644  3.218   1.00 31.55 ? 223 GLU A C   1 
ATOM   1171 O  O   . GLU A 1 140 ? -10.437 11.753  2.545   1.00 30.65 ? 223 GLU A O   1 
ATOM   1172 C  CB  . GLU A 1 140 ? -11.402 14.662  2.923   1.00 31.26 ? 223 GLU A CB  1 
ATOM   1173 C  CG  . GLU A 1 140 ? -11.536 15.496  4.138   1.00 33.82 ? 223 GLU A CG  1 
ATOM   1174 C  CD  . GLU A 1 140 ? -10.310 16.380  4.312   1.00 36.25 ? 223 GLU A CD  1 
ATOM   1175 O  OE1 . GLU A 1 140 ? -9.605  16.180  5.310   1.00 38.66 ? 223 GLU A OE1 1 
ATOM   1176 O  OE2 . GLU A 1 140 ? -10.025 17.223  3.427   1.00 37.78 ? 223 GLU A OE2 1 
ATOM   1177 N  N   . THR A 1 141 ? -9.202  12.396  4.331   1.00 31.25 ? 224 THR A N   1 
ATOM   1178 C  CA  . THR A 1 141 ? -8.883  11.024  4.716   1.00 32.58 ? 224 THR A CA  1 
ATOM   1179 C  C   . THR A 1 141 ? -9.745  10.563  5.895   1.00 34.96 ? 224 THR A C   1 
ATOM   1180 O  O   . THR A 1 141 ? -9.911  9.345   6.097   1.00 35.61 ? 224 THR A O   1 
ATOM   1181 C  CB  . THR A 1 141 ? -7.335  10.770  5.012   1.00 32.68 ? 224 THR A CB  1 
ATOM   1182 O  OG1 . THR A 1 141 ? -6.842  11.720  5.974   1.00 31.72 ? 224 THR A OG1 1 
ATOM   1183 C  CG2 . THR A 1 141 ? -6.474  10.868  3.737   1.00 27.91 ? 224 THR A CG2 1 
ATOM   1184 N  N   . SER A 1 142 ? -10.315 11.512  6.656   1.00 35.94 ? 225 SER A N   1 
ATOM   1185 C  CA  . SER A 1 142 ? -10.945 11.183  7.961   1.00 36.54 ? 225 SER A CA  1 
ATOM   1186 C  C   . SER A 1 142 ? -12.091 10.157  7.861   1.00 37.10 ? 225 SER A C   1 
ATOM   1187 O  O   . SER A 1 142 ? -12.402 9.467   8.854   1.00 36.78 ? 225 SER A O   1 
ATOM   1188 C  CB  . SER A 1 142 ? -11.357 12.443  8.748   1.00 37.26 ? 225 SER A CB  1 
ATOM   1189 O  OG  . SER A 1 142 ? -12.320 13.216  8.042   1.00 36.72 ? 225 SER A OG  1 
ATOM   1190 N  N   A ASN A 1 143 ? -12.770 10.046  6.716   0.50 36.91 ? 226 ASN A N   1 
ATOM   1191 N  N   B ASN A 1 143 ? -12.665 10.105  6.651   0.50 36.51 ? 226 ASN A N   1 
ATOM   1192 C  CA  A ASN A 1 143 ? -13.381 8.737   6.356   0.50 36.60 ? 226 ASN A CA  1 
ATOM   1193 C  CA  B ASN A 1 143 ? -13.655 9.114   6.249   0.50 36.05 ? 226 ASN A CA  1 
ATOM   1194 C  C   A ASN A 1 143 ? -13.414 8.549   4.876   0.50 36.31 ? 226 ASN A C   1 
ATOM   1195 C  C   B ASN A 1 143 ? -13.458 8.701   4.781   0.50 35.96 ? 226 ASN A C   1 
ATOM   1196 O  O   A ASN A 1 143 ? -14.468 8.532   4.220   0.50 35.88 ? 226 ASN A O   1 
ATOM   1197 O  O   B ASN A 1 143 ? -14.438 8.627   4.026   0.50 35.63 ? 226 ASN A O   1 
ATOM   1198 C  CB  A ASN A 1 143 ? -14.737 8.372   6.975   0.50 36.81 ? 226 ASN A CB  1 
ATOM   1199 C  CB  B ASN A 1 143 ? -15.085 9.648   6.474   0.50 35.67 ? 226 ASN A CB  1 
ATOM   1200 C  CG  A ASN A 1 143 ? -15.146 6.919   6.645   0.50 36.09 ? 226 ASN A CG  1 
ATOM   1201 C  CG  B ASN A 1 143 ? -15.467 9.712   7.962   0.50 34.45 ? 226 ASN A CG  1 
ATOM   1202 O  OD1 A ASN A 1 143 ? -16.332 6.578   6.628   0.50 35.11 ? 226 ASN A OD1 1 
ATOM   1203 O  OD1 B ASN A 1 143 ? -15.792 8.698   8.588   0.50 32.96 ? 226 ASN A OD1 1 
ATOM   1204 N  ND2 A ASN A 1 143 ? -14.149 6.069   6.365   0.50 34.64 ? 226 ASN A ND2 1 
ATOM   1205 N  ND2 B ASN A 1 143 ? -15.421 10.903  8.518   0.50 30.09 ? 226 ASN A ND2 1 
ATOM   1206 N  N   . TYR A 1 144 ? -12.199 8.437   4.387   1.00 35.45 ? 227 TYR A N   1 
ATOM   1207 C  CA  . TYR A 1 144 ? -11.901 8.081   3.048   1.00 34.00 ? 227 TYR A CA  1 
ATOM   1208 C  C   . TYR A 1 144 ? -12.407 6.657   2.745   1.00 33.42 ? 227 TYR A C   1 
ATOM   1209 O  O   . TYR A 1 144 ? -12.137 5.690   3.508   1.00 34.07 ? 227 TYR A O   1 
ATOM   1210 C  CB  . TYR A 1 144 ? -10.383 8.198   2.840   1.00 33.17 ? 227 TYR A CB  1 
ATOM   1211 C  CG  . TYR A 1 144 ? -10.014 8.076   1.389   1.00 30.66 ? 227 TYR A CG  1 
ATOM   1212 C  CD1 . TYR A 1 144 ? -10.066 9.177   0.546   1.00 29.33 ? 227 TYR A CD1 1 
ATOM   1213 C  CD2 . TYR A 1 144 ? -9.666  6.843   0.841   1.00 27.52 ? 227 TYR A CD2 1 
ATOM   1214 C  CE1 . TYR A 1 144 ? -9.755  9.045   -0.813  1.00 28.65 ? 227 TYR A CE1 1 
ATOM   1215 C  CE2 . TYR A 1 144 ? -9.335  6.723   -0.508  1.00 27.01 ? 227 TYR A CE2 1 
ATOM   1216 C  CZ  . TYR A 1 144 ? -9.397  7.830   -1.313  1.00 24.76 ? 227 TYR A CZ  1 
ATOM   1217 O  OH  . TYR A 1 144 ? -9.068  7.706   -2.643  1.00 25.36 ? 227 TYR A OH  1 
ATOM   1218 N  N   . SER A 1 145 ? -13.152 6.535   1.642   1.00 31.83 ? 228 SER A N   1 
ATOM   1219 C  CA  . SER A 1 145 ? -13.625 5.231   1.160   1.00 30.19 ? 228 SER A CA  1 
ATOM   1220 C  C   . SER A 1 145 ? -13.166 5.045   -0.243  1.00 26.88 ? 228 SER A C   1 
ATOM   1221 O  O   . SER A 1 145 ? -12.848 6.028   -0.896  1.00 27.25 ? 228 SER A O   1 
ATOM   1222 C  CB  . SER A 1 145 ? -15.140 5.116   1.255   1.00 31.47 ? 228 SER A CB  1 
ATOM   1223 O  OG  . SER A 1 145 ? -15.451 4.645   2.566   1.00 35.85 ? 228 SER A OG  1 
ATOM   1224 N  N   . LEU A 1 146 ? -13.109 3.806   -0.695  1.00 22.20 ? 229 LEU A N   1 
ATOM   1225 C  CA  . LEU A 1 146 ? -12.575 3.541   -1.999  1.00 21.06 ? 229 LEU A CA  1 
ATOM   1226 C  C   . LEU A 1 146 ? -13.383 4.253   -3.073  1.00 19.07 ? 229 LEU A C   1 
ATOM   1227 O  O   . LEU A 1 146 ? -14.621 4.250   -3.025  1.00 19.64 ? 229 LEU A O   1 
ATOM   1228 C  CB  . LEU A 1 146 ? -12.568 2.053   -2.286  1.00 19.23 ? 229 LEU A CB  1 
ATOM   1229 C  CG  . LEU A 1 146 ? -11.345 1.226   -2.008  1.00 23.50 ? 229 LEU A CG  1 
ATOM   1230 C  CD1 . LEU A 1 146 ? -11.486 0.066   -2.998  1.00 14.39 ? 229 LEU A CD1 1 
ATOM   1231 C  CD2 . LEU A 1 146 ? -10.015 2.009   -2.243  1.00 20.43 ? 229 LEU A CD2 1 
ATOM   1232 N  N   . PRO A 1 147 ? -12.704 4.859   -4.065  1.00 17.99 ? 230 PRO A N   1 
ATOM   1233 C  CA  . PRO A 1 147 ? -13.523 5.438   -5.137  1.00 16.70 ? 230 PRO A CA  1 
ATOM   1234 C  C   . PRO A 1 147 ? -14.153 4.321   -5.945  1.00 16.65 ? 230 PRO A C   1 
ATOM   1235 O  O   . PRO A 1 147 ? -13.611 3.216   -6.003  1.00 15.57 ? 230 PRO A O   1 
ATOM   1236 C  CB  . PRO A 1 147 ? -12.506 6.255   -5.979  1.00 17.05 ? 230 PRO A CB  1 
ATOM   1237 C  CG  . PRO A 1 147 ? -11.371 6.538   -5.043  1.00 18.24 ? 230 PRO A CG  1 
ATOM   1238 C  CD  . PRO A 1 147 ? -11.302 5.311   -4.124  1.00 17.21 ? 230 PRO A CD  1 
ATOM   1239 N  N   . GLN A 1 148 ? -15.312 4.596   -6.565  1.00 16.49 ? 231 GLN A N   1 
ATOM   1240 C  CA  . GLN A 1 148 ? -16.059 3.527   -7.232  1.00 14.78 ? 231 GLN A CA  1 
ATOM   1241 C  C   . GLN A 1 148 ? -15.226 2.859   -8.290  1.00 13.44 ? 231 GLN A C   1 
ATOM   1242 O  O   . GLN A 1 148 ? -15.396 1.667   -8.541  1.00 15.34 ? 231 GLN A O   1 
ATOM   1243 C  CB  . GLN A 1 148 ? -17.373 4.069   -7.824  1.00 14.13 ? 231 GLN A CB  1 
ATOM   1244 C  CG  . GLN A 1 148 ? -18.475 3.050   -7.957  1.00 17.96 ? 231 GLN A CG  1 
ATOM   1245 C  CD  . GLN A 1 148 ? -19.027 2.589   -6.618  1.00 26.14 ? 231 GLN A CD  1 
ATOM   1246 O  OE1 . GLN A 1 148 ? -19.147 3.401   -5.637  1.00 26.09 ? 231 GLN A OE1 1 
ATOM   1247 N  NE2 . GLN A 1 148 ? -19.375 1.278   -6.543  1.00 19.42 ? 231 GLN A NE2 1 
ATOM   1248 N  N   . ASP A 1 149 ? -14.391 3.609   -9.015  1.00 14.42 ? 232 ASP A N   1 
ATOM   1249 C  CA  . ASP A 1 149 ? -13.544 2.966   -10.060 1.00 14.33 ? 232 ASP A CA  1 
ATOM   1250 C  C   . ASP A 1 149 ? -12.610 1.931   -9.442  1.00 14.52 ? 232 ASP A C   1 
ATOM   1251 O  O   . ASP A 1 149 ? -12.350 0.855   -10.034 1.00 15.04 ? 232 ASP A O   1 
ATOM   1252 C  CB  . ASP A 1 149 ? -12.720 3.963   -10.928 1.00 13.46 ? 232 ASP A CB  1 
ATOM   1253 C  CG  . ASP A 1 149 ? -11.954 3.274   -12.014 1.00 20.10 ? 232 ASP A CG  1 
ATOM   1254 O  OD1 . ASP A 1 149 ? -12.641 2.737   -12.926 1.00 17.90 ? 232 ASP A OD1 1 
ATOM   1255 O  OD2 . ASP A 1 149 ? -10.699 3.199   -11.962 1.00 23.60 ? 232 ASP A OD2 1 
ATOM   1256 N  N   . ASP A 1 150 ? -12.130 2.196   -8.235  1.00 14.83 ? 233 ASP A N   1 
ATOM   1257 C  CA  . ASP A 1 150 ? -11.258 1.175   -7.558  1.00 16.02 ? 233 ASP A CA  1 
ATOM   1258 C  C   . ASP A 1 150 ? -12.036 -0.021  -6.945  1.00 15.83 ? 233 ASP A C   1 
ATOM   1259 O  O   . ASP A 1 150 ? -11.529 -1.172  -6.981  1.00 14.58 ? 233 ASP A O   1 
ATOM   1260 C  CB  . ASP A 1 150 ? -10.434 1.841   -6.484  1.00 16.18 ? 233 ASP A CB  1 
ATOM   1261 C  CG  . ASP A 1 150 ? -9.731  3.115   -7.014  1.00 18.23 ? 233 ASP A CG  1 
ATOM   1262 O  OD1 . ASP A 1 150 ? -8.782  2.949   -7.804  1.00 15.62 ? 233 ASP A OD1 1 
ATOM   1263 O  OD2 . ASP A 1 150 ? -10.152 4.285   -6.668  1.00 17.86 ? 233 ASP A OD2 1 
ATOM   1264 N  N   . ILE A 1 151 ? -13.255 0.257   -6.429  1.00 14.59 ? 234 ILE A N   1 
ATOM   1265 C  CA  . ILE A 1 151 ? -14.180 -0.837  -6.086  1.00 13.47 ? 234 ILE A CA  1 
ATOM   1266 C  C   . ILE A 1 151 ? -14.370 -1.713  -7.328  1.00 13.10 ? 234 ILE A C   1 
ATOM   1267 O  O   . ILE A 1 151 ? -14.272 -2.949  -7.258  1.00 14.69 ? 234 ILE A O   1 
ATOM   1268 C  CB  . ILE A 1 151 ? -15.523 -0.309  -5.608  1.00 13.32 ? 234 ILE A CB  1 
ATOM   1269 C  CG1 . ILE A 1 151 ? -15.337 0.518   -4.311  1.00 12.49 ? 234 ILE A CG1 1 
ATOM   1270 C  CG2 . ILE A 1 151 ? -16.559 -1.461  -5.338  1.00 14.31 ? 234 ILE A CG2 1 
ATOM   1271 C  CD1 . ILE A 1 151 ? -16.582 1.193   -3.984  1.00 21.76 ? 234 ILE A CD1 1 
ATOM   1272 N  N   . ASP A 1 152 ? -14.667 -1.119  -8.475  1.00 13.90 ? 235 ASP A N   1 
ATOM   1273 C  CA  . ASP A 1 152 ? -14.836 -1.970  -9.709  1.00 13.93 ? 235 ASP A CA  1 
ATOM   1274 C  C   . ASP A 1 152 ? -13.640 -2.843  -10.022 1.00 14.04 ? 235 ASP A C   1 
ATOM   1275 O  O   . ASP A 1 152 ? -13.782 -4.033  -10.501 1.00 15.32 ? 235 ASP A O   1 
ATOM   1276 C  CB  . ASP A 1 152 ? -15.133 -1.084  -10.943 1.00 15.47 ? 235 ASP A CB  1 
ATOM   1277 C  CG  . ASP A 1 152 ? -16.506 -0.358  -10.851 1.00 16.94 ? 235 ASP A CG  1 
ATOM   1278 O  OD1 . ASP A 1 152 ? -17.378 -0.770  -10.052 1.00 16.50 ? 235 ASP A OD1 1 
ATOM   1279 O  OD2 . ASP A 1 152 ? -16.696 0.592   -11.641 1.00 22.26 ? 235 ASP A OD2 1 
ATOM   1280 N  N   . GLY A 1 153 ? -12.441 -2.248  -9.909  1.00 15.00 ? 236 GLY A N   1 
ATOM   1281 C  CA  . GLY A 1 153 ? -11.184 -2.957  -10.171 1.00 14.80 ? 236 GLY A CA  1 
ATOM   1282 C  C   . GLY A 1 153 ? -10.944 -4.182  -9.262  1.00 13.92 ? 236 GLY A C   1 
ATOM   1283 O  O   . GLY A 1 153 ? -10.651 -5.247  -9.751  1.00 14.94 ? 236 GLY A O   1 
ATOM   1284 N  N   . ILE A 1 154 ? -11.163 -4.030  -7.953  1.00 14.59 ? 237 ILE A N   1 
ATOM   1285 C  CA  . ILE A 1 154 ? -10.856 -5.107  -6.930  1.00 14.13 ? 237 ILE A CA  1 
ATOM   1286 C  C   . ILE A 1 154 ? -11.936 -6.215  -7.060  1.00 15.38 ? 237 ILE A C   1 
ATOM   1287 O  O   . ILE A 1 154 ? -11.629 -7.435  -7.230  1.00 15.75 ? 237 ILE A O   1 
ATOM   1288 C  CB  . ILE A 1 154 ? -10.653 -4.468  -5.441  1.00 13.82 ? 237 ILE A CB  1 
ATOM   1289 C  CG1 . ILE A 1 154 ? -9.969  -5.457  -4.480  1.00 14.58 ? 237 ILE A CG1 1 
ATOM   1290 C  CG2 . ILE A 1 154 ? -11.972 -3.988  -4.882  1.00 12.34 ? 237 ILE A CG2 1 
ATOM   1291 C  CD1 . ILE A 1 154 ? -8.462  -5.527  -4.742  1.00 17.78 ? 237 ILE A CD1 1 
ATOM   1292 N  N   . GLN A 1 155 ? -13.179 -5.776  -7.256  1.00 15.79 ? 238 GLN A N   1 
ATOM   1293 C  CA  . GLN A 1 155 ? -14.286 -6.717  -7.525  1.00 14.78 ? 238 GLN A CA  1 
ATOM   1294 C  C   . GLN A 1 155 ? -14.071 -7.514  -8.806  1.00 15.89 ? 238 GLN A C   1 
ATOM   1295 O  O   . GLN A 1 155 ? -14.375 -8.677  -8.836  1.00 14.47 ? 238 GLN A O   1 
ATOM   1296 C  CB  . GLN A 1 155 ? -15.619 -6.003  -7.633  1.00 15.22 ? 238 GLN A CB  1 
ATOM   1297 C  CG  . GLN A 1 155 ? -16.222 -5.555  -6.295  1.00 14.43 ? 238 GLN A CG  1 
ATOM   1298 C  CD  . GLN A 1 155 ? -17.152 -6.628  -5.745  1.00 14.47 ? 238 GLN A CD  1 
ATOM   1299 O  OE1 . GLN A 1 155 ? -17.847 -7.356  -6.538  1.00 15.01 ? 238 GLN A OE1 1 
ATOM   1300 N  NE2 . GLN A 1 155 ? -17.073 -6.852  -4.407  1.00 10.51 ? 238 GLN A NE2 1 
ATOM   1301 N  N   . ALA A 1 156 ? -13.593 -6.866  -9.874  1.00 16.84 ? 239 ALA A N   1 
ATOM   1302 C  CA  . ALA A 1 156 ? -13.241 -7.548  -11.134 1.00 16.47 ? 239 ALA A CA  1 
ATOM   1303 C  C   . ALA A 1 156 ? -12.251 -8.669  -10.951 1.00 17.64 ? 239 ALA A C   1 
ATOM   1304 O  O   . ALA A 1 156 ? -12.307 -9.731  -11.693 1.00 17.78 ? 239 ALA A O   1 
ATOM   1305 C  CB  . ALA A 1 156 ? -12.703 -6.509  -12.170 1.00 17.10 ? 239 ALA A CB  1 
ATOM   1306 N  N   . ILE A 1 157 ? -11.332 -8.495  -9.983  1.00 15.04 ? 240 ILE A N   1 
ATOM   1307 C  CA  . ILE A 1 157 ? -10.364 -9.575  -9.706  1.00 16.58 ? 240 ILE A CA  1 
ATOM   1308 C  C   . ILE A 1 157 ? -10.885 -10.645 -8.718  1.00 16.24 ? 240 ILE A C   1 
ATOM   1309 O  O   . ILE A 1 157 ? -10.831 -11.875 -9.004  1.00 15.15 ? 240 ILE A O   1 
ATOM   1310 C  CB  . ILE A 1 157 ? -8.990  -9.058  -9.279  1.00 16.44 ? 240 ILE A CB  1 
ATOM   1311 C  CG1 . ILE A 1 157 ? -8.415  -8.025  -10.283 1.00 21.80 ? 240 ILE A CG1 1 
ATOM   1312 C  CG2 . ILE A 1 157 ? -8.027  -10.216 -8.988  1.00 14.38 ? 240 ILE A CG2 1 
ATOM   1313 C  CD1 . ILE A 1 157 ? -7.580  -6.941  -9.574  1.00 20.59 ? 240 ILE A CD1 1 
ATOM   1314 N  N   . TYR A 1 158 ? -11.380 -10.173 -7.577  1.00 16.55 ? 241 TYR A N   1 
ATOM   1315 C  CA  . TYR A 1 158 ? -11.668 -11.044 -6.419  1.00 16.62 ? 241 TYR A CA  1 
ATOM   1316 C  C   . TYR A 1 158 ? -13.143 -11.263 -6.103  1.00 17.03 ? 241 TYR A C   1 
ATOM   1317 O  O   . TYR A 1 158 ? -13.433 -12.050 -5.242  1.00 18.32 ? 241 TYR A O   1 
ATOM   1318 C  CB  . TYR A 1 158 ? -10.946 -10.542 -5.168  1.00 15.94 ? 241 TYR A CB  1 
ATOM   1319 C  CG  . TYR A 1 158 ? -9.417  -10.566 -5.305  1.00 15.19 ? 241 TYR A CG  1 
ATOM   1320 C  CD1 . TYR A 1 158 ? -8.668  -11.695 -4.958  1.00 13.69 ? 241 TYR A CD1 1 
ATOM   1321 C  CD2 . TYR A 1 158 ? -8.724  -9.424  -5.725  1.00 12.81 ? 241 TYR A CD2 1 
ATOM   1322 C  CE1 . TYR A 1 158 ? -7.280  -11.697 -5.074  1.00 11.33 ? 241 TYR A CE1 1 
ATOM   1323 C  CE2 . TYR A 1 158 ? -7.337  -9.418  -5.811  1.00 13.17 ? 241 TYR A CE2 1 
ATOM   1324 C  CZ  . TYR A 1 158 ? -6.632  -10.562 -5.544  1.00 11.50 ? 241 TYR A CZ  1 
ATOM   1325 O  OH  . TYR A 1 158 ? -5.260  -10.522 -5.640  1.00 13.24 ? 241 TYR A OH  1 
ATOM   1326 N  N   . GLY A 1 159 ? -14.067 -10.591 -6.783  1.00 17.62 ? 242 GLY A N   1 
ATOM   1327 C  CA  . GLY A 1 159 ? -15.492 -10.624 -6.369  1.00 16.79 ? 242 GLY A CA  1 
ATOM   1328 C  C   . GLY A 1 159 ? -15.595 -9.870  -5.015  1.00 16.89 ? 242 GLY A C   1 
ATOM   1329 O  O   . GLY A 1 159 ? -16.376 -10.131 -4.085  1.00 14.07 ? 242 GLY A O   1 
ATOM   1330 O  OXT . GLY A 1 159 ? -14.764 -9.015  -4.833  1.00 15.48 ? 242 GLY A OXT 1 
HETATM 1331 ZN ZN  . ZN  B 2 .   ? 11.871  -1.578  -3.523  1.00 14.30 ? 301 ZN  A ZN  1 
HETATM 1332 ZN ZN  . ZN  C 2 .   ? 1.027   3.257   -8.815  1.00 15.55 ? 302 ZN  A ZN  1 
HETATM 1333 CA CA  . CA  D 3 .   ? 11.338  9.793   -3.899  1.00 15.59 ? 303 CA  A CA  1 
HETATM 1334 CA CA  . CA  E 3 .   ? 5.739   -11.205 -0.417  1.00 25.50 ? 304 CA  A CA  1 
HETATM 1335 C  C1  . E1S F 4 .   ? 3.115   7.772   -6.902  1.00 9.83  ? 1   E1S A C1  1 
HETATM 1336 N  N1  . E1S F 4 .   ? 4.748   6.643   -8.545  1.00 18.31 ? 1   E1S A N1  1 
HETATM 1337 C  C2  . E1S F 4 .   ? 4.476   7.185   -7.209  1.00 13.14 ? 1   E1S A C2  1 
HETATM 1338 O  O2  . E1S F 4 .   ? 5.313   7.088   -6.345  1.00 19.26 ? 1   E1S A O2  1 
HETATM 1339 C  C3  . E1S F 4 .   ? 5.763   4.627   -9.499  1.00 19.49 ? 1   E1S A C3  1 
HETATM 1340 N  N3  . E1S F 4 .   ? 6.669   8.255   -9.775  1.00 15.04 ? 1   E1S A N3  1 
HETATM 1341 C  C4  . E1S F 4 .   ? 5.244   3.745   -8.383  1.00 17.02 ? 1   E1S A C4  1 
HETATM 1342 C  C5  . E1S F 4 .   ? 3.771   3.536   -8.343  1.00 20.77 ? 1   E1S A C5  1 
HETATM 1343 O  O5  . E1S F 4 .   ? 7.289   6.505   -10.871 1.00 19.17 ? 1   E1S A O5  1 
HETATM 1344 O  O6  . E1S F 4 .   ? 3.214   3.135   -7.272  1.00 21.57 ? 1   E1S A O6  1 
HETATM 1345 O  O7  . E1S F 4 .   ? 3.046   3.760   -9.365  1.00 12.91 ? 1   E1S A O7  1 
HETATM 1346 C  C13 . E1S F 4 .   ? 6.704   6.955   -9.912  1.00 17.75 ? 1   E1S A C13 1 
HETATM 1347 C  C14 . E1S F 4 .   ? 2.315   6.718   -6.106  1.00 8.60  ? 1   E1S A C14 1 
HETATM 1348 C  C15 . E1S F 4 .   ? 0.902   7.181   -5.831  1.00 13.01 ? 1   E1S A C15 1 
HETATM 1349 C  C16 . E1S F 4 .   ? 0.493   7.373   -4.522  1.00 12.86 ? 1   E1S A C16 1 
HETATM 1350 C  C17 . E1S F 4 .   ? -0.902  7.879   -4.272  1.00 13.10 ? 1   E1S A C17 1 
HETATM 1351 C  C18 . E1S F 4 .   ? -0.015  7.468   -6.970  1.00 18.08 ? 1   E1S A C18 1 
HETATM 1352 C  C19 . E1S F 4 .   ? -3.159  8.594   -5.089  1.00 15.37 ? 1   E1S A C19 1 
HETATM 1353 C  C20 . E1S F 4 .   ? -4.273  8.581   -5.983  1.00 18.45 ? 1   E1S A C20 1 
HETATM 1354 C  C21 . E1S F 4 .   ? -5.463  9.122   -5.355  1.00 13.86 ? 1   E1S A C21 1 
HETATM 1355 S  S23 . E1S F 4 .   ? -3.593  9.235   -3.516  1.00 17.30 ? 1   E1S A S23 1 
HETATM 1356 C  C24 . E1S F 4 .   ? -6.201  10.136  -3.076  1.00 17.38 ? 1   E1S A C24 1 
HETATM 1357 C  C27 . E1S F 4 .   ? -5.218  9.495   -4.037  1.00 15.94 ? 1   E1S A C27 1 
HETATM 1358 C  C30 . E1S F 4 .   ? -1.751  8.101   -5.348  1.00 13.79 ? 1   E1S A C30 1 
HETATM 1359 C  C31 . E1S F 4 .   ? -1.281  7.931   -6.720  1.00 11.48 ? 1   E1S A C31 1 
HETATM 1360 C  C35 . E1S F 4 .   ? 6.021   6.025   -8.919  1.00 16.96 ? 1   E1S A C35 1 
HETATM 1361 O  O1  . MES G 5 .   ? -10.657 5.992   7.056   1.00 43.89 ? 243 MES A O1  1 
HETATM 1362 C  C2  . MES G 5 .   ? -10.560 6.151   8.474   1.00 45.73 ? 243 MES A C2  1 
HETATM 1363 C  C3  . MES G 5 .   ? -9.675  7.346   8.830   1.00 46.22 ? 243 MES A C3  1 
HETATM 1364 N  N4  . MES G 5 .   ? -8.389  7.193   8.138   1.00 48.47 ? 243 MES A N4  1 
HETATM 1365 C  C5  . MES G 5 .   ? -8.349  6.628   6.793   1.00 46.94 ? 243 MES A C5  1 
HETATM 1366 C  C6  . MES G 5 .   ? -9.417  5.552   6.543   1.00 44.88 ? 243 MES A C6  1 
HETATM 1367 C  C7  . MES G 5 .   ? -7.147  7.662   8.780   1.00 50.56 ? 243 MES A C7  1 
HETATM 1368 C  C8  . MES G 5 .   ? -5.819  7.043   8.235   1.00 55.66 ? 243 MES A C8  1 
HETATM 1369 S  S   . MES G 5 .   ? -4.457  7.846   8.866   1.00 60.30 ? 243 MES A S   1 
HETATM 1370 O  O1S . MES G 5 .   ? -5.111  7.710   10.181  1.00 62.01 ? 243 MES A O1S 1 
HETATM 1371 O  O2S . MES G 5 .   ? -4.617  8.944   7.874   1.00 59.23 ? 243 MES A O2S 1 
HETATM 1372 O  O3S . MES G 5 .   ? -3.382  6.872   8.608   1.00 60.45 ? 243 MES A O3S 1 
HETATM 1373 O  O   . HOH H 6 .   ? -16.519 -9.053  -1.938  1.00 10.02 ? 2   HOH A O   1 
HETATM 1374 O  O   . HOH H 6 .   ? 15.575  7.449   -1.897  1.00 13.03 ? 4   HOH A O   1 
HETATM 1375 O  O   . HOH H 6 .   ? -13.638 1.158   0.927   1.00 17.49 ? 5   HOH A O   1 
HETATM 1376 O  O   . HOH H 6 .   ? -13.075 2.192   5.592   1.00 31.08 ? 7   HOH A O   1 
HETATM 1377 O  O   . HOH H 6 .   ? 16.613  -1.036  -4.932  1.00 16.10 ? 8   HOH A O   1 
HETATM 1378 O  O   . HOH H 6 .   ? 19.200  -3.157  -5.944  1.00 22.41 ? 9   HOH A O   1 
HETATM 1379 O  O   . HOH H 6 .   ? 18.910  -0.916  -6.816  1.00 39.97 ? 10  HOH A O   1 
HETATM 1380 O  O   . HOH H 6 .   ? -0.509  16.090  0.593   1.00 26.47 ? 11  HOH A O   1 
HETATM 1381 O  O   . HOH H 6 .   ? -1.903  17.414  -2.995  1.00 34.06 ? 12  HOH A O   1 
HETATM 1382 O  O   . HOH H 6 .   ? -5.793  12.538  -5.666  1.00 22.82 ? 13  HOH A O   1 
HETATM 1383 O  O   . HOH H 6 .   ? -4.764  11.726  -7.818  1.00 15.42 ? 14  HOH A O   1 
HETATM 1384 O  O   . HOH H 6 .   ? -6.941  10.504  -8.344  1.00 21.21 ? 15  HOH A O   1 
HETATM 1385 O  O   . HOH H 6 .   ? -12.208 10.612  -3.125  1.00 44.87 ? 16  HOH A O   1 
HETATM 1386 O  O   . HOH H 6 .   ? -13.308 8.518   -1.996  1.00 37.46 ? 17  HOH A O   1 
HETATM 1387 O  O   . HOH H 6 .   ? -17.036 5.524   -2.370  1.00 37.77 ? 18  HOH A O   1 
HETATM 1388 O  O   . HOH H 6 .   ? -19.241 3.268   -2.301  1.00 29.15 ? 19  HOH A O   1 
HETATM 1389 O  O   . HOH H 6 .   ? -20.147 0.841   -3.569  1.00 18.97 ? 20  HOH A O   1 
HETATM 1390 O  O   . HOH H 6 .   ? -16.185 7.215   -6.335  1.00 30.67 ? 21  HOH A O   1 
HETATM 1391 O  O   . HOH H 6 .   ? -16.088 -4.646  -12.048 1.00 18.24 ? 22  HOH A O   1 
HETATM 1392 O  O   . HOH H 6 .   ? -18.226 -8.810  -9.149  1.00 28.56 ? 23  HOH A O   1 
HETATM 1393 O  O   . HOH H 6 .   ? -19.099 -7.707  -10.983 1.00 31.46 ? 24  HOH A O   1 
HETATM 1394 O  O   . HOH H 6 .   ? -16.826 -7.280  -11.853 1.00 32.59 ? 25  HOH A O   1 
HETATM 1395 O  O   . HOH H 6 .   ? -8.794  1.712   -10.075 1.00 14.58 ? 26  HOH A O   1 
HETATM 1396 O  O   . HOH H 6 .   ? -7.174  -0.003  -11.534 1.00 25.96 ? 27  HOH A O   1 
HETATM 1397 O  O   . HOH H 6 .   ? 5.550   -6.676  -10.095 1.00 20.50 ? 28  HOH A O   1 
HETATM 1398 O  O   . HOH H 6 .   ? 4.373   0.267   -7.740  1.00 13.17 ? 29  HOH A O   1 
HETATM 1399 O  O   . HOH H 6 .   ? 2.865   11.757  -7.927  1.00 26.82 ? 30  HOH A O   1 
HETATM 1400 O  O   . HOH H 6 .   ? -3.869  14.079  -9.351  1.00 35.87 ? 31  HOH A O   1 
HETATM 1401 O  O   . HOH H 6 .   ? 11.519  -13.063 -4.274  1.00 39.63 ? 32  HOH A O   1 
HETATM 1402 O  O   . HOH H 6 .   ? 6.650   -12.559 1.395   1.00 17.76 ? 33  HOH A O   1 
HETATM 1403 O  O   . HOH H 6 .   ? 4.758   -13.300 -1.234  1.00 18.35 ? 34  HOH A O   1 
HETATM 1404 O  O   . HOH H 6 .   ? 8.586   -13.627 3.671   1.00 36.65 ? 35  HOH A O   1 
HETATM 1405 O  O   . HOH H 6 .   ? 3.373   -15.257 0.167   1.00 35.29 ? 36  HOH A O   1 
HETATM 1406 O  O   . HOH H 6 .   ? 2.290   -17.098 -1.447  1.00 42.15 ? 37  HOH A O   1 
HETATM 1407 O  O   . HOH H 6 .   ? 13.086  2.702   -8.972  1.00 20.28 ? 38  HOH A O   1 
HETATM 1408 O  O   A HOH H 6 .   ? 15.363  5.610   -9.277  0.80 17.20 ? 39  HOH A O   1 
HETATM 1409 O  O   . HOH H 6 .   ? 14.438  4.957   -11.557 1.00 32.68 ? 40  HOH A O   1 
HETATM 1410 O  O   A HOH H 6 .   ? 17.594  4.823   -10.620 0.70 30.87 ? 41  HOH A O   1 
HETATM 1411 O  O   . HOH H 6 .   ? 19.035  6.695   -7.122  1.00 34.28 ? 42  HOH A O   1 
HETATM 1412 O  O   . HOH H 6 .   ? 21.514  6.620   -6.080  1.00 37.85 ? 43  HOH A O   1 
HETATM 1413 O  O   . HOH H 6 .   ? 22.274  3.772   -2.817  1.00 17.66 ? 44  HOH A O   1 
HETATM 1414 O  O   . HOH H 6 .   ? 21.765  7.898   0.971   1.00 36.39 ? 45  HOH A O   1 
HETATM 1415 O  O   . HOH H 6 .   ? 2.792   6.524   -10.759 1.00 18.19 ? 46  HOH A O   1 
HETATM 1416 O  O   . HOH H 6 .   ? 3.690   5.534   -13.219 1.00 15.10 ? 47  HOH A O   1 
HETATM 1417 O  O   . HOH H 6 .   ? 4.194   -5.996  11.686  1.00 18.84 ? 48  HOH A O   1 
HETATM 1418 O  O   . HOH H 6 .   ? 11.885  -6.420  10.993  1.00 22.20 ? 49  HOH A O   1 
HETATM 1419 O  O   . HOH H 6 .   ? 3.391   -2.924  -9.196  1.00 26.41 ? 50  HOH A O   1 
HETATM 1420 O  O   . HOH H 6 .   ? -0.988  8.823   7.086   1.00 27.13 ? 51  HOH A O   1 
HETATM 1421 O  O   . HOH H 6 .   ? 2.005   14.060  10.095  1.00 31.75 ? 52  HOH A O   1 
HETATM 1422 O  O   . HOH H 6 .   ? -1.761  7.820   11.175  1.00 33.38 ? 53  HOH A O   1 
HETATM 1423 O  O   . HOH H 6 .   ? -3.330  8.029   13.612  1.00 30.83 ? 54  HOH A O   1 
HETATM 1424 O  O   . HOH H 6 .   ? -1.857  2.482   15.891  1.00 25.07 ? 55  HOH A O   1 
HETATM 1425 O  O   . HOH H 6 .   ? 5.624   -1.619  16.901  1.00 52.75 ? 56  HOH A O   1 
HETATM 1426 O  O   . HOH H 6 .   ? 4.046   -4.202  17.497  1.00 27.34 ? 57  HOH A O   1 
HETATM 1427 O  O   . HOH H 6 .   ? 6.332   -6.539  18.134  1.00 19.81 ? 58  HOH A O   1 
HETATM 1428 O  O   . HOH H 6 .   ? 8.323   -7.941  17.938  1.00 35.36 ? 59  HOH A O   1 
HETATM 1429 O  O   . HOH H 6 .   ? 6.188   -3.605  13.340  1.00 33.19 ? 60  HOH A O   1 
HETATM 1430 O  O   . HOH H 6 .   ? 7.120   -5.492  14.849  1.00 29.61 ? 61  HOH A O   1 
HETATM 1431 O  O   . HOH H 6 .   ? 11.220  -5.743  13.740  1.00 36.63 ? 62  HOH A O   1 
HETATM 1432 O  O   . HOH H 6 .   ? -4.608  -5.455  11.307  1.00 38.53 ? 63  HOH A O   1 
HETATM 1433 O  O   . HOH H 6 .   ? -9.022  -7.255  6.683   1.00 15.23 ? 64  HOH A O   1 
HETATM 1434 O  O   . HOH H 6 .   ? -8.154  -5.189  7.038   1.00 39.51 ? 65  HOH A O   1 
HETATM 1435 O  O   . HOH H 6 .   ? -8.814  -3.342  10.029  1.00 41.56 ? 66  HOH A O   1 
HETATM 1436 O  O   . HOH H 6 .   ? -4.440  -8.902  12.283  1.00 24.56 ? 67  HOH A O   1 
HETATM 1437 O  O   . HOH H 6 .   ? -6.287  -5.654  9.554   1.00 44.52 ? 68  HOH A O   1 
HETATM 1438 O  O   . HOH H 6 .   ? -11.923 -13.778 -3.621  1.00 35.11 ? 69  HOH A O   1 
HETATM 1439 O  O   . HOH H 6 .   ? -13.450 -14.440 2.424   1.00 34.52 ? 70  HOH A O   1 
HETATM 1440 O  O   . HOH H 6 .   ? -14.345 -12.488 3.593   1.00 26.80 ? 71  HOH A O   1 
HETATM 1441 O  O   . HOH H 6 .   ? -10.894 16.186  -0.403  1.00 36.73 ? 72  HOH A O   1 
HETATM 1442 O  O   . HOH H 6 .   ? 11.616  7.755   6.841   1.00 23.70 ? 73  HOH A O   1 
HETATM 1443 O  O   . HOH H 6 .   ? 13.032  5.330   7.563   1.00 33.16 ? 74  HOH A O   1 
HETATM 1444 O  O   . HOH H 6 .   ? 11.842  -12.595 11.439  1.00 40.58 ? 75  HOH A O   1 
HETATM 1445 O  O   . HOH H 6 .   ? 12.592  0.989   12.445  1.00 32.79 ? 76  HOH A O   1 
HETATM 1446 O  O   . HOH H 6 .   ? 4.906   13.664  10.058  1.00 32.19 ? 77  HOH A O   1 
HETATM 1447 O  O   . HOH H 6 .   ? 1.934   14.410  14.390  1.00 36.97 ? 78  HOH A O   1 
HETATM 1448 O  O   . HOH H 6 .   ? 4.536   16.494  14.163  1.00 60.42 ? 79  HOH A O   1 
HETATM 1449 O  O   . HOH H 6 .   ? -9.044  -5.044  -12.336 1.00 22.44 ? 80  HOH A O   1 
HETATM 1450 O  O   . HOH H 6 .   ? -6.410  -2.349  -12.723 1.00 38.19 ? 81  HOH A O   1 
HETATM 1451 O  O   . HOH H 6 .   ? -6.651  -3.297  -14.834 1.00 29.73 ? 82  HOH A O   1 
HETATM 1452 O  O   . HOH H 6 .   ? 12.753  -4.421  -9.315  1.00 29.02 ? 83  HOH A O   1 
HETATM 1453 O  O   . HOH H 6 .   ? -0.957  -2.458  11.049  1.00 14.53 ? 244 HOH A O   1 
HETATM 1454 O  O   . HOH H 6 .   ? -15.919 1.953   -0.211  1.00 26.70 ? 245 HOH A O   1 
HETATM 1455 O  O   . HOH H 6 .   ? -13.742 2.386   2.770   1.00 25.91 ? 246 HOH A O   1 
HETATM 1456 O  O   . HOH H 6 .   ? 1.023   3.592   -15.800 1.00 19.42 ? 247 HOH A O   1 
HETATM 1457 O  O   . HOH H 6 .   ? -4.766  -9.434  -11.588 1.00 40.39 ? 248 HOH A O   1 
HETATM 1458 O  O   . HOH H 6 .   ? -10.179 -13.304 -11.475 1.00 40.42 ? 249 HOH A O   1 
HETATM 1459 O  O   . HOH H 6 .   ? 9.240   14.581  0.627   1.00 37.43 ? 250 HOH A O   1 
HETATM 1460 O  O   . HOH H 6 .   ? 1.540   14.052  -7.853  1.00 28.21 ? 251 HOH A O   1 
HETATM 1461 O  O   . HOH H 6 .   ? 8.060   -11.786 5.938   1.00 37.24 ? 252 HOH A O   1 
HETATM 1462 O  O   . HOH H 6 .   ? -14.105 4.119   4.724   1.00 46.07 ? 253 HOH A O   1 
HETATM 1463 O  O   . HOH H 6 .   ? -6.829  -3.599  8.494   1.00 30.07 ? 254 HOH A O   1 
HETATM 1464 O  O   . HOH H 6 .   ? 11.158  -5.577  -11.228 1.00 35.66 ? 255 HOH A O   1 
HETATM 1465 O  O   . HOH H 6 .   ? -10.418 14.366  6.576   1.00 44.08 ? 256 HOH A O   1 
HETATM 1466 O  O   . HOH H 6 .   ? -10.858 3.823   -17.569 1.00 40.97 ? 257 HOH A O   1 
HETATM 1467 O  O   . HOH H 6 .   ? -8.586  3.009   -16.929 1.00 39.03 ? 258 HOH A O   1 
HETATM 1468 O  O   . HOH H 6 .   ? -2.340  14.367  -13.780 1.00 28.81 ? 259 HOH A O   1 
HETATM 1469 O  O   . HOH H 6 .   ? -11.913 -0.808  11.481  1.00 41.80 ? 260 HOH A O   1 
HETATM 1470 O  O   . HOH H 6 .   ? -10.402 0.819   13.319  1.00 33.23 ? 261 HOH A O   1 
HETATM 1471 O  O   . HOH H 6 .   ? 15.501  -8.717  -6.903  1.00 39.12 ? 262 HOH A O   1 
HETATM 1472 O  O   . HOH H 6 .   ? 14.138  -9.628  -5.388  1.00 34.33 ? 263 HOH A O   1 
HETATM 1473 O  O   . HOH H 6 .   ? 6.793   -13.474 -7.430  1.00 34.65 ? 264 HOH A O   1 
HETATM 1474 O  O   . HOH H 6 .   ? 5.462   -10.978 -8.020  1.00 41.27 ? 265 HOH A O   1 
HETATM 1475 O  O   . HOH H 6 .   ? 7.439   -8.675  -9.657  1.00 39.30 ? 266 HOH A O   1 
HETATM 1476 O  O   . HOH H 6 .   ? 10.543  -6.711  0.438   1.00 15.15 ? 267 HOH A O   1 
HETATM 1477 O  O   . HOH H 6 .   ? -12.741 10.283  -6.484  1.00 31.44 ? 268 HOH A O   1 
HETATM 1478 O  O   . HOH H 6 .   ? -2.279  -15.968 -9.651  1.00 39.97 ? 269 HOH A O   1 
HETATM 1479 O  O   . HOH H 6 .   ? -1.066  -16.649 -5.071  1.00 41.49 ? 270 HOH A O   1 
HETATM 1480 O  O   . HOH H 6 .   ? -4.177  -3.755  13.789  1.00 35.05 ? 271 HOH A O   1 
HETATM 1481 O  O   . HOH H 6 .   ? 10.316  -7.706  -11.978 1.00 53.00 ? 272 HOH A O   1 
HETATM 1482 O  O   . HOH H 6 .   ? -2.162  19.363  0.182   1.00 44.68 ? 273 HOH A O   1 
HETATM 1483 O  O   . HOH H 6 .   ? -7.511  -17.936 2.760   1.00 24.37 ? 274 HOH A O   1 
HETATM 1484 O  O   . HOH H 6 .   ? -13.186 -5.586  6.572   1.00 30.99 ? 275 HOH A O   1 
HETATM 1485 O  O   . HOH H 6 .   ? 1.825   -15.722 6.753   1.00 32.17 ? 276 HOH A O   1 
HETATM 1486 O  O   . HOH H 6 .   ? -6.139  8.022   12.295  1.00 37.99 ? 277 HOH A O   1 
HETATM 1487 O  O   . HOH H 6 .   ? 13.644  -7.868  -7.996  1.00 37.42 ? 278 HOH A O   1 
HETATM 1488 O  O   . HOH H 6 .   ? 2.032   17.830  8.618   1.00 40.94 ? 279 HOH A O   1 
HETATM 1489 O  O   . HOH H 6 .   ? -8.412  -4.861  -16.625 1.00 38.10 ? 280 HOH A O   1 
HETATM 1490 O  O   . HOH H 6 .   ? 7.023   8.174   18.700  1.00 28.08 ? 281 HOH A O   1 
HETATM 1491 O  O   . HOH H 6 .   ? -4.482  -15.382 -16.310 1.00 42.40 ? 282 HOH A O   1 
HETATM 1492 O  O   . HOH H 6 .   ? -0.715  0.768   18.213  1.00 41.30 ? 283 HOH A O   1 
HETATM 1493 O  O   . HOH H 6 .   ? -8.642  -18.789 0.482   1.00 31.15 ? 284 HOH A O   1 
HETATM 1494 O  O   . HOH H 6 .   ? 6.697   5.860   18.313  1.00 30.80 ? 285 HOH A O   1 
HETATM 1495 O  O   . HOH H 6 .   ? 10.309  2.501   -8.424  1.00 17.77 ? 286 HOH A O   1 
HETATM 1496 O  O   . HOH H 6 .   ? 7.694   -2.632  -8.736  1.00 29.63 ? 287 HOH A O   1 
HETATM 1497 O  O   . HOH H 6 .   ? 20.731  4.334   -6.169  1.00 39.40 ? 288 HOH A O   1 
HETATM 1498 O  O   . HOH H 6 .   ? 23.022  6.835   -2.764  1.00 36.03 ? 289 HOH A O   1 
HETATM 1499 O  O   . HOH H 6 .   ? -12.073 -1.256  -13.517 1.00 33.45 ? 290 HOH A O   1 
HETATM 1500 O  O   . HOH H 6 .   ? -10.409 1.027   -14.462 1.00 30.58 ? 291 HOH A O   1 
HETATM 1501 O  O   . HOH H 6 .   ? -15.230 2.076   -12.980 1.00 32.37 ? 292 HOH A O   1 
HETATM 1502 O  O   . HOH H 6 .   ? 8.803   -6.828  11.741  1.00 37.56 ? 293 HOH A O   1 
HETATM 1503 O  O   . HOH H 6 .   ? -13.628 11.702  4.156   1.00 55.34 ? 294 HOH A O   1 
HETATM 1504 O  O   . HOH H 6 .   ? -14.428 6.449   -9.388  1.00 29.65 ? 295 HOH A O   1 
HETATM 1505 O  O   . HOH H 6 .   ? -2.021  4.470   -17.062 1.00 37.22 ? 296 HOH A O   1 
HETATM 1506 O  O   . HOH H 6 .   ? -4.434  -9.286  -8.660  1.00 64.21 ? 297 HOH A O   1 
HETATM 1507 O  O   . HOH H 6 .   ? 5.131   11.983  -7.528  1.00 32.39 ? 298 HOH A O   1 
HETATM 1508 O  O   . HOH H 6 .   ? 7.541   14.715  -7.451  1.00 10.25 ? 299 HOH A O   1 
HETATM 1509 O  O   . HOH H 6 .   ? -1.307  20.554  7.164   1.00 38.89 ? 300 HOH A O   1 
HETATM 1510 O  O   . HOH H 6 .   ? -12.391 12.223  1.002   1.00 42.79 ? 305 HOH A O   1 
HETATM 1511 O  O   . HOH H 6 .   ? -14.005 -7.926  3.367   1.00 26.19 ? 306 HOH A O   1 
HETATM 1512 O  O   . HOH H 6 .   ? -14.487 -8.847  6.518   1.00 26.69 ? 307 HOH A O   1 
HETATM 1513 O  O   . HOH H 6 .   ? 5.702   0.640   20.346  1.00 35.23 ? 308 HOH A O   1 
HETATM 1514 O  O   . HOH H 6 .   ? 3.183   1.830   19.199  1.00 37.55 ? 309 HOH A O   1 
HETATM 1515 O  O   . HOH H 6 .   ? 13.686  -2.836  11.723  1.00 26.82 ? 310 HOH A O   1 
HETATM 1516 O  O   . HOH H 6 .   ? 12.061  -6.949  -9.459  1.00 44.01 ? 311 HOH A O   1 
HETATM 1517 O  O   . HOH H 6 .   ? -13.881 -15.793 -2.405  1.00 34.33 ? 312 HOH A O   1 
HETATM 1518 O  O   . HOH H 6 .   ? -9.436  -17.232 -7.051  1.00 45.59 ? 313 HOH A O   1 
HETATM 1519 O  O   . HOH H 6 .   ? -7.136  -17.718 -7.314  1.00 53.68 ? 314 HOH A O   1 
HETATM 1520 O  O   . HOH H 6 .   ? -1.867  -15.750 -15.264 1.00 41.21 ? 315 HOH A O   1 
HETATM 1521 O  O   . HOH H 6 .   ? 1.419   -13.972 -15.304 1.00 41.31 ? 316 HOH A O   1 
HETATM 1522 O  O   . HOH H 6 .   ? 2.451   -11.289 -14.838 1.00 44.90 ? 317 HOH A O   1 
HETATM 1523 O  O   . HOH H 6 .   ? -3.329  -9.861  -19.023 1.00 43.87 ? 318 HOH A O   1 
HETATM 1524 O  O   . HOH H 6 .   ? -3.193  -8.500  -15.910 1.00 47.26 ? 319 HOH A O   1 
HETATM 1525 O  O   . HOH H 6 .   ? -6.411  -6.434  -14.042 1.00 42.40 ? 320 HOH A O   1 
HETATM 1526 O  O   . HOH H 6 .   ? 0.349   -4.524  -9.793  1.00 40.79 ? 321 HOH A O   1 
HETATM 1527 O  O   . HOH H 6 .   ? -0.172  -6.585  -10.889 1.00 39.77 ? 322 HOH A O   1 
HETATM 1528 O  O   . HOH H 6 .   ? -1.068  -5.976  -13.171 1.00 38.31 ? 323 HOH A O   1 
HETATM 1529 O  O   . HOH H 6 .   ? -4.010  3.196   -17.763 1.00 50.60 ? 324 HOH A O   1 
HETATM 1530 O  O   . HOH H 6 .   ? -5.362  3.163   -19.634 1.00 36.99 ? 325 HOH A O   1 
HETATM 1531 O  O   . HOH H 6 .   ? -14.677 14.215  3.024   1.00 28.54 ? 326 HOH A O   1 
HETATM 1532 O  O   . HOH H 6 .   ? -1.687  -2.429  14.424  1.00 43.75 ? 327 HOH A O   1 
HETATM 1533 O  O   . HOH H 6 .   ? -3.215  -0.343  14.752  1.00 38.95 ? 328 HOH A O   1 
HETATM 1534 O  O   . HOH H 6 .   ? 11.713  -15.154 11.185  1.00 55.22 ? 329 HOH A O   1 
HETATM 1535 O  O   . HOH H 6 .   ? 13.716  -9.797  11.394  1.00 41.25 ? 330 HOH A O   1 
HETATM 1536 O  O   . HOH H 6 .   ? 15.425  -1.354  11.171  1.00 36.17 ? 331 HOH A O   1 
HETATM 1537 O  O   . HOH H 6 .   ? 0.910   17.305  -3.998  1.00 38.87 ? 332 HOH A O   1 
HETATM 1538 O  O   . HOH H 6 .   ? 3.383   -18.458 7.094   1.00 39.68 ? 333 HOH A O   1 
HETATM 1539 O  O   . HOH H 6 .   ? 7.373   -18.349 3.976   1.00 47.25 ? 334 HOH A O   1 
HETATM 1540 O  O   . HOH H 6 .   ? 6.692   -15.759 0.506   1.00 30.69 ? 335 HOH A O   1 
HETATM 1541 O  O   . HOH H 6 .   ? 8.416   -14.951 1.866   1.00 50.30 ? 336 HOH A O   1 
HETATM 1542 O  O   . HOH H 6 .   ? 10.645  -15.189 0.529   1.00 36.59 ? 337 HOH A O   1 
HETATM 1543 O  O   . HOH H 6 .   ? 9.964   -11.266 0.607   1.00 39.48 ? 338 HOH A O   1 
# 
loop_
_pdbx_poly_seq_scheme.asym_id 
_pdbx_poly_seq_scheme.entity_id 
_pdbx_poly_seq_scheme.seq_id 
_pdbx_poly_seq_scheme.mon_id 
_pdbx_poly_seq_scheme.ndb_seq_num 
_pdbx_poly_seq_scheme.pdb_seq_num 
_pdbx_poly_seq_scheme.auth_seq_num 
_pdbx_poly_seq_scheme.pdb_mon_id 
_pdbx_poly_seq_scheme.auth_mon_id 
_pdbx_poly_seq_scheme.pdb_strand_id 
_pdbx_poly_seq_scheme.pdb_ins_code 
_pdbx_poly_seq_scheme.hetero 
A 1 1   GLY 1   84  84  GLY GLY A . n 
A 1 2   ASN 2   85  85  ASN ASN A . n 
A 1 3   PRO 3   86  86  PRO PRO A . n 
A 1 4   LYS 4   87  87  LYS LYS A . n 
A 1 5   TRP 5   88  88  TRP TRP A . n 
A 1 6   GLU 6   89  89  GLU GLU A . n 
A 1 7   ARG 7   90  90  ARG ARG A . n 
A 1 8   THR 8   91  91  THR THR A . n 
A 1 9   ASN 9   92  92  ASN ASN A . n 
A 1 10  LEU 10  93  93  LEU LEU A . n 
A 1 11  THR 11  94  94  THR THR A . n 
A 1 12  TYR 12  95  95  TYR TYR A . n 
A 1 13  ARG 13  96  96  ARG ARG A . n 
A 1 14  ILE 14  97  97  ILE ILE A . n 
A 1 15  ARG 15  98  98  ARG ARG A . n 
A 1 16  ASN 16  99  99  ASN ASN A . n 
A 1 17  TYR 17  100 100 TYR TYR A . n 
A 1 18  THR 18  101 101 THR THR A . n 
A 1 19  PRO 19  102 102 PRO PRO A . n 
A 1 20  GLN 20  103 103 GLN GLN A . n 
A 1 21  LEU 21  104 104 LEU LEU A . n 
A 1 22  SER 22  105 105 SER SER A . n 
A 1 23  GLU 23  106 106 GLU GLU A . n 
A 1 24  ALA 24  107 107 ALA ALA A . n 
A 1 25  GLU 25  108 108 GLU GLU A . n 
A 1 26  VAL 26  109 109 VAL VAL A . n 
A 1 27  GLU 27  110 110 GLU GLU A . n 
A 1 28  ARG 28  111 111 ARG ARG A . n 
A 1 29  ALA 29  112 112 ALA ALA A . n 
A 1 30  ILE 30  113 113 ILE ILE A . n 
A 1 31  LYS 31  114 114 LYS LYS A . n 
A 1 32  ASP 32  115 115 ASP ASP A . n 
A 1 33  ALA 33  116 116 ALA ALA A . n 
A 1 34  PHE 34  117 117 PHE PHE A . n 
A 1 35  GLU 35  118 118 GLU GLU A . n 
A 1 36  LEU 36  119 119 LEU LEU A . n 
A 1 37  TRP 37  120 120 TRP TRP A . n 
A 1 38  SER 38  121 121 SER SER A . n 
A 1 39  VAL 39  122 122 VAL VAL A . n 
A 1 40  ALA 40  123 123 ALA ALA A . n 
A 1 41  SER 41  124 124 SER SER A . n 
A 1 42  PRO 42  125 125 PRO PRO A . n 
A 1 43  LEU 43  126 126 LEU LEU A . n 
A 1 44  ILE 44  127 127 ILE ILE A . n 
A 1 45  PHE 45  128 128 PHE PHE A . n 
A 1 46  THR 46  129 129 THR THR A . n 
A 1 47  ARG 47  130 130 ARG ARG A . n 
A 1 48  ILE 48  131 131 ILE ILE A . n 
A 1 49  SER 49  132 132 SER SER A . n 
A 1 50  GLN 50  133 133 GLN GLN A . n 
A 1 51  GLY 51  134 134 GLY GLY A . n 
A 1 52  GLU 52  135 135 GLU GLU A . n 
A 1 53  ALA 53  136 136 ALA ALA A . n 
A 1 54  ASP 54  137 137 ASP ASP A . n 
A 1 55  ILE 55  138 138 ILE ILE A . n 
A 1 56  ASN 56  139 139 ASN ASN A . n 
A 1 57  ILE 57  140 140 ILE ILE A . n 
A 1 58  ALA 58  141 141 ALA ALA A . n 
A 1 59  PHE 59  142 142 PHE PHE A . n 
A 1 60  TYR 60  143 143 TYR TYR A . n 
A 1 61  GLN 61  144 144 GLN GLN A . n 
A 1 62  ARG 62  145 145 ARG ARG A . n 
A 1 63  ASP 63  146 146 ASP ASP A . n 
A 1 64  HIS 64  147 147 HIS HIS A . n 
A 1 65  GLY 65  148 148 GLY GLY A . n 
A 1 66  ASP 66  149 149 ASP ASP A . n 
A 1 67  ASN 67  150 150 ASN ASN A . n 
A 1 68  SER 68  151 151 SER SER A . n 
A 1 69  PRO 69  152 152 PRO PRO A . n 
A 1 70  PHE 70  153 153 PHE PHE A . n 
A 1 71  ASP 71  154 154 ASP ASP A . n 
A 1 72  GLY 72  155 155 GLY GLY A . n 
A 1 73  PRO 73  156 156 PRO PRO A . n 
A 1 74  ASN 74  157 157 ASN ASN A . n 
A 1 75  GLY 75  158 158 GLY GLY A . n 
A 1 76  ILE 76  159 159 ILE ILE A . n 
A 1 77  LEU 77  160 160 LEU LEU A . n 
A 1 78  ALA 78  161 161 ALA ALA A . n 
A 1 79  HIS 79  162 162 HIS HIS A . n 
A 1 80  ALA 80  163 163 ALA ALA A . n 
A 1 81  PHE 81  164 164 PHE PHE A . n 
A 1 82  GLN 82  165 165 GLN GLN A . n 
A 1 83  PRO 83  166 166 PRO PRO A . n 
A 1 84  GLY 84  167 167 GLY GLY A . n 
A 1 85  GLN 85  168 168 GLN GLN A . n 
A 1 86  GLY 86  169 169 GLY GLY A . n 
A 1 87  ILE 87  170 170 ILE ILE A . n 
A 1 88  GLY 88  171 171 GLY GLY A . n 
A 1 89  GLY 89  172 172 GLY GLY A . n 
A 1 90  ASP 90  173 173 ASP ASP A . n 
A 1 91  ALA 91  174 174 ALA ALA A . n 
A 1 92  HIS 92  175 175 HIS HIS A . n 
A 1 93  PHE 93  176 176 PHE PHE A . n 
A 1 94  ASP 94  177 177 ASP ASP A . n 
A 1 95  ALA 95  178 178 ALA ALA A . n 
A 1 96  GLU 96  179 179 GLU GLU A . n 
A 1 97  GLU 97  180 180 GLU GLU A . n 
A 1 98  THR 98  181 181 THR THR A . n 
A 1 99  TRP 99  182 182 TRP TRP A . n 
A 1 100 THR 100 183 183 THR THR A . n 
A 1 101 ASN 101 184 184 ASN ASN A . n 
A 1 102 THR 102 185 185 THR THR A . n 
A 1 103 SER 103 186 186 SER SER A . n 
A 1 104 ALA 104 187 187 ALA ALA A . n 
A 1 105 ASN 105 188 188 ASN ASN A . n 
A 1 106 TYR 106 189 189 TYR TYR A . n 
A 1 107 ASN 107 190 190 ASN ASN A . n 
A 1 108 LEU 108 191 191 LEU LEU A . n 
A 1 109 PHE 109 192 192 PHE PHE A . n 
A 1 110 LEU 110 193 193 LEU LEU A . n 
A 1 111 VAL 111 194 194 VAL VAL A . n 
A 1 112 ALA 112 195 195 ALA ALA A . n 
A 1 113 ALA 113 196 196 ALA ALA A . n 
A 1 114 HIS 114 197 197 HIS HIS A . n 
A 1 115 GLU 115 198 198 GLU GLU A . n 
A 1 116 PHE 116 199 199 PHE PHE A . n 
A 1 117 GLY 117 200 200 GLY GLY A . n 
A 1 118 HIS 118 201 201 HIS HIS A . n 
A 1 119 SER 119 202 202 SER SER A . n 
A 1 120 LEU 120 203 203 LEU LEU A . n 
A 1 121 GLY 121 204 204 GLY GLY A . n 
A 1 122 LEU 122 205 205 LEU LEU A . n 
A 1 123 ALA 123 206 206 ALA ALA A . n 
A 1 124 HIS 124 207 207 HIS HIS A . n 
A 1 125 SER 125 208 208 SER SER A . n 
A 1 126 SER 126 209 209 SER SER A . n 
A 1 127 ASP 127 210 210 ASP ASP A . n 
A 1 128 PRO 128 211 211 PRO PRO A . n 
A 1 129 GLY 129 212 212 GLY GLY A . n 
A 1 130 ALA 130 213 213 ALA ALA A . n 
A 1 131 LEU 131 214 214 LEU LEU A . n 
A 1 132 MET 132 215 215 MET MET A . n 
A 1 133 TYR 133 216 216 TYR TYR A . n 
A 1 134 PRO 134 217 217 PRO PRO A . n 
A 1 135 ASN 135 218 218 ASN ASN A . n 
A 1 136 TYR 136 219 219 TYR TYR A . n 
A 1 137 ALA 137 220 220 ALA ALA A . n 
A 1 138 PHE 138 221 221 PHE PHE A . n 
A 1 139 ARG 139 222 222 ARG ARG A . n 
A 1 140 GLU 140 223 223 GLU GLU A . n 
A 1 141 THR 141 224 224 THR THR A . n 
A 1 142 SER 142 225 225 SER SER A . n 
A 1 143 ASN 143 226 226 ASN ASN A . n 
A 1 144 TYR 144 227 227 TYR TYR A . n 
A 1 145 SER 145 228 228 SER SER A . n 
A 1 146 LEU 146 229 229 LEU LEU A . n 
A 1 147 PRO 147 230 230 PRO PRO A . n 
A 1 148 GLN 148 231 231 GLN GLN A . n 
A 1 149 ASP 149 232 232 ASP ASP A . n 
A 1 150 ASP 150 233 233 ASP ASP A . n 
A 1 151 ILE 151 234 234 ILE ILE A . n 
A 1 152 ASP 152 235 235 ASP ASP A . n 
A 1 153 GLY 153 236 236 GLY GLY A . n 
A 1 154 ILE 154 237 237 ILE ILE A . n 
A 1 155 GLN 155 238 238 GLN GLN A . n 
A 1 156 ALA 156 239 239 ALA ALA A . n 
A 1 157 ILE 157 240 240 ILE ILE A . n 
A 1 158 TYR 158 241 241 TYR TYR A . n 
A 1 159 GLY 159 242 242 GLY GLY A . n 
# 
loop_
_pdbx_nonpoly_scheme.asym_id 
_pdbx_nonpoly_scheme.entity_id 
_pdbx_nonpoly_scheme.mon_id 
_pdbx_nonpoly_scheme.ndb_seq_num 
_pdbx_nonpoly_scheme.pdb_seq_num 
_pdbx_nonpoly_scheme.auth_seq_num 
_pdbx_nonpoly_scheme.pdb_mon_id 
_pdbx_nonpoly_scheme.auth_mon_id 
_pdbx_nonpoly_scheme.pdb_strand_id 
_pdbx_nonpoly_scheme.pdb_ins_code 
B 2 ZN  1   301 301 ZN  ZN  A . 
C 2 ZN  1   302 302 ZN  ZN  A . 
D 3 CA  1   303 303 CA  CA  A . 
E 3 CA  1   304 304 CA  CA  A . 
F 4 E1S 1   1   1   E1S E1S A . 
G 5 MES 1   243 1   MES MES A . 
H 6 HOH 1   2   2   HOH HOH A . 
H 6 HOH 2   4   4   HOH HOH A . 
H 6 HOH 3   5   5   HOH HOH A . 
H 6 HOH 4   7   7   HOH HOH A . 
H 6 HOH 5   8   8   HOH HOH A . 
H 6 HOH 6   9   9   HOH HOH A . 
H 6 HOH 7   10  10  HOH HOH A . 
H 6 HOH 8   11  11  HOH HOH A . 
H 6 HOH 9   12  12  HOH HOH A . 
H 6 HOH 10  13  13  HOH HOH A . 
H 6 HOH 11  14  14  HOH HOH A . 
H 6 HOH 12  15  15  HOH HOH A . 
H 6 HOH 13  16  16  HOH HOH A . 
H 6 HOH 14  17  17  HOH HOH A . 
H 6 HOH 15  18  18  HOH HOH A . 
H 6 HOH 16  19  19  HOH HOH A . 
H 6 HOH 17  20  20  HOH HOH A . 
H 6 HOH 18  21  21  HOH HOH A . 
H 6 HOH 19  22  22  HOH HOH A . 
H 6 HOH 20  23  23  HOH HOH A . 
H 6 HOH 21  24  24  HOH HOH A . 
H 6 HOH 22  25  25  HOH HOH A . 
H 6 HOH 23  26  26  HOH HOH A . 
H 6 HOH 24  27  27  HOH HOH A . 
H 6 HOH 25  28  28  HOH HOH A . 
H 6 HOH 26  29  29  HOH HOH A . 
H 6 HOH 27  30  30  HOH HOH A . 
H 6 HOH 28  31  31  HOH HOH A . 
H 6 HOH 29  32  32  HOH HOH A . 
H 6 HOH 30  33  33  HOH HOH A . 
H 6 HOH 31  34  34  HOH HOH A . 
H 6 HOH 32  35  35  HOH HOH A . 
H 6 HOH 33  36  36  HOH HOH A . 
H 6 HOH 34  37  37  HOH HOH A . 
H 6 HOH 35  38  38  HOH HOH A . 
H 6 HOH 36  39  39  HOH HOH A . 
H 6 HOH 37  40  40  HOH HOH A . 
H 6 HOH 38  41  41  HOH HOH A . 
H 6 HOH 39  42  42  HOH HOH A . 
H 6 HOH 40  43  43  HOH HOH A . 
H 6 HOH 41  44  44  HOH HOH A . 
H 6 HOH 42  45  45  HOH HOH A . 
H 6 HOH 43  46  46  HOH HOH A . 
H 6 HOH 44  47  47  HOH HOH A . 
H 6 HOH 45  48  48  HOH HOH A . 
H 6 HOH 46  49  49  HOH HOH A . 
H 6 HOH 47  50  50  HOH HOH A . 
H 6 HOH 48  51  51  HOH HOH A . 
H 6 HOH 49  52  52  HOH HOH A . 
H 6 HOH 50  53  53  HOH HOH A . 
H 6 HOH 51  54  54  HOH HOH A . 
H 6 HOH 52  55  55  HOH HOH A . 
H 6 HOH 53  56  56  HOH HOH A . 
H 6 HOH 54  57  57  HOH HOH A . 
H 6 HOH 55  58  58  HOH HOH A . 
H 6 HOH 56  59  59  HOH HOH A . 
H 6 HOH 57  60  60  HOH HOH A . 
H 6 HOH 58  61  61  HOH HOH A . 
H 6 HOH 59  62  62  HOH HOH A . 
H 6 HOH 60  63  63  HOH HOH A . 
H 6 HOH 61  64  64  HOH HOH A . 
H 6 HOH 62  65  65  HOH HOH A . 
H 6 HOH 63  66  66  HOH HOH A . 
H 6 HOH 64  67  67  HOH HOH A . 
H 6 HOH 65  68  68  HOH HOH A . 
H 6 HOH 66  69  69  HOH HOH A . 
H 6 HOH 67  70  70  HOH HOH A . 
H 6 HOH 68  71  71  HOH HOH A . 
H 6 HOH 69  72  72  HOH HOH A . 
H 6 HOH 70  73  73  HOH HOH A . 
H 6 HOH 71  74  74  HOH HOH A . 
H 6 HOH 72  75  75  HOH HOH A . 
H 6 HOH 73  76  76  HOH HOH A . 
H 6 HOH 74  77  77  HOH HOH A . 
H 6 HOH 75  78  78  HOH HOH A . 
H 6 HOH 76  79  79  HOH HOH A . 
H 6 HOH 77  80  80  HOH HOH A . 
H 6 HOH 78  81  81  HOH HOH A . 
H 6 HOH 79  82  82  HOH HOH A . 
H 6 HOH 80  83  83  HOH HOH A . 
H 6 HOH 81  244 1   HOH HOH A . 
H 6 HOH 82  245 84  HOH HOH A . 
H 6 HOH 83  246 85  HOH HOH A . 
H 6 HOH 84  247 86  HOH HOH A . 
H 6 HOH 85  248 87  HOH HOH A . 
H 6 HOH 86  249 88  HOH HOH A . 
H 6 HOH 87  250 89  HOH HOH A . 
H 6 HOH 88  251 90  HOH HOH A . 
H 6 HOH 89  252 91  HOH HOH A . 
H 6 HOH 90  253 93  HOH HOH A . 
H 6 HOH 91  254 94  HOH HOH A . 
H 6 HOH 92  255 95  HOH HOH A . 
H 6 HOH 93  256 96  HOH HOH A . 
H 6 HOH 94  257 97  HOH HOH A . 
H 6 HOH 95  258 98  HOH HOH A . 
H 6 HOH 96  259 99  HOH HOH A . 
H 6 HOH 97  260 100 HOH HOH A . 
H 6 HOH 98  261 101 HOH HOH A . 
H 6 HOH 99  262 102 HOH HOH A . 
H 6 HOH 100 263 103 HOH HOH A . 
H 6 HOH 101 264 104 HOH HOH A . 
H 6 HOH 102 265 105 HOH HOH A . 
H 6 HOH 103 266 106 HOH HOH A . 
H 6 HOH 104 267 107 HOH HOH A . 
H 6 HOH 105 268 108 HOH HOH A . 
H 6 HOH 106 269 109 HOH HOH A . 
H 6 HOH 107 270 110 HOH HOH A . 
H 6 HOH 108 271 111 HOH HOH A . 
H 6 HOH 109 272 112 HOH HOH A . 
H 6 HOH 110 273 113 HOH HOH A . 
H 6 HOH 111 274 114 HOH HOH A . 
H 6 HOH 112 275 115 HOH HOH A . 
H 6 HOH 113 276 116 HOH HOH A . 
H 6 HOH 114 277 117 HOH HOH A . 
H 6 HOH 115 278 118 HOH HOH A . 
H 6 HOH 116 279 119 HOH HOH A . 
H 6 HOH 117 280 120 HOH HOH A . 
H 6 HOH 118 281 121 HOH HOH A . 
H 6 HOH 119 282 122 HOH HOH A . 
H 6 HOH 120 283 123 HOH HOH A . 
H 6 HOH 121 284 124 HOH HOH A . 
H 6 HOH 122 285 125 HOH HOH A . 
H 6 HOH 123 286 126 HOH HOH A . 
H 6 HOH 124 287 127 HOH HOH A . 
H 6 HOH 125 288 128 HOH HOH A . 
H 6 HOH 126 289 129 HOH HOH A . 
H 6 HOH 127 290 130 HOH HOH A . 
H 6 HOH 128 291 131 HOH HOH A . 
H 6 HOH 129 292 132 HOH HOH A . 
H 6 HOH 130 293 133 HOH HOH A . 
H 6 HOH 131 294 134 HOH HOH A . 
H 6 HOH 132 295 135 HOH HOH A . 
H 6 HOH 133 296 136 HOH HOH A . 
H 6 HOH 134 297 137 HOH HOH A . 
H 6 HOH 135 298 138 HOH HOH A . 
H 6 HOH 136 299 139 HOH HOH A . 
H 6 HOH 137 300 140 HOH HOH A . 
H 6 HOH 138 305 141 HOH HOH A . 
H 6 HOH 139 306 142 HOH HOH A . 
H 6 HOH 140 307 143 HOH HOH A . 
H 6 HOH 141 308 144 HOH HOH A . 
H 6 HOH 142 309 145 HOH HOH A . 
H 6 HOH 143 310 146 HOH HOH A . 
H 6 HOH 144 311 147 HOH HOH A . 
H 6 HOH 145 312 148 HOH HOH A . 
H 6 HOH 146 313 149 HOH HOH A . 
H 6 HOH 147 314 150 HOH HOH A . 
H 6 HOH 148 315 151 HOH HOH A . 
H 6 HOH 149 316 152 HOH HOH A . 
H 6 HOH 150 317 153 HOH HOH A . 
H 6 HOH 151 318 154 HOH HOH A . 
H 6 HOH 152 319 155 HOH HOH A . 
H 6 HOH 153 320 156 HOH HOH A . 
H 6 HOH 154 321 157 HOH HOH A . 
H 6 HOH 155 322 158 HOH HOH A . 
H 6 HOH 156 323 159 HOH HOH A . 
H 6 HOH 157 324 160 HOH HOH A . 
H 6 HOH 158 325 161 HOH HOH A . 
H 6 HOH 159 326 162 HOH HOH A . 
H 6 HOH 160 327 163 HOH HOH A . 
H 6 HOH 161 328 164 HOH HOH A . 
H 6 HOH 162 329 165 HOH HOH A . 
H 6 HOH 163 330 166 HOH HOH A . 
H 6 HOH 164 331 167 HOH HOH A . 
H 6 HOH 165 332 168 HOH HOH A . 
H 6 HOH 166 333 169 HOH HOH A . 
H 6 HOH 167 334 170 HOH HOH A . 
H 6 HOH 168 335 171 HOH HOH A . 
H 6 HOH 169 336 172 HOH HOH A . 
H 6 HOH 170 337 173 HOH HOH A . 
H 6 HOH 171 338 174 HOH HOH A . 
# 
_pdbx_struct_assembly.id                   1 
_pdbx_struct_assembly.details              author_and_software_defined_assembly 
_pdbx_struct_assembly.method_details       PISA 
_pdbx_struct_assembly.oligomeric_details   monomeric 
_pdbx_struct_assembly.oligomeric_count     1 
# 
_pdbx_struct_assembly_gen.assembly_id       1 
_pdbx_struct_assembly_gen.oper_expression   1 
_pdbx_struct_assembly_gen.asym_id_list      A,B,C,D,E,F,G,H 
# 
_pdbx_struct_oper_list.id                   1 
_pdbx_struct_oper_list.type                 'identity operation' 
_pdbx_struct_oper_list.name                 1_555 
_pdbx_struct_oper_list.symmetry_operation   x,y,z 
_pdbx_struct_oper_list.matrix[1][1]         1.0000000000 
_pdbx_struct_oper_list.matrix[1][2]         0.0000000000 
_pdbx_struct_oper_list.matrix[1][3]         0.0000000000 
_pdbx_struct_oper_list.vector[1]            0.0000000000 
_pdbx_struct_oper_list.matrix[2][1]         0.0000000000 
_pdbx_struct_oper_list.matrix[2][2]         1.0000000000 
_pdbx_struct_oper_list.matrix[2][3]         0.0000000000 
_pdbx_struct_oper_list.vector[2]            0.0000000000 
_pdbx_struct_oper_list.matrix[3][1]         0.0000000000 
_pdbx_struct_oper_list.matrix[3][2]         0.0000000000 
_pdbx_struct_oper_list.matrix[3][3]         1.0000000000 
_pdbx_struct_oper_list.vector[3]            0.0000000000 
# 
loop_
_pdbx_struct_conn_angle.id 
_pdbx_struct_conn_angle.ptnr1_label_atom_id 
_pdbx_struct_conn_angle.ptnr1_label_alt_id 
_pdbx_struct_conn_angle.ptnr1_label_asym_id 
_pdbx_struct_conn_angle.ptnr1_label_comp_id 
_pdbx_struct_conn_angle.ptnr1_label_seq_id 
_pdbx_struct_conn_angle.ptnr1_auth_atom_id 
_pdbx_struct_conn_angle.ptnr1_auth_asym_id 
_pdbx_struct_conn_angle.ptnr1_auth_comp_id 
_pdbx_struct_conn_angle.ptnr1_auth_seq_id 
_pdbx_struct_conn_angle.ptnr1_PDB_ins_code 
_pdbx_struct_conn_angle.ptnr1_symmetry 
_pdbx_struct_conn_angle.ptnr2_label_atom_id 
_pdbx_struct_conn_angle.ptnr2_label_alt_id 
_pdbx_struct_conn_angle.ptnr2_label_asym_id 
_pdbx_struct_conn_angle.ptnr2_label_comp_id 
_pdbx_struct_conn_angle.ptnr2_label_seq_id 
_pdbx_struct_conn_angle.ptnr2_auth_atom_id 
_pdbx_struct_conn_angle.ptnr2_auth_asym_id 
_pdbx_struct_conn_angle.ptnr2_auth_comp_id 
_pdbx_struct_conn_angle.ptnr2_auth_seq_id 
_pdbx_struct_conn_angle.ptnr2_PDB_ins_code 
_pdbx_struct_conn_angle.ptnr2_symmetry 
_pdbx_struct_conn_angle.ptnr3_label_atom_id 
_pdbx_struct_conn_angle.ptnr3_label_alt_id 
_pdbx_struct_conn_angle.ptnr3_label_asym_id 
_pdbx_struct_conn_angle.ptnr3_label_comp_id 
_pdbx_struct_conn_angle.ptnr3_label_seq_id 
_pdbx_struct_conn_angle.ptnr3_auth_atom_id 
_pdbx_struct_conn_angle.ptnr3_auth_asym_id 
_pdbx_struct_conn_angle.ptnr3_auth_comp_id 
_pdbx_struct_conn_angle.ptnr3_auth_seq_id 
_pdbx_struct_conn_angle.ptnr3_PDB_ins_code 
_pdbx_struct_conn_angle.ptnr3_symmetry 
_pdbx_struct_conn_angle.value 
_pdbx_struct_conn_angle.value_esd 
1  O7  ? F E1S .   ? A E1S 1   ? 1_555 ZN ? C ZN . ? A ZN 302 ? 1_555 O6  ? F E1S .   ? A E1S 1   ? 1_555 52.6  ? 
2  O7  ? F E1S .   ? A E1S 1   ? 1_555 ZN ? C ZN . ? A ZN 302 ? 1_555 NE2 ? A HIS 114 ? A HIS 197 ? 1_555 125.5 ? 
3  O6  ? F E1S .   ? A E1S 1   ? 1_555 ZN ? C ZN . ? A ZN 302 ? 1_555 NE2 ? A HIS 114 ? A HIS 197 ? 1_555 93.4  ? 
4  O7  ? F E1S .   ? A E1S 1   ? 1_555 ZN ? C ZN . ? A ZN 302 ? 1_555 NE2 ? A HIS 118 ? A HIS 201 ? 1_555 112.4 ? 
5  O6  ? F E1S .   ? A E1S 1   ? 1_555 ZN ? C ZN . ? A ZN 302 ? 1_555 NE2 ? A HIS 118 ? A HIS 201 ? 1_555 94.5  ? 
6  NE2 ? A HIS 114 ? A HIS 197 ? 1_555 ZN ? C ZN . ? A ZN 302 ? 1_555 NE2 ? A HIS 118 ? A HIS 201 ? 1_555 111.3 ? 
7  O7  ? F E1S .   ? A E1S 1   ? 1_555 ZN ? C ZN . ? A ZN 302 ? 1_555 NE2 ? A HIS 124 ? A HIS 207 ? 1_555 85.5  ? 
8  O6  ? F E1S .   ? A E1S 1   ? 1_555 ZN ? C ZN . ? A ZN 302 ? 1_555 NE2 ? A HIS 124 ? A HIS 207 ? 1_555 137.6 ? 
9  NE2 ? A HIS 114 ? A HIS 197 ? 1_555 ZN ? C ZN . ? A ZN 302 ? 1_555 NE2 ? A HIS 124 ? A HIS 207 ? 1_555 119.7 ? 
10 NE2 ? A HIS 118 ? A HIS 201 ? 1_555 ZN ? C ZN . ? A ZN 302 ? 1_555 NE2 ? A HIS 124 ? A HIS 207 ? 1_555 96.6  ? 
11 O   ? H HOH .   ? A HOH 33  ? 1_555 CA ? E CA . ? A CA 304 ? 1_555 O   ? H HOH .   ? A HOH 34  ? 1_555 85.5  ? 
12 O   ? H HOH .   ? A HOH 33  ? 1_555 CA ? E CA . ? A CA 304 ? 1_555 O   ? A ASP 54  ? A ASP 137 ? 1_555 92.0  ? 
13 O   ? H HOH .   ? A HOH 34  ? 1_555 CA ? E CA . ? A CA 304 ? 1_555 O   ? A ASP 54  ? A ASP 137 ? 1_555 85.3  ? 
14 O   ? H HOH .   ? A HOH 33  ? 1_555 CA ? E CA . ? A CA 304 ? 1_555 O   ? A GLY 86  ? A GLY 169 ? 1_555 74.2  ? 
15 O   ? H HOH .   ? A HOH 34  ? 1_555 CA ? E CA . ? A CA 304 ? 1_555 O   ? A GLY 86  ? A GLY 169 ? 1_555 86.5  ? 
16 O   ? A ASP 54  ? A ASP 137 ? 1_555 CA ? E CA . ? A CA 304 ? 1_555 O   ? A GLY 86  ? A GLY 169 ? 1_555 164.4 ? 
17 O   ? H HOH .   ? A HOH 33  ? 1_555 CA ? E CA . ? A CA 304 ? 1_555 O   ? A GLY 88  ? A GLY 171 ? 1_555 168.7 ? 
18 O   ? H HOH .   ? A HOH 34  ? 1_555 CA ? E CA . ? A CA 304 ? 1_555 O   ? A GLY 88  ? A GLY 171 ? 1_555 84.1  ? 
19 O   ? A ASP 54  ? A ASP 137 ? 1_555 CA ? E CA . ? A CA 304 ? 1_555 O   ? A GLY 88  ? A GLY 171 ? 1_555 91.8  ? 
20 O   ? A GLY 86  ? A GLY 169 ? 1_555 CA ? E CA . ? A CA 304 ? 1_555 O   ? A GLY 88  ? A GLY 171 ? 1_555 100.6 ? 
21 O   ? H HOH .   ? A HOH 33  ? 1_555 CA ? E CA . ? A CA 304 ? 1_555 OD1 ? A ASP 90  ? A ASP 173 ? 1_555 105.4 ? 
22 O   ? H HOH .   ? A HOH 34  ? 1_555 CA ? E CA . ? A CA 304 ? 1_555 OD1 ? A ASP 90  ? A ASP 173 ? 1_555 168.3 ? 
23 O   ? A ASP 54  ? A ASP 137 ? 1_555 CA ? E CA . ? A CA 304 ? 1_555 OD1 ? A ASP 90  ? A ASP 173 ? 1_555 90.0  ? 
24 O   ? A GLY 86  ? A GLY 169 ? 1_555 CA ? E CA . ? A CA 304 ? 1_555 OD1 ? A ASP 90  ? A ASP 173 ? 1_555 100.4 ? 
25 O   ? A GLY 88  ? A GLY 171 ? 1_555 CA ? E CA . ? A CA 304 ? 1_555 OD1 ? A ASP 90  ? A ASP 173 ? 1_555 85.3  ? 
26 NE2 ? A HIS 64  ? A HIS 147 ? 1_555 ZN ? B ZN . ? A ZN 301 ? 1_555 OD2 ? A ASP 66  ? A ASP 149 ? 1_555 120.5 ? 
27 NE2 ? A HIS 64  ? A HIS 147 ? 1_555 ZN ? B ZN . ? A ZN 301 ? 1_555 NE2 ? A HIS 79  ? A HIS 162 ? 1_555 114.6 ? 
28 OD2 ? A ASP 66  ? A ASP 149 ? 1_555 ZN ? B ZN . ? A ZN 301 ? 1_555 NE2 ? A HIS 79  ? A HIS 162 ? 1_555 102.5 ? 
29 NE2 ? A HIS 64  ? A HIS 147 ? 1_555 ZN ? B ZN . ? A ZN 301 ? 1_555 ND1 ? A HIS 92  ? A HIS 175 ? 1_555 106.9 ? 
30 OD2 ? A ASP 66  ? A ASP 149 ? 1_555 ZN ? B ZN . ? A ZN 301 ? 1_555 ND1 ? A HIS 92  ? A HIS 175 ? 1_555 96.3  ? 
31 NE2 ? A HIS 79  ? A HIS 162 ? 1_555 ZN ? B ZN . ? A ZN 301 ? 1_555 ND1 ? A HIS 92  ? A HIS 175 ? 1_555 115.0 ? 
32 OD1 ? A ASP 71  ? A ASP 154 ? 1_555 CA ? D CA . ? A CA 303 ? 1_555 O   ? A GLY 72  ? A GLY 155 ? 1_555 85.5  ? 
33 OD1 ? A ASP 71  ? A ASP 154 ? 1_555 CA ? D CA . ? A CA 303 ? 1_555 O   ? A ASN 74  ? A ASN 157 ? 1_555 89.3  ? 
34 O   ? A GLY 72  ? A GLY 155 ? 1_555 CA ? D CA . ? A CA 303 ? 1_555 O   ? A ASN 74  ? A ASN 157 ? 1_555 82.8  ? 
35 OD1 ? A ASP 71  ? A ASP 154 ? 1_555 CA ? D CA . ? A CA 303 ? 1_555 O   ? A ILE 76  ? A ILE 159 ? 1_555 90.5  ? 
36 O   ? A GLY 72  ? A GLY 155 ? 1_555 CA ? D CA . ? A CA 303 ? 1_555 O   ? A ILE 76  ? A ILE 159 ? 1_555 175.8 ? 
37 O   ? A ASN 74  ? A ASN 157 ? 1_555 CA ? D CA . ? A CA 303 ? 1_555 O   ? A ILE 76  ? A ILE 159 ? 1_555 98.6  ? 
38 OD1 ? A ASP 71  ? A ASP 154 ? 1_555 CA ? D CA . ? A CA 303 ? 1_555 OD2 ? A ASP 94  ? A ASP 177 ? 1_555 94.8  ? 
39 O   ? A GLY 72  ? A GLY 155 ? 1_555 CA ? D CA . ? A CA 303 ? 1_555 OD2 ? A ASP 94  ? A ASP 177 ? 1_555 86.0  ? 
40 O   ? A ASN 74  ? A ASN 157 ? 1_555 CA ? D CA . ? A CA 303 ? 1_555 OD2 ? A ASP 94  ? A ASP 177 ? 1_555 167.7 ? 
41 O   ? A ILE 76  ? A ILE 159 ? 1_555 CA ? D CA . ? A CA 303 ? 1_555 OD2 ? A ASP 94  ? A ASP 177 ? 1_555 92.9  ? 
42 OD1 ? A ASP 71  ? A ASP 154 ? 1_555 CA ? D CA . ? A CA 303 ? 1_555 OE2 ? A GLU 97  ? A GLU 180 ? 1_555 171.5 ? 
43 O   ? A GLY 72  ? A GLY 155 ? 1_555 CA ? D CA . ? A CA 303 ? 1_555 OE2 ? A GLU 97  ? A GLU 180 ? 1_555 93.6  ? 
44 O   ? A ASN 74  ? A ASN 157 ? 1_555 CA ? D CA . ? A CA 303 ? 1_555 OE2 ? A GLU 97  ? A GLU 180 ? 1_555 82.2  ? 
45 O   ? A ILE 76  ? A ILE 159 ? 1_555 CA ? D CA . ? A CA 303 ? 1_555 OE2 ? A GLU 97  ? A GLU 180 ? 1_555 90.6  ? 
46 OD2 ? A ASP 94  ? A ASP 177 ? 1_555 CA ? D CA . ? A CA 303 ? 1_555 OE2 ? A GLU 97  ? A GLU 180 ? 1_555 93.6  ? 
# 
loop_
_pdbx_audit_revision_history.ordinal 
_pdbx_audit_revision_history.data_content_type 
_pdbx_audit_revision_history.major_revision 
_pdbx_audit_revision_history.minor_revision 
_pdbx_audit_revision_history.revision_date 
1 'Structure model' 1 0 2012-06-20 
2 'Structure model' 1 1 2012-10-17 
3 'Structure model' 1 2 2020-10-21 
4 'Structure model' 1 3 2023-09-13 
# 
_pdbx_audit_revision_details.ordinal             1 
_pdbx_audit_revision_details.revision_ordinal    1 
_pdbx_audit_revision_details.data_content_type   'Structure model' 
_pdbx_audit_revision_details.provider            repository 
_pdbx_audit_revision_details.type                'Initial release' 
_pdbx_audit_revision_details.description         ? 
_pdbx_audit_revision_details.details             ? 
# 
loop_
_pdbx_audit_revision_group.ordinal 
_pdbx_audit_revision_group.revision_ordinal 
_pdbx_audit_revision_group.data_content_type 
_pdbx_audit_revision_group.group 
1 2 'Structure model' 'Database references'    
2 3 'Structure model' 'Data collection'        
3 3 'Structure model' 'Derived calculations'   
4 4 'Structure model' 'Data collection'        
5 4 'Structure model' 'Database references'    
6 4 'Structure model' 'Refinement description' 
# 
loop_
_pdbx_audit_revision_category.ordinal 
_pdbx_audit_revision_category.revision_ordinal 
_pdbx_audit_revision_category.data_content_type 
_pdbx_audit_revision_category.category 
1 3 'Structure model' pdbx_struct_conn_angle        
2 3 'Structure model' reflns_shell                  
3 3 'Structure model' struct_conn                   
4 3 'Structure model' struct_site                   
5 4 'Structure model' chem_comp_atom                
6 4 'Structure model' chem_comp_bond                
7 4 'Structure model' database_2                    
8 4 'Structure model' pdbx_initial_refinement_model 
# 
loop_
_pdbx_audit_revision_item.ordinal 
_pdbx_audit_revision_item.revision_ordinal 
_pdbx_audit_revision_item.data_content_type 
_pdbx_audit_revision_item.item 
1  3 'Structure model' '_pdbx_struct_conn_angle.ptnr1_auth_comp_id'  
2  3 'Structure model' '_pdbx_struct_conn_angle.ptnr1_auth_seq_id'   
3  3 'Structure model' '_pdbx_struct_conn_angle.ptnr1_label_asym_id' 
4  3 'Structure model' '_pdbx_struct_conn_angle.ptnr1_label_atom_id' 
5  3 'Structure model' '_pdbx_struct_conn_angle.ptnr1_label_comp_id' 
6  3 'Structure model' '_pdbx_struct_conn_angle.ptnr1_label_seq_id'  
7  3 'Structure model' '_pdbx_struct_conn_angle.ptnr2_auth_comp_id'  
8  3 'Structure model' '_pdbx_struct_conn_angle.ptnr2_auth_seq_id'   
9  3 'Structure model' '_pdbx_struct_conn_angle.ptnr2_label_asym_id' 
10 3 'Structure model' '_pdbx_struct_conn_angle.ptnr2_label_atom_id' 
11 3 'Structure model' '_pdbx_struct_conn_angle.ptnr2_label_comp_id' 
12 3 'Structure model' '_pdbx_struct_conn_angle.ptnr3_auth_comp_id'  
13 3 'Structure model' '_pdbx_struct_conn_angle.ptnr3_auth_seq_id'   
14 3 'Structure model' '_pdbx_struct_conn_angle.ptnr3_label_asym_id' 
15 3 'Structure model' '_pdbx_struct_conn_angle.ptnr3_label_atom_id' 
16 3 'Structure model' '_pdbx_struct_conn_angle.ptnr3_label_comp_id' 
17 3 'Structure model' '_pdbx_struct_conn_angle.ptnr3_label_seq_id'  
18 3 'Structure model' '_pdbx_struct_conn_angle.value'               
19 3 'Structure model' '_reflns_shell.Rmerge_I_obs'                  
20 3 'Structure model' '_reflns_shell.d_res_high'                    
21 3 'Structure model' '_reflns_shell.d_res_low'                     
22 3 'Structure model' '_reflns_shell.meanI_over_sigI_obs'           
23 3 'Structure model' '_reflns_shell.number_unique_all'             
24 3 'Structure model' '_reflns_shell.pdbx_Rsym_value'               
25 3 'Structure model' '_reflns_shell.pdbx_redundancy'               
26 3 'Structure model' '_reflns_shell.percent_possible_all'          
27 3 'Structure model' '_struct_conn.pdbx_dist_value'                
28 3 'Structure model' '_struct_conn.ptnr1_auth_comp_id'             
29 3 'Structure model' '_struct_conn.ptnr1_auth_seq_id'              
30 3 'Structure model' '_struct_conn.ptnr1_label_asym_id'            
31 3 'Structure model' '_struct_conn.ptnr1_label_atom_id'            
32 3 'Structure model' '_struct_conn.ptnr1_label_comp_id'            
33 3 'Structure model' '_struct_conn.ptnr1_label_seq_id'             
34 3 'Structure model' '_struct_conn.ptnr2_auth_comp_id'             
35 3 'Structure model' '_struct_conn.ptnr2_auth_seq_id'              
36 3 'Structure model' '_struct_conn.ptnr2_label_asym_id'            
37 3 'Structure model' '_struct_conn.ptnr2_label_atom_id'            
38 3 'Structure model' '_struct_conn.ptnr2_label_comp_id'            
39 3 'Structure model' '_struct_site.pdbx_auth_asym_id'              
40 3 'Structure model' '_struct_site.pdbx_auth_comp_id'              
41 3 'Structure model' '_struct_site.pdbx_auth_seq_id'               
42 4 'Structure model' '_database_2.pdbx_DOI'                        
43 4 'Structure model' '_database_2.pdbx_database_accession'         
# 
loop_
_software.name 
_software.classification 
_software.version 
_software.citation_id 
_software.pdbx_ordinal 
DNA    'data collection' .        ? 1 
MOLREP phasing           .        ? 2 
REFMAC refinement        5.5.0109 ? 3 
XDS    'data reduction'  .        ? 4 
XSCALE 'data scaling'    .        ? 5 
# 
loop_
_pdbx_validate_torsion.id 
_pdbx_validate_torsion.PDB_model_num 
_pdbx_validate_torsion.auth_comp_id 
_pdbx_validate_torsion.auth_asym_id 
_pdbx_validate_torsion.auth_seq_id 
_pdbx_validate_torsion.PDB_ins_code 
_pdbx_validate_torsion.label_alt_id 
_pdbx_validate_torsion.phi 
_pdbx_validate_torsion.psi 
1 1 GLU A 135 ? A -102.14 71.85   
2 1 ARG A 145 ? ? 47.80   -132.88 
3 1 HIS A 147 ? ? -141.19 35.88   
4 1 ASN A 157 ? ? 69.88   -162.56 
5 1 ASN A 226 ? B -142.97 45.49   
# 
loop_
_chem_comp_atom.comp_id 
_chem_comp_atom.atom_id 
_chem_comp_atom.type_symbol 
_chem_comp_atom.pdbx_aromatic_flag 
_chem_comp_atom.pdbx_stereo_config 
_chem_comp_atom.pdbx_ordinal 
ALA N    N  N N 1   
ALA CA   C  N S 2   
ALA C    C  N N 3   
ALA O    O  N N 4   
ALA CB   C  N N 5   
ALA OXT  O  N N 6   
ALA H    H  N N 7   
ALA H2   H  N N 8   
ALA HA   H  N N 9   
ALA HB1  H  N N 10  
ALA HB2  H  N N 11  
ALA HB3  H  N N 12  
ALA HXT  H  N N 13  
ARG N    N  N N 14  
ARG CA   C  N S 15  
ARG C    C  N N 16  
ARG O    O  N N 17  
ARG CB   C  N N 18  
ARG CG   C  N N 19  
ARG CD   C  N N 20  
ARG NE   N  N N 21  
ARG CZ   C  N N 22  
ARG NH1  N  N N 23  
ARG NH2  N  N N 24  
ARG OXT  O  N N 25  
ARG H    H  N N 26  
ARG H2   H  N N 27  
ARG HA   H  N N 28  
ARG HB2  H  N N 29  
ARG HB3  H  N N 30  
ARG HG2  H  N N 31  
ARG HG3  H  N N 32  
ARG HD2  H  N N 33  
ARG HD3  H  N N 34  
ARG HE   H  N N 35  
ARG HH11 H  N N 36  
ARG HH12 H  N N 37  
ARG HH21 H  N N 38  
ARG HH22 H  N N 39  
ARG HXT  H  N N 40  
ASN N    N  N N 41  
ASN CA   C  N S 42  
ASN C    C  N N 43  
ASN O    O  N N 44  
ASN CB   C  N N 45  
ASN CG   C  N N 46  
ASN OD1  O  N N 47  
ASN ND2  N  N N 48  
ASN OXT  O  N N 49  
ASN H    H  N N 50  
ASN H2   H  N N 51  
ASN HA   H  N N 52  
ASN HB2  H  N N 53  
ASN HB3  H  N N 54  
ASN HD21 H  N N 55  
ASN HD22 H  N N 56  
ASN HXT  H  N N 57  
ASP N    N  N N 58  
ASP CA   C  N S 59  
ASP C    C  N N 60  
ASP O    O  N N 61  
ASP CB   C  N N 62  
ASP CG   C  N N 63  
ASP OD1  O  N N 64  
ASP OD2  O  N N 65  
ASP OXT  O  N N 66  
ASP H    H  N N 67  
ASP H2   H  N N 68  
ASP HA   H  N N 69  
ASP HB2  H  N N 70  
ASP HB3  H  N N 71  
ASP HD2  H  N N 72  
ASP HXT  H  N N 73  
CA  CA   CA N N 74  
E1S C1   C  N N 75  
E1S N1   N  N N 76  
E1S C2   C  N N 77  
E1S O2   O  N N 78  
E1S C3   C  N N 79  
E1S N3   N  N N 80  
E1S C4   C  N N 81  
E1S C5   C  N N 82  
E1S O5   O  N N 83  
E1S O6   O  N N 84  
E1S O7   O  N N 85  
E1S C13  C  N N 86  
E1S C14  C  N N 87  
E1S C15  C  Y N 88  
E1S C16  C  Y N 89  
E1S C17  C  Y N 90  
E1S C18  C  Y N 91  
E1S C19  C  Y N 92  
E1S C20  C  Y N 93  
E1S C21  C  Y N 94  
E1S S23  S  Y N 95  
E1S C24  C  N N 96  
E1S C27  C  Y N 97  
E1S C30  C  Y N 98  
E1S C31  C  Y N 99  
E1S C35  C  N S 100 
E1S H1   H  N N 101 
E1S H1A  H  N N 102 
E1S HN1  H  N N 103 
E1S H3   H  N N 104 
E1S H3A  H  N N 105 
E1S HN3  H  N N 106 
E1S HN3A H  N N 107 
E1S H4   H  N N 108 
E1S H4A  H  N N 109 
E1S HO6  H  N N 110 
E1S H14  H  N N 111 
E1S H14A H  N N 112 
E1S H16  H  N N 113 
E1S H17  H  N N 114 
E1S H18  H  N N 115 
E1S H20  H  N N 116 
E1S H21  H  N N 117 
E1S H24  H  N N 118 
E1S H24A H  N N 119 
E1S H24B H  N N 120 
E1S H31  H  N N 121 
E1S H35  H  N N 122 
GLN N    N  N N 123 
GLN CA   C  N S 124 
GLN C    C  N N 125 
GLN O    O  N N 126 
GLN CB   C  N N 127 
GLN CG   C  N N 128 
GLN CD   C  N N 129 
GLN OE1  O  N N 130 
GLN NE2  N  N N 131 
GLN OXT  O  N N 132 
GLN H    H  N N 133 
GLN H2   H  N N 134 
GLN HA   H  N N 135 
GLN HB2  H  N N 136 
GLN HB3  H  N N 137 
GLN HG2  H  N N 138 
GLN HG3  H  N N 139 
GLN HE21 H  N N 140 
GLN HE22 H  N N 141 
GLN HXT  H  N N 142 
GLU N    N  N N 143 
GLU CA   C  N S 144 
GLU C    C  N N 145 
GLU O    O  N N 146 
GLU CB   C  N N 147 
GLU CG   C  N N 148 
GLU CD   C  N N 149 
GLU OE1  O  N N 150 
GLU OE2  O  N N 151 
GLU OXT  O  N N 152 
GLU H    H  N N 153 
GLU H2   H  N N 154 
GLU HA   H  N N 155 
GLU HB2  H  N N 156 
GLU HB3  H  N N 157 
GLU HG2  H  N N 158 
GLU HG3  H  N N 159 
GLU HE2  H  N N 160 
GLU HXT  H  N N 161 
GLY N    N  N N 162 
GLY CA   C  N N 163 
GLY C    C  N N 164 
GLY O    O  N N 165 
GLY OXT  O  N N 166 
GLY H    H  N N 167 
GLY H2   H  N N 168 
GLY HA2  H  N N 169 
GLY HA3  H  N N 170 
GLY HXT  H  N N 171 
HIS N    N  N N 172 
HIS CA   C  N S 173 
HIS C    C  N N 174 
HIS O    O  N N 175 
HIS CB   C  N N 176 
HIS CG   C  Y N 177 
HIS ND1  N  Y N 178 
HIS CD2  C  Y N 179 
HIS CE1  C  Y N 180 
HIS NE2  N  Y N 181 
HIS OXT  O  N N 182 
HIS H    H  N N 183 
HIS H2   H  N N 184 
HIS HA   H  N N 185 
HIS HB2  H  N N 186 
HIS HB3  H  N N 187 
HIS HD1  H  N N 188 
HIS HD2  H  N N 189 
HIS HE1  H  N N 190 
HIS HE2  H  N N 191 
HIS HXT  H  N N 192 
HOH O    O  N N 193 
HOH H1   H  N N 194 
HOH H2   H  N N 195 
ILE N    N  N N 196 
ILE CA   C  N S 197 
ILE C    C  N N 198 
ILE O    O  N N 199 
ILE CB   C  N S 200 
ILE CG1  C  N N 201 
ILE CG2  C  N N 202 
ILE CD1  C  N N 203 
ILE OXT  O  N N 204 
ILE H    H  N N 205 
ILE H2   H  N N 206 
ILE HA   H  N N 207 
ILE HB   H  N N 208 
ILE HG12 H  N N 209 
ILE HG13 H  N N 210 
ILE HG21 H  N N 211 
ILE HG22 H  N N 212 
ILE HG23 H  N N 213 
ILE HD11 H  N N 214 
ILE HD12 H  N N 215 
ILE HD13 H  N N 216 
ILE HXT  H  N N 217 
LEU N    N  N N 218 
LEU CA   C  N S 219 
LEU C    C  N N 220 
LEU O    O  N N 221 
LEU CB   C  N N 222 
LEU CG   C  N N 223 
LEU CD1  C  N N 224 
LEU CD2  C  N N 225 
LEU OXT  O  N N 226 
LEU H    H  N N 227 
LEU H2   H  N N 228 
LEU HA   H  N N 229 
LEU HB2  H  N N 230 
LEU HB3  H  N N 231 
LEU HG   H  N N 232 
LEU HD11 H  N N 233 
LEU HD12 H  N N 234 
LEU HD13 H  N N 235 
LEU HD21 H  N N 236 
LEU HD22 H  N N 237 
LEU HD23 H  N N 238 
LEU HXT  H  N N 239 
LYS N    N  N N 240 
LYS CA   C  N S 241 
LYS C    C  N N 242 
LYS O    O  N N 243 
LYS CB   C  N N 244 
LYS CG   C  N N 245 
LYS CD   C  N N 246 
LYS CE   C  N N 247 
LYS NZ   N  N N 248 
LYS OXT  O  N N 249 
LYS H    H  N N 250 
LYS H2   H  N N 251 
LYS HA   H  N N 252 
LYS HB2  H  N N 253 
LYS HB3  H  N N 254 
LYS HG2  H  N N 255 
LYS HG3  H  N N 256 
LYS HD2  H  N N 257 
LYS HD3  H  N N 258 
LYS HE2  H  N N 259 
LYS HE3  H  N N 260 
LYS HZ1  H  N N 261 
LYS HZ2  H  N N 262 
LYS HZ3  H  N N 263 
LYS HXT  H  N N 264 
MES O1   O  N N 265 
MES C2   C  N N 266 
MES C3   C  N N 267 
MES N4   N  N N 268 
MES C5   C  N N 269 
MES C6   C  N N 270 
MES C7   C  N N 271 
MES C8   C  N N 272 
MES S    S  N N 273 
MES O1S  O  N N 274 
MES O2S  O  N N 275 
MES O3S  O  N N 276 
MES H21  H  N N 277 
MES H22  H  N N 278 
MES H31  H  N N 279 
MES H32  H  N N 280 
MES HN4  H  N N 281 
MES H51  H  N N 282 
MES H52  H  N N 283 
MES H61  H  N N 284 
MES H62  H  N N 285 
MES H71  H  N N 286 
MES H72  H  N N 287 
MES H81  H  N N 288 
MES H82  H  N N 289 
MET N    N  N N 290 
MET CA   C  N S 291 
MET C    C  N N 292 
MET O    O  N N 293 
MET CB   C  N N 294 
MET CG   C  N N 295 
MET SD   S  N N 296 
MET CE   C  N N 297 
MET OXT  O  N N 298 
MET H    H  N N 299 
MET H2   H  N N 300 
MET HA   H  N N 301 
MET HB2  H  N N 302 
MET HB3  H  N N 303 
MET HG2  H  N N 304 
MET HG3  H  N N 305 
MET HE1  H  N N 306 
MET HE2  H  N N 307 
MET HE3  H  N N 308 
MET HXT  H  N N 309 
PHE N    N  N N 310 
PHE CA   C  N S 311 
PHE C    C  N N 312 
PHE O    O  N N 313 
PHE CB   C  N N 314 
PHE CG   C  Y N 315 
PHE CD1  C  Y N 316 
PHE CD2  C  Y N 317 
PHE CE1  C  Y N 318 
PHE CE2  C  Y N 319 
PHE CZ   C  Y N 320 
PHE OXT  O  N N 321 
PHE H    H  N N 322 
PHE H2   H  N N 323 
PHE HA   H  N N 324 
PHE HB2  H  N N 325 
PHE HB3  H  N N 326 
PHE HD1  H  N N 327 
PHE HD2  H  N N 328 
PHE HE1  H  N N 329 
PHE HE2  H  N N 330 
PHE HZ   H  N N 331 
PHE HXT  H  N N 332 
PRO N    N  N N 333 
PRO CA   C  N S 334 
PRO C    C  N N 335 
PRO O    O  N N 336 
PRO CB   C  N N 337 
PRO CG   C  N N 338 
PRO CD   C  N N 339 
PRO OXT  O  N N 340 
PRO H    H  N N 341 
PRO HA   H  N N 342 
PRO HB2  H  N N 343 
PRO HB3  H  N N 344 
PRO HG2  H  N N 345 
PRO HG3  H  N N 346 
PRO HD2  H  N N 347 
PRO HD3  H  N N 348 
PRO HXT  H  N N 349 
SER N    N  N N 350 
SER CA   C  N S 351 
SER C    C  N N 352 
SER O    O  N N 353 
SER CB   C  N N 354 
SER OG   O  N N 355 
SER OXT  O  N N 356 
SER H    H  N N 357 
SER H2   H  N N 358 
SER HA   H  N N 359 
SER HB2  H  N N 360 
SER HB3  H  N N 361 
SER HG   H  N N 362 
SER HXT  H  N N 363 
THR N    N  N N 364 
THR CA   C  N S 365 
THR C    C  N N 366 
THR O    O  N N 367 
THR CB   C  N R 368 
THR OG1  O  N N 369 
THR CG2  C  N N 370 
THR OXT  O  N N 371 
THR H    H  N N 372 
THR H2   H  N N 373 
THR HA   H  N N 374 
THR HB   H  N N 375 
THR HG1  H  N N 376 
THR HG21 H  N N 377 
THR HG22 H  N N 378 
THR HG23 H  N N 379 
THR HXT  H  N N 380 
TRP N    N  N N 381 
TRP CA   C  N S 382 
TRP C    C  N N 383 
TRP O    O  N N 384 
TRP CB   C  N N 385 
TRP CG   C  Y N 386 
TRP CD1  C  Y N 387 
TRP CD2  C  Y N 388 
TRP NE1  N  Y N 389 
TRP CE2  C  Y N 390 
TRP CE3  C  Y N 391 
TRP CZ2  C  Y N 392 
TRP CZ3  C  Y N 393 
TRP CH2  C  Y N 394 
TRP OXT  O  N N 395 
TRP H    H  N N 396 
TRP H2   H  N N 397 
TRP HA   H  N N 398 
TRP HB2  H  N N 399 
TRP HB3  H  N N 400 
TRP HD1  H  N N 401 
TRP HE1  H  N N 402 
TRP HE3  H  N N 403 
TRP HZ2  H  N N 404 
TRP HZ3  H  N N 405 
TRP HH2  H  N N 406 
TRP HXT  H  N N 407 
TYR N    N  N N 408 
TYR CA   C  N S 409 
TYR C    C  N N 410 
TYR O    O  N N 411 
TYR CB   C  N N 412 
TYR CG   C  Y N 413 
TYR CD1  C  Y N 414 
TYR CD2  C  Y N 415 
TYR CE1  C  Y N 416 
TYR CE2  C  Y N 417 
TYR CZ   C  Y N 418 
TYR OH   O  N N 419 
TYR OXT  O  N N 420 
TYR H    H  N N 421 
TYR H2   H  N N 422 
TYR HA   H  N N 423 
TYR HB2  H  N N 424 
TYR HB3  H  N N 425 
TYR HD1  H  N N 426 
TYR HD2  H  N N 427 
TYR HE1  H  N N 428 
TYR HE2  H  N N 429 
TYR HH   H  N N 430 
TYR HXT  H  N N 431 
VAL N    N  N N 432 
VAL CA   C  N S 433 
VAL C    C  N N 434 
VAL O    O  N N 435 
VAL CB   C  N N 436 
VAL CG1  C  N N 437 
VAL CG2  C  N N 438 
VAL OXT  O  N N 439 
VAL H    H  N N 440 
VAL H2   H  N N 441 
VAL HA   H  N N 442 
VAL HB   H  N N 443 
VAL HG11 H  N N 444 
VAL HG12 H  N N 445 
VAL HG13 H  N N 446 
VAL HG21 H  N N 447 
VAL HG22 H  N N 448 
VAL HG23 H  N N 449 
VAL HXT  H  N N 450 
ZN  ZN   ZN N N 451 
# 
loop_
_chem_comp_bond.comp_id 
_chem_comp_bond.atom_id_1 
_chem_comp_bond.atom_id_2 
_chem_comp_bond.value_order 
_chem_comp_bond.pdbx_aromatic_flag 
_chem_comp_bond.pdbx_stereo_config 
_chem_comp_bond.pdbx_ordinal 
ALA N   CA   sing N N 1   
ALA N   H    sing N N 2   
ALA N   H2   sing N N 3   
ALA CA  C    sing N N 4   
ALA CA  CB   sing N N 5   
ALA CA  HA   sing N N 6   
ALA C   O    doub N N 7   
ALA C   OXT  sing N N 8   
ALA CB  HB1  sing N N 9   
ALA CB  HB2  sing N N 10  
ALA CB  HB3  sing N N 11  
ALA OXT HXT  sing N N 12  
ARG N   CA   sing N N 13  
ARG N   H    sing N N 14  
ARG N   H2   sing N N 15  
ARG CA  C    sing N N 16  
ARG CA  CB   sing N N 17  
ARG CA  HA   sing N N 18  
ARG C   O    doub N N 19  
ARG C   OXT  sing N N 20  
ARG CB  CG   sing N N 21  
ARG CB  HB2  sing N N 22  
ARG CB  HB3  sing N N 23  
ARG CG  CD   sing N N 24  
ARG CG  HG2  sing N N 25  
ARG CG  HG3  sing N N 26  
ARG CD  NE   sing N N 27  
ARG CD  HD2  sing N N 28  
ARG CD  HD3  sing N N 29  
ARG NE  CZ   sing N N 30  
ARG NE  HE   sing N N 31  
ARG CZ  NH1  sing N N 32  
ARG CZ  NH2  doub N N 33  
ARG NH1 HH11 sing N N 34  
ARG NH1 HH12 sing N N 35  
ARG NH2 HH21 sing N N 36  
ARG NH2 HH22 sing N N 37  
ARG OXT HXT  sing N N 38  
ASN N   CA   sing N N 39  
ASN N   H    sing N N 40  
ASN N   H2   sing N N 41  
ASN CA  C    sing N N 42  
ASN CA  CB   sing N N 43  
ASN CA  HA   sing N N 44  
ASN C   O    doub N N 45  
ASN C   OXT  sing N N 46  
ASN CB  CG   sing N N 47  
ASN CB  HB2  sing N N 48  
ASN CB  HB3  sing N N 49  
ASN CG  OD1  doub N N 50  
ASN CG  ND2  sing N N 51  
ASN ND2 HD21 sing N N 52  
ASN ND2 HD22 sing N N 53  
ASN OXT HXT  sing N N 54  
ASP N   CA   sing N N 55  
ASP N   H    sing N N 56  
ASP N   H2   sing N N 57  
ASP CA  C    sing N N 58  
ASP CA  CB   sing N N 59  
ASP CA  HA   sing N N 60  
ASP C   O    doub N N 61  
ASP C   OXT  sing N N 62  
ASP CB  CG   sing N N 63  
ASP CB  HB2  sing N N 64  
ASP CB  HB3  sing N N 65  
ASP CG  OD1  doub N N 66  
ASP CG  OD2  sing N N 67  
ASP OD2 HD2  sing N N 68  
ASP OXT HXT  sing N N 69  
E1S C2  C1   sing N N 70  
E1S C14 C1   sing N N 71  
E1S C1  H1   sing N N 72  
E1S C1  H1A  sing N N 73  
E1S C35 N1   sing N N 74  
E1S N1  C2   sing N N 75  
E1S N1  HN1  sing N N 76  
E1S C2  O2   doub N N 77  
E1S C3  C4   sing N N 78  
E1S C3  C35  sing N N 79  
E1S C3  H3   sing N N 80  
E1S C3  H3A  sing N N 81  
E1S C13 N3   sing N N 82  
E1S N3  HN3  sing N N 83  
E1S N3  HN3A sing N N 84  
E1S C5  C4   sing N N 85  
E1S C4  H4   sing N N 86  
E1S C4  H4A  sing N N 87  
E1S O7  C5   doub N N 88  
E1S C5  O6   sing N N 89  
E1S O5  C13  doub N N 90  
E1S O6  HO6  sing N N 91  
E1S C13 C35  sing N N 92  
E1S C14 C15  sing N N 93  
E1S C14 H14  sing N N 94  
E1S C14 H14A sing N N 95  
E1S C18 C15  doub Y N 96  
E1S C15 C16  sing Y N 97  
E1S C16 C17  doub Y N 98  
E1S C16 H16  sing N N 99  
E1S C30 C17  sing Y N 100 
E1S C17 H17  sing N N 101 
E1S C18 C31  sing Y N 102 
E1S C18 H18  sing N N 103 
E1S C20 C19  doub Y N 104 
E1S C30 C19  sing N N 105 
E1S C19 S23  sing Y N 106 
E1S C20 C21  sing Y N 107 
E1S C20 H20  sing N N 108 
E1S C21 C27  doub Y N 109 
E1S C21 H21  sing N N 110 
E1S C27 S23  sing Y N 111 
E1S C27 C24  sing N N 112 
E1S C24 H24  sing N N 113 
E1S C24 H24A sing N N 114 
E1S C24 H24B sing N N 115 
E1S C31 C30  doub Y N 116 
E1S C31 H31  sing N N 117 
E1S C35 H35  sing N N 118 
GLN N   CA   sing N N 119 
GLN N   H    sing N N 120 
GLN N   H2   sing N N 121 
GLN CA  C    sing N N 122 
GLN CA  CB   sing N N 123 
GLN CA  HA   sing N N 124 
GLN C   O    doub N N 125 
GLN C   OXT  sing N N 126 
GLN CB  CG   sing N N 127 
GLN CB  HB2  sing N N 128 
GLN CB  HB3  sing N N 129 
GLN CG  CD   sing N N 130 
GLN CG  HG2  sing N N 131 
GLN CG  HG3  sing N N 132 
GLN CD  OE1  doub N N 133 
GLN CD  NE2  sing N N 134 
GLN NE2 HE21 sing N N 135 
GLN NE2 HE22 sing N N 136 
GLN OXT HXT  sing N N 137 
GLU N   CA   sing N N 138 
GLU N   H    sing N N 139 
GLU N   H2   sing N N 140 
GLU CA  C    sing N N 141 
GLU CA  CB   sing N N 142 
GLU CA  HA   sing N N 143 
GLU C   O    doub N N 144 
GLU C   OXT  sing N N 145 
GLU CB  CG   sing N N 146 
GLU CB  HB2  sing N N 147 
GLU CB  HB3  sing N N 148 
GLU CG  CD   sing N N 149 
GLU CG  HG2  sing N N 150 
GLU CG  HG3  sing N N 151 
GLU CD  OE1  doub N N 152 
GLU CD  OE2  sing N N 153 
GLU OE2 HE2  sing N N 154 
GLU OXT HXT  sing N N 155 
GLY N   CA   sing N N 156 
GLY N   H    sing N N 157 
GLY N   H2   sing N N 158 
GLY CA  C    sing N N 159 
GLY CA  HA2  sing N N 160 
GLY CA  HA3  sing N N 161 
GLY C   O    doub N N 162 
GLY C   OXT  sing N N 163 
GLY OXT HXT  sing N N 164 
HIS N   CA   sing N N 165 
HIS N   H    sing N N 166 
HIS N   H2   sing N N 167 
HIS CA  C    sing N N 168 
HIS CA  CB   sing N N 169 
HIS CA  HA   sing N N 170 
HIS C   O    doub N N 171 
HIS C   OXT  sing N N 172 
HIS CB  CG   sing N N 173 
HIS CB  HB2  sing N N 174 
HIS CB  HB3  sing N N 175 
HIS CG  ND1  sing Y N 176 
HIS CG  CD2  doub Y N 177 
HIS ND1 CE1  doub Y N 178 
HIS ND1 HD1  sing N N 179 
HIS CD2 NE2  sing Y N 180 
HIS CD2 HD2  sing N N 181 
HIS CE1 NE2  sing Y N 182 
HIS CE1 HE1  sing N N 183 
HIS NE2 HE2  sing N N 184 
HIS OXT HXT  sing N N 185 
HOH O   H1   sing N N 186 
HOH O   H2   sing N N 187 
ILE N   CA   sing N N 188 
ILE N   H    sing N N 189 
ILE N   H2   sing N N 190 
ILE CA  C    sing N N 191 
ILE CA  CB   sing N N 192 
ILE CA  HA   sing N N 193 
ILE C   O    doub N N 194 
ILE C   OXT  sing N N 195 
ILE CB  CG1  sing N N 196 
ILE CB  CG2  sing N N 197 
ILE CB  HB   sing N N 198 
ILE CG1 CD1  sing N N 199 
ILE CG1 HG12 sing N N 200 
ILE CG1 HG13 sing N N 201 
ILE CG2 HG21 sing N N 202 
ILE CG2 HG22 sing N N 203 
ILE CG2 HG23 sing N N 204 
ILE CD1 HD11 sing N N 205 
ILE CD1 HD12 sing N N 206 
ILE CD1 HD13 sing N N 207 
ILE OXT HXT  sing N N 208 
LEU N   CA   sing N N 209 
LEU N   H    sing N N 210 
LEU N   H2   sing N N 211 
LEU CA  C    sing N N 212 
LEU CA  CB   sing N N 213 
LEU CA  HA   sing N N 214 
LEU C   O    doub N N 215 
LEU C   OXT  sing N N 216 
LEU CB  CG   sing N N 217 
LEU CB  HB2  sing N N 218 
LEU CB  HB3  sing N N 219 
LEU CG  CD1  sing N N 220 
LEU CG  CD2  sing N N 221 
LEU CG  HG   sing N N 222 
LEU CD1 HD11 sing N N 223 
LEU CD1 HD12 sing N N 224 
LEU CD1 HD13 sing N N 225 
LEU CD2 HD21 sing N N 226 
LEU CD2 HD22 sing N N 227 
LEU CD2 HD23 sing N N 228 
LEU OXT HXT  sing N N 229 
LYS N   CA   sing N N 230 
LYS N   H    sing N N 231 
LYS N   H2   sing N N 232 
LYS CA  C    sing N N 233 
LYS CA  CB   sing N N 234 
LYS CA  HA   sing N N 235 
LYS C   O    doub N N 236 
LYS C   OXT  sing N N 237 
LYS CB  CG   sing N N 238 
LYS CB  HB2  sing N N 239 
LYS CB  HB3  sing N N 240 
LYS CG  CD   sing N N 241 
LYS CG  HG2  sing N N 242 
LYS CG  HG3  sing N N 243 
LYS CD  CE   sing N N 244 
LYS CD  HD2  sing N N 245 
LYS CD  HD3  sing N N 246 
LYS CE  NZ   sing N N 247 
LYS CE  HE2  sing N N 248 
LYS CE  HE3  sing N N 249 
LYS NZ  HZ1  sing N N 250 
LYS NZ  HZ2  sing N N 251 
LYS NZ  HZ3  sing N N 252 
LYS OXT HXT  sing N N 253 
MES O1  C2   sing N N 254 
MES O1  C6   sing N N 255 
MES C2  C3   sing N N 256 
MES C2  H21  sing N N 257 
MES C2  H22  sing N N 258 
MES C3  N4   sing N N 259 
MES C3  H31  sing N N 260 
MES C3  H32  sing N N 261 
MES N4  C5   sing N N 262 
MES N4  C7   sing N N 263 
MES N4  HN4  sing N N 264 
MES C5  C6   sing N N 265 
MES C5  H51  sing N N 266 
MES C5  H52  sing N N 267 
MES C6  H61  sing N N 268 
MES C6  H62  sing N N 269 
MES C7  C8   sing N N 270 
MES C7  H71  sing N N 271 
MES C7  H72  sing N N 272 
MES C8  S    sing N N 273 
MES C8  H81  sing N N 274 
MES C8  H82  sing N N 275 
MES S   O1S  doub N N 276 
MES S   O2S  doub N N 277 
MES S   O3S  sing N N 278 
MET N   CA   sing N N 279 
MET N   H    sing N N 280 
MET N   H2   sing N N 281 
MET CA  C    sing N N 282 
MET CA  CB   sing N N 283 
MET CA  HA   sing N N 284 
MET C   O    doub N N 285 
MET C   OXT  sing N N 286 
MET CB  CG   sing N N 287 
MET CB  HB2  sing N N 288 
MET CB  HB3  sing N N 289 
MET CG  SD   sing N N 290 
MET CG  HG2  sing N N 291 
MET CG  HG3  sing N N 292 
MET SD  CE   sing N N 293 
MET CE  HE1  sing N N 294 
MET CE  HE2  sing N N 295 
MET CE  HE3  sing N N 296 
MET OXT HXT  sing N N 297 
PHE N   CA   sing N N 298 
PHE N   H    sing N N 299 
PHE N   H2   sing N N 300 
PHE CA  C    sing N N 301 
PHE CA  CB   sing N N 302 
PHE CA  HA   sing N N 303 
PHE C   O    doub N N 304 
PHE C   OXT  sing N N 305 
PHE CB  CG   sing N N 306 
PHE CB  HB2  sing N N 307 
PHE CB  HB3  sing N N 308 
PHE CG  CD1  doub Y N 309 
PHE CG  CD2  sing Y N 310 
PHE CD1 CE1  sing Y N 311 
PHE CD1 HD1  sing N N 312 
PHE CD2 CE2  doub Y N 313 
PHE CD2 HD2  sing N N 314 
PHE CE1 CZ   doub Y N 315 
PHE CE1 HE1  sing N N 316 
PHE CE2 CZ   sing Y N 317 
PHE CE2 HE2  sing N N 318 
PHE CZ  HZ   sing N N 319 
PHE OXT HXT  sing N N 320 
PRO N   CA   sing N N 321 
PRO N   CD   sing N N 322 
PRO N   H    sing N N 323 
PRO CA  C    sing N N 324 
PRO CA  CB   sing N N 325 
PRO CA  HA   sing N N 326 
PRO C   O    doub N N 327 
PRO C   OXT  sing N N 328 
PRO CB  CG   sing N N 329 
PRO CB  HB2  sing N N 330 
PRO CB  HB3  sing N N 331 
PRO CG  CD   sing N N 332 
PRO CG  HG2  sing N N 333 
PRO CG  HG3  sing N N 334 
PRO CD  HD2  sing N N 335 
PRO CD  HD3  sing N N 336 
PRO OXT HXT  sing N N 337 
SER N   CA   sing N N 338 
SER N   H    sing N N 339 
SER N   H2   sing N N 340 
SER CA  C    sing N N 341 
SER CA  CB   sing N N 342 
SER CA  HA   sing N N 343 
SER C   O    doub N N 344 
SER C   OXT  sing N N 345 
SER CB  OG   sing N N 346 
SER CB  HB2  sing N N 347 
SER CB  HB3  sing N N 348 
SER OG  HG   sing N N 349 
SER OXT HXT  sing N N 350 
THR N   CA   sing N N 351 
THR N   H    sing N N 352 
THR N   H2   sing N N 353 
THR CA  C    sing N N 354 
THR CA  CB   sing N N 355 
THR CA  HA   sing N N 356 
THR C   O    doub N N 357 
THR C   OXT  sing N N 358 
THR CB  OG1  sing N N 359 
THR CB  CG2  sing N N 360 
THR CB  HB   sing N N 361 
THR OG1 HG1  sing N N 362 
THR CG2 HG21 sing N N 363 
THR CG2 HG22 sing N N 364 
THR CG2 HG23 sing N N 365 
THR OXT HXT  sing N N 366 
TRP N   CA   sing N N 367 
TRP N   H    sing N N 368 
TRP N   H2   sing N N 369 
TRP CA  C    sing N N 370 
TRP CA  CB   sing N N 371 
TRP CA  HA   sing N N 372 
TRP C   O    doub N N 373 
TRP C   OXT  sing N N 374 
TRP CB  CG   sing N N 375 
TRP CB  HB2  sing N N 376 
TRP CB  HB3  sing N N 377 
TRP CG  CD1  doub Y N 378 
TRP CG  CD2  sing Y N 379 
TRP CD1 NE1  sing Y N 380 
TRP CD1 HD1  sing N N 381 
TRP CD2 CE2  doub Y N 382 
TRP CD2 CE3  sing Y N 383 
TRP NE1 CE2  sing Y N 384 
TRP NE1 HE1  sing N N 385 
TRP CE2 CZ2  sing Y N 386 
TRP CE3 CZ3  doub Y N 387 
TRP CE3 HE3  sing N N 388 
TRP CZ2 CH2  doub Y N 389 
TRP CZ2 HZ2  sing N N 390 
TRP CZ3 CH2  sing Y N 391 
TRP CZ3 HZ3  sing N N 392 
TRP CH2 HH2  sing N N 393 
TRP OXT HXT  sing N N 394 
TYR N   CA   sing N N 395 
TYR N   H    sing N N 396 
TYR N   H2   sing N N 397 
TYR CA  C    sing N N 398 
TYR CA  CB   sing N N 399 
TYR CA  HA   sing N N 400 
TYR C   O    doub N N 401 
TYR C   OXT  sing N N 402 
TYR CB  CG   sing N N 403 
TYR CB  HB2  sing N N 404 
TYR CB  HB3  sing N N 405 
TYR CG  CD1  doub Y N 406 
TYR CG  CD2  sing Y N 407 
TYR CD1 CE1  sing Y N 408 
TYR CD1 HD1  sing N N 409 
TYR CD2 CE2  doub Y N 410 
TYR CD2 HD2  sing N N 411 
TYR CE1 CZ   doub Y N 412 
TYR CE1 HE1  sing N N 413 
TYR CE2 CZ   sing Y N 414 
TYR CE2 HE2  sing N N 415 
TYR CZ  OH   sing N N 416 
TYR OH  HH   sing N N 417 
TYR OXT HXT  sing N N 418 
VAL N   CA   sing N N 419 
VAL N   H    sing N N 420 
VAL N   H2   sing N N 421 
VAL CA  C    sing N N 422 
VAL CA  CB   sing N N 423 
VAL CA  HA   sing N N 424 
VAL C   O    doub N N 425 
VAL C   OXT  sing N N 426 
VAL CB  CG1  sing N N 427 
VAL CB  CG2  sing N N 428 
VAL CB  HB   sing N N 429 
VAL CG1 HG11 sing N N 430 
VAL CG1 HG12 sing N N 431 
VAL CG1 HG13 sing N N 432 
VAL CG2 HG21 sing N N 433 
VAL CG2 HG22 sing N N 434 
VAL CG2 HG23 sing N N 435 
VAL OXT HXT  sing N N 436 
# 
loop_
_pdbx_entity_nonpoly.entity_id 
_pdbx_entity_nonpoly.name 
_pdbx_entity_nonpoly.comp_id 
2 'ZINC ION'                                                              ZN  
3 'CALCIUM ION'                                                           CA  
4 'N~2~-{3-[4-(5-methylthiophen-2-yl)phenyl]propanoyl}-L-alpha-glutamine' E1S 
5 '2-(N-MORPHOLINO)-ETHANESULFONIC ACID'                                  MES 
6 water                                                                   HOH 
# 
_pdbx_initial_refinement_model.id               1 
_pdbx_initial_refinement_model.entity_id_list   ? 
_pdbx_initial_refinement_model.type             'experimental model' 
_pdbx_initial_refinement_model.source_name      PDB 
_pdbx_initial_refinement_model.accession_code   2OY2 
_pdbx_initial_refinement_model.details          'PDB ENTRY 2OY2' 
# 
